data_4ZM4
#
_entry.id   4ZM4
#
_cell.length_a   178.930
_cell.length_b   178.930
_cell.length_c   467.899
_cell.angle_alpha   90.00
_cell.angle_beta   90.00
_cell.angle_gamma   120.00
#
_symmetry.space_group_name_H-M   'H 3 2'
#
loop_
_entity.id
_entity.type
_entity.pdbx_description
1 polymer Aminotransferase
2 non-polymer "PYRIDOXAL-5'-PHOSPHATE"
3 non-polymer '(3E,4R,5R)-4,5-dihydroxy-3-{[(Z)-{3-hydroxy-2-methyl-5-[(phosphonooxy)methyl]pyridin-4(1H)-ylidene}methyl]imino}cyclohex-1-ene-1-carboxylic acid'
4 water water
#
_entity_poly.entity_id   1
_entity_poly.type   'polypeptide(L)'
_entity_poly.pdbx_seq_one_letter_code
;GSHMGANDADRPTNAESLDGIKSVIAGGVSSSMRAAAVPLPLVVRSAGGCLLRDVEDGEIIDLNMGYGPHLFGYADREVL
DAVADQFAKGHMTGLPHELDARAGALIAELVPGVEQVRFANSGTEAVASALRLARATTGRTLVVTFEGHYHGWSETVLRA
GKTALHMEGTRPTDVVPGALGMIPEALAHTVQLGWNDPDALRELFARDGDRIAAVIVEPVLANAGVIPPAPGFLQLLREL
TGRSGAMLVFDEVITGFRVARGGAQERYGVEPDLTVLSRVMGGGFPVAAFGGRRHAMRMLASNEAHHAGVYAGNHAALRA
VVAMLGKIRSLPDLYERLEDTGQYMEDTVREVFATEKRPVHINRVGTLMSVALLKGSAEPSAEPRDLRQLAALVDFPRHR
RLQTLAQKEGVYFHPNALEPWFLSTAHTRDVIDKVAGALQRSLVGLG
;
_entity_poly.pdbx_strand_id   A,B,C,D,E,F
#
# COMPACT_ATOMS: atom_id res chain seq x y z
N THR A 13 33.43 -17.92 -6.44
CA THR A 13 33.26 -17.66 -7.92
C THR A 13 32.10 -18.43 -8.55
N ASN A 14 31.55 -17.88 -9.62
CA ASN A 14 30.49 -18.54 -10.36
C ASN A 14 30.84 -19.97 -10.76
N ALA A 15 32.03 -20.14 -11.33
CA ALA A 15 32.48 -21.44 -11.83
C ALA A 15 32.64 -22.46 -10.73
N GLU A 16 33.26 -22.03 -9.62
CA GLU A 16 33.42 -22.89 -8.44
C GLU A 16 32.10 -23.24 -7.77
N SER A 17 31.18 -22.27 -7.72
CA SER A 17 29.89 -22.46 -7.10
C SER A 17 29.02 -23.43 -7.94
N LEU A 18 29.09 -23.31 -9.27
CA LEU A 18 28.45 -24.29 -10.18
C LEU A 18 29.01 -25.70 -10.01
N ASP A 19 30.31 -25.82 -9.81
CA ASP A 19 30.93 -27.15 -9.61
C ASP A 19 30.42 -27.78 -8.32
N GLY A 20 30.26 -26.97 -7.28
CA GLY A 20 29.61 -27.42 -6.05
C GLY A 20 28.18 -27.90 -6.30
N ILE A 21 27.45 -27.18 -7.13
CA ILE A 21 26.07 -27.56 -7.44
C ILE A 21 26.04 -28.91 -8.15
N LYS A 22 26.98 -29.10 -9.08
CA LYS A 22 27.08 -30.34 -9.87
C LYS A 22 27.46 -31.58 -9.07
N SER A 23 28.04 -31.44 -7.91
CA SER A 23 28.31 -32.62 -7.10
C SER A 23 27.01 -33.21 -6.47
N VAL A 24 25.95 -32.43 -6.39
CA VAL A 24 24.64 -32.94 -5.88
C VAL A 24 23.44 -32.85 -6.85
N ILE A 25 23.53 -32.04 -7.90
CA ILE A 25 22.52 -31.95 -8.92
C ILE A 25 23.14 -32.52 -10.18
N ALA A 26 22.69 -33.69 -10.61
CA ALA A 26 23.33 -34.39 -11.73
C ALA A 26 23.18 -33.55 -12.98
N GLY A 27 24.31 -33.12 -13.52
CA GLY A 27 24.33 -32.25 -14.71
C GLY A 27 24.34 -30.74 -14.43
N GLY A 28 24.20 -30.34 -13.16
CA GLY A 28 24.28 -28.95 -12.77
C GLY A 28 22.94 -28.23 -12.78
N VAL A 29 21.99 -28.70 -13.57
CA VAL A 29 20.62 -28.12 -13.50
C VAL A 29 19.61 -29.22 -13.72
N SER A 30 18.43 -29.08 -13.11
CA SER A 30 17.41 -30.13 -13.15
C SER A 30 16.86 -30.36 -14.56
N SER A 31 16.86 -29.34 -15.40
CA SER A 31 16.36 -29.47 -16.76
C SER A 31 17.50 -29.57 -17.75
N SER A 32 17.48 -30.62 -18.57
CA SER A 32 18.57 -30.88 -19.53
C SER A 32 18.86 -29.73 -20.50
N MET A 33 17.85 -28.97 -20.90
CA MET A 33 18.09 -27.78 -21.73
C MET A 33 18.77 -26.63 -20.95
N ARG A 34 18.21 -26.29 -19.79
CA ARG A 34 18.71 -25.15 -19.01
C ARG A 34 20.09 -25.41 -18.37
N ALA A 35 20.57 -26.65 -18.43
CA ALA A 35 21.93 -26.96 -18.01
C ALA A 35 22.98 -26.61 -19.08
N ALA A 36 22.53 -26.42 -20.33
CA ALA A 36 23.41 -25.92 -21.39
C ALA A 36 23.26 -24.40 -21.64
N ALA A 37 22.55 -23.70 -20.76
CA ALA A 37 22.14 -22.30 -20.98
C ALA A 37 23.08 -21.30 -20.33
N VAL A 38 24.14 -21.80 -19.72
CA VAL A 38 25.03 -20.94 -18.97
C VAL A 38 26.50 -21.44 -19.20
N PRO A 39 26.94 -21.46 -20.47
CA PRO A 39 28.27 -22.03 -20.77
C PRO A 39 29.40 -21.19 -20.18
N LEU A 40 29.14 -19.92 -19.97
CA LEU A 40 29.96 -19.11 -19.06
C LEU A 40 29.22 -19.11 -17.73
N PRO A 41 29.72 -19.83 -16.74
CA PRO A 41 28.97 -20.02 -15.50
C PRO A 41 28.42 -18.75 -14.85
N LEU A 42 27.20 -18.86 -14.36
CA LEU A 42 26.52 -17.80 -13.65
C LEU A 42 25.64 -18.50 -12.64
N VAL A 43 25.87 -18.26 -11.36
CA VAL A 43 25.01 -18.80 -10.32
C VAL A 43 24.29 -17.63 -9.63
N VAL A 44 22.97 -17.70 -9.52
CA VAL A 44 22.21 -16.61 -8.96
C VAL A 44 22.24 -16.62 -7.44
N ARG A 45 22.36 -15.41 -6.86
CA ARG A 45 22.25 -15.21 -5.43
C ARG A 45 20.89 -14.58 -5.09
N SER A 46 20.47 -13.65 -5.92
CA SER A 46 19.19 -12.97 -5.75
C SER A 46 18.76 -12.31 -7.04
N ALA A 47 17.51 -11.87 -7.06
CA ALA A 47 16.98 -11.25 -8.26
C ALA A 47 15.81 -10.33 -7.90
N GLY A 48 15.66 -9.26 -8.68
CA GLY A 48 14.56 -8.30 -8.54
C GLY A 48 14.48 -7.37 -9.74
N GLY A 49 13.26 -7.06 -10.19
CA GLY A 49 13.11 -6.27 -11.39
C GLY A 49 13.57 -7.09 -12.59
N CYS A 50 14.51 -6.55 -13.36
CA CYS A 50 15.12 -7.30 -14.45
C CYS A 50 16.57 -7.52 -14.15
N LEU A 51 16.94 -7.48 -12.87
CA LEU A 51 18.33 -7.61 -12.48
C LEU A 51 18.60 -8.88 -11.72
N LEU A 52 19.67 -9.59 -12.11
CA LEU A 52 20.19 -10.72 -11.34
C LEU A 52 21.36 -10.25 -10.48
N ARG A 53 21.54 -10.84 -9.32
CA ARG A 53 22.80 -10.74 -8.60
C ARG A 53 23.48 -12.10 -8.50
N ASP A 54 24.68 -12.16 -9.08
CA ASP A 54 25.71 -13.20 -8.90
C ASP A 54 26.10 -13.58 -7.47
N VAL A 55 26.76 -14.73 -7.36
CA VAL A 55 27.49 -15.10 -6.14
C VAL A 55 28.77 -14.29 -5.97
N GLU A 56 29.24 -13.64 -7.03
CA GLU A 56 30.35 -12.68 -6.96
C GLU A 56 29.84 -11.25 -6.78
N ASP A 57 28.57 -11.10 -6.41
CA ASP A 57 27.87 -9.80 -6.35
C ASP A 57 27.84 -8.94 -7.66
N GLY A 58 28.14 -9.52 -8.83
CA GLY A 58 27.91 -8.83 -10.10
C GLY A 58 26.41 -8.62 -10.38
N GLU A 59 26.07 -7.52 -11.06
CA GLU A 59 24.72 -7.23 -11.50
C GLU A 59 24.58 -7.53 -12.97
N ILE A 60 23.55 -8.31 -13.31
CA ILE A 60 23.28 -8.64 -14.70
C ILE A 60 21.84 -8.32 -15.10
N ILE A 61 21.70 -7.59 -16.18
CA ILE A 61 20.39 -7.32 -16.75
C ILE A 61 19.97 -8.57 -17.47
N ASP A 62 18.82 -9.09 -17.09
CA ASP A 62 18.32 -10.35 -17.62
C ASP A 62 17.32 -10.08 -18.76
N LEU A 63 17.62 -10.54 -19.98
CA LEU A 63 16.68 -10.45 -21.08
C LEU A 63 15.88 -11.74 -21.25
N ASN A 64 16.31 -12.80 -20.55
CA ASN A 64 15.65 -14.12 -20.59
C ASN A 64 14.49 -14.26 -19.57
N MET A 65 14.68 -13.73 -18.37
CA MET A 65 13.62 -13.58 -17.37
C MET A 65 12.94 -14.87 -16.98
N GLY A 66 13.71 -15.96 -16.90
CA GLY A 66 13.17 -17.23 -16.42
C GLY A 66 12.11 -17.81 -17.32
N TYR A 67 12.21 -17.47 -18.60
CA TYR A 67 11.50 -18.17 -19.66
C TYR A 67 9.97 -17.89 -19.75
N GLY A 68 9.55 -16.68 -19.42
CA GLY A 68 8.20 -16.20 -19.74
C GLY A 68 7.25 -15.69 -18.67
N PRO A 69 7.41 -16.12 -17.39
CA PRO A 69 6.33 -15.83 -16.41
C PRO A 69 6.26 -14.40 -15.91
N HIS A 70 7.36 -13.68 -16.04
CA HIS A 70 7.54 -12.43 -15.31
C HIS A 70 7.26 -11.21 -16.16
N LEU A 71 5.99 -10.91 -16.29
CA LEU A 71 5.53 -9.84 -17.14
C LEU A 71 5.87 -8.50 -16.49
N PHE A 72 5.92 -8.51 -15.17
CA PHE A 72 6.23 -7.31 -14.39
C PHE A 72 7.64 -7.38 -13.74
N GLY A 73 8.49 -8.34 -14.13
CA GLY A 73 9.82 -8.48 -13.53
C GLY A 73 9.84 -9.40 -12.32
N TYR A 74 11.02 -9.62 -11.82
CA TYR A 74 11.24 -10.48 -10.67
C TYR A 74 10.80 -9.83 -9.37
N ALA A 75 10.49 -10.63 -8.36
CA ALA A 75 10.11 -10.13 -7.04
C ALA A 75 8.99 -9.12 -7.08
N ASP A 76 7.91 -9.48 -7.78
CA ASP A 76 6.71 -8.61 -7.89
C ASP A 76 5.94 -8.69 -6.59
N ARG A 77 5.98 -7.62 -5.78
CA ARG A 77 5.43 -7.65 -4.43
C ARG A 77 3.91 -7.84 -4.35
N GLU A 78 3.19 -7.24 -5.28
CA GLU A 78 1.73 -7.41 -5.36
C GLU A 78 1.33 -8.87 -5.49
N VAL A 79 2.23 -9.70 -5.98
CA VAL A 79 1.97 -11.13 -6.12
C VAL A 79 2.67 -11.96 -5.04
N LEU A 80 3.92 -11.65 -4.70
CA LEU A 80 4.55 -12.22 -3.47
C LEU A 80 3.59 -12.18 -2.30
N ASP A 81 3.09 -10.99 -2.00
CA ASP A 81 2.33 -10.76 -0.77
C ASP A 81 1.09 -11.60 -0.70
N ALA A 82 0.39 -11.74 -1.81
CA ALA A 82 -0.79 -12.59 -1.84
C ALA A 82 -0.43 -14.08 -1.57
N VAL A 83 0.64 -14.54 -2.20
CA VAL A 83 1.03 -15.94 -2.07
C VAL A 83 1.51 -16.21 -0.64
N ALA A 84 2.30 -15.31 -0.09
CA ALA A 84 2.76 -15.45 1.30
C ALA A 84 1.59 -15.42 2.31
N ASP A 85 0.59 -14.58 2.07
CA ASP A 85 -0.62 -14.62 2.86
C ASP A 85 -1.32 -15.99 2.81
N GLN A 86 -1.32 -16.62 1.63
CA GLN A 86 -1.90 -17.96 1.49
C GLN A 86 -1.17 -19.03 2.27
N PHE A 87 0.14 -18.88 2.36
CA PHE A 87 0.96 -19.80 3.17
C PHE A 87 0.56 -19.74 4.62
N ALA A 88 0.14 -18.57 5.07
CA ALA A 88 -0.26 -18.39 6.45
C ALA A 88 -1.67 -18.91 6.69
N LYS A 89 -2.43 -19.11 5.62
CA LYS A 89 -3.85 -19.54 5.72
C LYS A 89 -4.17 -20.96 5.24
N GLY A 90 -3.16 -21.75 4.89
CA GLY A 90 -3.33 -23.09 4.35
C GLY A 90 -3.09 -23.04 2.86
N HIS A 91 -1.99 -23.68 2.41
CA HIS A 91 -1.61 -23.59 1.00
C HIS A 91 -1.92 -24.83 0.20
N MET A 92 -2.24 -25.93 0.86
CA MET A 92 -2.37 -27.21 0.20
C MET A 92 -3.13 -28.18 1.08
N THR A 93 -4.44 -28.33 0.84
CA THR A 93 -5.28 -29.28 1.57
C THR A 93 -5.82 -30.40 0.70
N GLY A 94 -5.75 -30.24 -0.62
CA GLY A 94 -6.31 -31.22 -1.53
C GLY A 94 -7.83 -31.16 -1.70
N LEU A 95 -8.49 -30.27 -0.97
CA LEU A 95 -9.96 -30.13 -0.98
C LEU A 95 -10.36 -28.93 -1.81
N PRO A 96 -11.62 -28.88 -2.29
CA PRO A 96 -12.11 -27.66 -2.96
C PRO A 96 -11.98 -26.44 -2.01
N HIS A 97 -11.78 -25.24 -2.56
CA HIS A 97 -11.42 -24.05 -1.78
C HIS A 97 -12.11 -22.86 -2.40
N GLU A 98 -12.40 -21.83 -1.61
CA GLU A 98 -13.04 -20.59 -2.12
C GLU A 98 -12.32 -19.93 -3.28
N LEU A 99 -10.99 -20.05 -3.32
CA LEU A 99 -10.19 -19.51 -4.42
C LEU A 99 -10.49 -20.15 -5.78
N ASP A 100 -10.80 -21.46 -5.78
CA ASP A 100 -10.97 -22.21 -7.03
C ASP A 100 -11.90 -21.47 -8.00
N ALA A 101 -13.03 -20.96 -7.51
CA ALA A 101 -14.00 -20.25 -8.34
C ALA A 101 -13.48 -18.91 -8.85
N ARG A 102 -12.67 -18.25 -8.02
CA ARG A 102 -12.10 -16.96 -8.39
C ARG A 102 -11.03 -17.14 -9.49
N ALA A 103 -10.18 -18.15 -9.33
CA ALA A 103 -9.15 -18.44 -10.34
C ALA A 103 -9.82 -18.81 -11.65
N GLY A 104 -10.78 -19.75 -11.59
CA GLY A 104 -11.48 -20.17 -12.79
C GLY A 104 -12.16 -19.00 -13.49
N ALA A 105 -12.86 -18.16 -12.71
CA ALA A 105 -13.62 -17.03 -13.28
C ALA A 105 -12.69 -16.00 -13.94
N LEU A 106 -11.59 -15.69 -13.29
CA LEU A 106 -10.60 -14.80 -13.90
C LEU A 106 -10.06 -15.29 -15.25
N ILE A 107 -9.71 -16.57 -15.33
CA ILE A 107 -9.29 -17.15 -16.60
C ILE A 107 -10.41 -17.03 -17.65
N ALA A 108 -11.64 -17.44 -17.28
CA ALA A 108 -12.77 -17.39 -18.20
C ALA A 108 -13.06 -15.98 -18.72
N GLU A 109 -12.93 -14.99 -17.84
CA GLU A 109 -13.18 -13.59 -18.21
C GLU A 109 -12.15 -13.11 -19.22
N LEU A 110 -10.89 -13.41 -18.93
CA LEU A 110 -9.78 -12.90 -19.76
C LEU A 110 -9.55 -13.70 -21.04
N VAL A 111 -9.97 -14.98 -21.09
CA VAL A 111 -9.67 -15.82 -22.27
C VAL A 111 -10.92 -16.25 -23.00
N PRO A 112 -11.09 -15.79 -24.27
CA PRO A 112 -12.33 -15.92 -25.05
C PRO A 112 -12.82 -17.36 -25.11
N GLY A 113 -11.92 -18.24 -25.52
CA GLY A 113 -12.24 -19.65 -25.72
C GLY A 113 -12.25 -20.55 -24.50
N VAL A 114 -12.14 -19.98 -23.31
CA VAL A 114 -12.18 -20.76 -22.07
C VAL A 114 -13.37 -20.38 -21.18
N GLU A 115 -14.21 -21.36 -20.85
CA GLU A 115 -15.25 -21.23 -19.82
C GLU A 115 -14.98 -22.08 -18.58
N GLN A 116 -14.32 -23.23 -18.73
CA GLN A 116 -13.95 -24.10 -17.61
C GLN A 116 -12.52 -24.59 -17.78
N VAL A 117 -11.85 -24.86 -16.66
CA VAL A 117 -10.46 -25.31 -16.70
C VAL A 117 -10.22 -26.43 -15.71
N ARG A 118 -9.07 -27.10 -15.89
CA ARG A 118 -8.48 -27.84 -14.83
C ARG A 118 -7.05 -27.37 -14.69
N PHE A 119 -6.54 -27.42 -13.48
CA PHE A 119 -5.19 -26.98 -13.20
C PHE A 119 -4.21 -28.14 -13.09
N ALA A 120 -2.94 -27.79 -13.32
CA ALA A 120 -1.83 -28.71 -13.28
C ALA A 120 -0.63 -27.94 -12.72
N ASN A 121 0.47 -28.66 -12.51
CA ASN A 121 1.69 -28.04 -12.03
C ASN A 121 2.58 -27.43 -13.12
N SER A 122 2.40 -27.86 -14.36
CA SER A 122 3.35 -27.53 -15.43
C SER A 122 2.69 -27.61 -16.78
N GLY A 123 3.25 -26.91 -17.75
CA GLY A 123 2.75 -26.99 -19.14
C GLY A 123 2.80 -28.43 -19.69
N THR A 124 3.84 -29.17 -19.29
CA THR A 124 4.01 -30.55 -19.70
C THR A 124 2.81 -31.41 -19.24
N GLU A 125 2.45 -31.29 -17.98
CA GLU A 125 1.25 -31.96 -17.44
C GLU A 125 -0.05 -31.50 -18.11
N ALA A 126 -0.22 -30.19 -18.22
CA ALA A 126 -1.43 -29.65 -18.81
C ALA A 126 -1.62 -30.12 -20.28
N VAL A 127 -0.55 -30.12 -21.06
CA VAL A 127 -0.56 -30.63 -22.42
C VAL A 127 -0.96 -32.12 -22.44
N ALA A 128 -0.34 -32.94 -21.60
CA ALA A 128 -0.60 -34.36 -21.70
C ALA A 128 -2.06 -34.64 -21.46
N SER A 129 -2.63 -34.05 -20.42
CA SER A 129 -4.04 -34.28 -20.11
C SER A 129 -4.97 -33.70 -21.19
N ALA A 130 -4.58 -32.57 -21.79
CA ALA A 130 -5.34 -31.95 -22.85
C ALA A 130 -5.42 -32.85 -24.09
N LEU A 131 -4.28 -33.47 -24.42
CA LEU A 131 -4.22 -34.37 -25.57
C LEU A 131 -5.03 -35.60 -25.28
N ARG A 132 -4.93 -36.10 -24.06
CA ARG A 132 -5.77 -37.24 -23.67
C ARG A 132 -7.26 -36.87 -23.75
N LEU A 133 -7.63 -35.67 -23.32
CA LEU A 133 -9.02 -35.25 -23.41
C LEU A 133 -9.50 -35.29 -24.87
N ALA A 134 -8.68 -34.79 -25.80
CA ALA A 134 -9.01 -34.76 -27.20
C ALA A 134 -9.13 -36.18 -27.79
N ARG A 135 -8.24 -37.07 -27.41
CA ARG A 135 -8.34 -38.47 -27.84
C ARG A 135 -9.63 -39.12 -27.26
N ALA A 136 -9.89 -38.90 -25.98
CA ALA A 136 -11.07 -39.48 -25.33
C ALA A 136 -12.36 -38.92 -25.91
N THR A 137 -12.38 -37.62 -26.21
CA THR A 137 -13.58 -36.93 -26.68
C THR A 137 -13.96 -37.29 -28.10
N THR A 138 -12.98 -37.33 -28.97
CA THR A 138 -13.19 -37.65 -30.37
C THR A 138 -13.24 -39.14 -30.64
N GLY A 139 -12.78 -39.94 -29.70
CA GLY A 139 -12.59 -41.37 -29.96
C GLY A 139 -11.51 -41.66 -31.00
N ARG A 140 -10.61 -40.71 -31.23
CA ARG A 140 -9.52 -40.87 -32.20
C ARG A 140 -8.21 -40.86 -31.45
N THR A 141 -7.10 -41.11 -32.13
CA THR A 141 -5.81 -41.15 -31.48
C THR A 141 -4.76 -40.21 -32.06
N LEU A 142 -4.84 -39.94 -33.36
CA LEU A 142 -3.80 -39.23 -34.11
C LEU A 142 -3.71 -37.74 -33.71
N VAL A 143 -2.50 -37.28 -33.36
CA VAL A 143 -2.26 -35.88 -33.03
C VAL A 143 -1.26 -35.29 -33.99
N VAL A 144 -1.53 -34.06 -34.42
CA VAL A 144 -0.68 -33.35 -35.35
C VAL A 144 0.11 -32.28 -34.59
N THR A 145 1.41 -32.19 -34.88
CA THR A 145 2.27 -31.14 -34.37
C THR A 145 2.95 -30.39 -35.52
N PHE A 146 3.64 -29.31 -35.18
CA PHE A 146 4.45 -28.58 -36.18
C PHE A 146 5.91 -28.54 -35.76
N GLU A 147 6.79 -28.55 -36.74
CA GLU A 147 8.24 -28.68 -36.47
C GLU A 147 8.77 -27.46 -35.77
N GLY A 148 9.47 -27.73 -34.67
CA GLY A 148 10.00 -26.68 -33.80
C GLY A 148 9.07 -26.25 -32.69
N HIS A 149 7.80 -26.64 -32.78
CA HIS A 149 6.83 -26.31 -31.76
C HIS A 149 7.05 -27.25 -30.57
N TYR A 150 7.14 -26.69 -29.37
CA TYR A 150 7.42 -27.47 -28.18
C TYR A 150 6.21 -27.49 -27.26
N HIS A 151 5.83 -28.70 -26.83
CA HIS A 151 4.65 -28.86 -25.97
C HIS A 151 4.94 -29.59 -24.66
N GLY A 152 6.16 -29.44 -24.19
CA GLY A 152 6.61 -30.16 -22.97
C GLY A 152 7.18 -31.52 -23.33
N TRP A 153 7.46 -32.32 -22.31
CA TRP A 153 8.23 -33.52 -22.48
C TRP A 153 7.46 -34.81 -22.22
N SER A 154 6.12 -34.75 -22.27
CA SER A 154 5.33 -35.98 -22.10
C SER A 154 5.60 -36.97 -23.24
N GLU A 155 5.31 -38.21 -22.97
CA GLU A 155 5.69 -39.31 -23.84
C GLU A 155 5.20 -39.19 -25.31
N THR A 156 3.98 -38.70 -25.55
CA THR A 156 3.40 -38.71 -26.89
C THR A 156 3.75 -37.47 -27.72
N VAL A 157 4.41 -36.48 -27.10
CA VAL A 157 4.78 -35.26 -27.87
C VAL A 157 6.26 -34.90 -27.93
N LEU A 158 7.11 -35.52 -27.10
CA LEU A 158 8.51 -35.09 -27.02
C LEU A 158 9.30 -35.46 -28.27
N ARG A 159 9.43 -34.49 -29.18
CA ARG A 159 10.23 -34.62 -30.40
C ARG A 159 11.62 -33.99 -30.19
N ALA A 160 12.57 -34.33 -31.05
CA ALA A 160 13.94 -33.77 -30.98
C ALA A 160 13.92 -32.26 -31.04
N GLY A 161 14.67 -31.61 -30.14
CA GLY A 161 14.60 -30.16 -30.03
C GLY A 161 14.52 -29.84 -28.56
N ARG A 171 13.64 -34.46 -43.12
CA ARG A 171 12.44 -33.68 -43.44
C ARG A 171 11.54 -33.22 -42.26
N PRO A 172 10.73 -32.15 -42.46
CA PRO A 172 9.88 -31.67 -41.35
C PRO A 172 8.79 -32.68 -40.97
N THR A 173 8.56 -33.62 -41.85
CA THR A 173 7.61 -34.65 -41.63
C THR A 173 8.16 -35.80 -40.81
N ASP A 174 9.47 -35.84 -40.61
CA ASP A 174 10.07 -36.89 -39.81
C ASP A 174 9.80 -36.63 -38.34
N VAL A 175 9.37 -37.66 -37.64
CA VAL A 175 9.01 -37.57 -36.24
C VAL A 175 10.11 -38.30 -35.49
N VAL A 176 10.99 -37.53 -34.81
CA VAL A 176 12.18 -38.07 -34.15
C VAL A 176 12.03 -37.91 -32.61
N PRO A 177 12.09 -39.03 -31.84
CA PRO A 177 12.00 -38.97 -30.38
C PRO A 177 13.02 -38.01 -29.75
N GLY A 178 12.62 -37.28 -28.72
CA GLY A 178 13.42 -36.20 -28.14
C GLY A 178 14.16 -36.54 -26.87
N ALA A 179 13.95 -37.72 -26.33
CA ALA A 179 14.65 -38.14 -25.12
C ALA A 179 15.01 -39.61 -25.21
N LEU A 180 16.15 -39.95 -24.63
CA LEU A 180 16.53 -41.36 -24.47
C LEU A 180 15.60 -41.99 -23.44
N GLY A 181 15.34 -43.28 -23.60
CA GLY A 181 14.53 -44.01 -22.65
C GLY A 181 13.02 -43.91 -22.78
N MET A 182 12.56 -43.36 -23.90
CA MET A 182 11.14 -43.36 -24.28
C MET A 182 10.76 -44.70 -24.86
N ILE A 183 9.51 -45.14 -24.67
CA ILE A 183 9.10 -46.41 -25.30
C ILE A 183 9.16 -46.22 -26.78
N PRO A 184 9.53 -47.28 -27.50
CA PRO A 184 9.70 -47.13 -28.97
C PRO A 184 8.45 -46.65 -29.73
N GLU A 185 7.26 -46.94 -29.19
CA GLU A 185 6.02 -46.56 -29.84
C GLU A 185 5.55 -45.17 -29.44
N ALA A 186 6.36 -44.46 -28.68
CA ALA A 186 5.88 -43.24 -28.02
C ALA A 186 5.19 -42.31 -29.00
N LEU A 187 5.79 -42.19 -30.18
CA LEU A 187 5.35 -41.18 -31.17
C LEU A 187 4.60 -41.79 -32.36
N ALA A 188 4.15 -43.03 -32.20
CA ALA A 188 3.42 -43.74 -33.24
C ALA A 188 2.19 -43.03 -33.72
N HIS A 189 1.56 -42.26 -32.83
CA HIS A 189 0.31 -41.57 -33.09
C HIS A 189 0.49 -40.10 -33.08
N THR A 190 1.70 -39.68 -33.39
CA THR A 190 2.01 -38.27 -33.50
C THR A 190 2.69 -38.01 -34.82
N VAL A 191 2.26 -36.94 -35.49
CA VAL A 191 2.62 -36.62 -36.86
C VAL A 191 3.06 -35.15 -36.89
N GLN A 192 3.85 -34.77 -37.88
CA GLN A 192 4.42 -33.43 -37.93
C GLN A 192 4.42 -32.86 -39.36
N LEU A 193 4.15 -31.56 -39.46
CA LEU A 193 4.31 -30.79 -40.66
C LEU A 193 5.19 -29.56 -40.37
N GLY A 194 5.61 -28.89 -41.41
CA GLY A 194 6.30 -27.61 -41.28
C GLY A 194 5.32 -26.48 -40.94
N TRP A 195 5.77 -25.54 -40.08
CA TRP A 195 5.02 -24.40 -39.64
C TRP A 195 4.74 -23.54 -40.90
N ASN A 196 3.55 -22.95 -40.95
CA ASN A 196 3.13 -22.05 -42.01
C ASN A 196 3.18 -22.64 -43.43
N ASP A 197 2.82 -23.91 -43.57
CA ASP A 197 2.77 -24.59 -44.87
C ASP A 197 1.33 -25.02 -45.17
N PRO A 198 0.50 -24.10 -45.68
CA PRO A 198 -0.94 -24.41 -45.90
C PRO A 198 -1.23 -25.56 -46.87
N ASP A 199 -0.44 -25.69 -47.93
CA ASP A 199 -0.59 -26.78 -48.89
C ASP A 199 -0.48 -28.12 -48.15
N ALA A 200 0.58 -28.28 -47.40
CA ALA A 200 0.83 -29.53 -46.66
C ALA A 200 -0.33 -29.84 -45.68
N LEU A 201 -0.79 -28.79 -45.00
CA LEU A 201 -1.83 -28.92 -44.02
C LEU A 201 -3.14 -29.31 -44.66
N ARG A 202 -3.44 -28.68 -45.81
CA ARG A 202 -4.65 -29.05 -46.60
C ARG A 202 -4.59 -30.51 -47.04
N GLU A 203 -3.43 -30.93 -47.53
CA GLU A 203 -3.29 -32.26 -48.05
C GLU A 203 -3.48 -33.26 -46.91
N LEU A 204 -2.84 -32.98 -45.78
CA LEU A 204 -3.01 -33.83 -44.60
C LEU A 204 -4.47 -34.06 -44.31
N PHE A 205 -5.20 -32.97 -44.13
CA PHE A 205 -6.63 -33.05 -43.78
C PHE A 205 -7.53 -33.66 -44.84
N ALA A 206 -7.23 -33.43 -46.11
CA ALA A 206 -7.96 -34.08 -47.20
C ALA A 206 -7.84 -35.59 -47.09
N ARG A 207 -6.65 -36.07 -46.73
CA ARG A 207 -6.39 -37.50 -46.60
C ARG A 207 -6.87 -38.09 -45.27
N ASP A 208 -6.66 -37.38 -44.15
CA ASP A 208 -6.76 -37.96 -42.82
C ASP A 208 -7.52 -37.13 -41.80
N GLY A 209 -8.20 -36.11 -42.27
CA GLY A 209 -8.90 -35.17 -41.39
C GLY A 209 -9.78 -35.89 -40.41
N ASP A 210 -10.45 -36.94 -40.89
CA ASP A 210 -11.38 -37.72 -40.06
C ASP A 210 -10.77 -38.59 -38.98
N ARG A 211 -9.46 -38.84 -39.04
CA ARG A 211 -8.74 -39.67 -38.02
C ARG A 211 -8.03 -38.82 -36.97
N ILE A 212 -8.02 -37.51 -37.12
CA ILE A 212 -7.23 -36.63 -36.28
C ILE A 212 -7.97 -36.21 -35.01
N ALA A 213 -7.42 -36.57 -33.86
CA ALA A 213 -8.00 -36.21 -32.56
C ALA A 213 -7.74 -34.75 -32.26
N ALA A 214 -6.54 -34.29 -32.54
CA ALA A 214 -6.16 -32.88 -32.28
C ALA A 214 -5.01 -32.39 -33.14
N VAL A 215 -5.04 -31.10 -33.42
CA VAL A 215 -3.88 -30.40 -33.88
C VAL A 215 -3.42 -29.54 -32.69
N ILE A 216 -2.21 -29.79 -32.21
CA ILE A 216 -1.62 -28.89 -31.21
C ILE A 216 -0.63 -27.94 -31.88
N VAL A 217 -0.60 -26.68 -31.42
CA VAL A 217 0.17 -25.64 -32.07
C VAL A 217 0.49 -24.47 -31.13
N GLU A 218 1.71 -23.94 -31.27
CA GLU A 218 2.07 -22.65 -30.67
C GLU A 218 1.56 -21.57 -31.62
N PRO A 219 0.49 -20.85 -31.23
CA PRO A 219 -0.09 -19.93 -32.20
C PRO A 219 0.93 -18.92 -32.72
N VAL A 220 1.83 -18.49 -31.85
CA VAL A 220 3.09 -17.86 -32.28
C VAL A 220 4.18 -18.83 -31.88
N LEU A 221 5.03 -19.22 -32.82
CA LEU A 221 6.12 -20.13 -32.51
C LEU A 221 7.18 -19.35 -31.73
N ALA A 222 7.32 -19.64 -30.44
CA ALA A 222 8.26 -18.91 -29.58
C ALA A 222 9.52 -19.70 -29.22
N ASN A 223 9.44 -21.02 -29.17
CA ASN A 223 10.63 -21.86 -28.87
C ASN A 223 11.57 -22.18 -30.07
N ALA A 224 11.46 -21.41 -31.13
CA ALA A 224 12.32 -21.58 -32.27
C ALA A 224 12.22 -20.33 -33.12
N GLY A 225 12.79 -19.25 -32.57
CA GLY A 225 12.63 -17.92 -33.11
C GLY A 225 11.25 -17.52 -32.66
N VAL A 226 10.84 -16.32 -33.01
CA VAL A 226 9.50 -15.90 -32.66
C VAL A 226 8.79 -15.75 -34.01
N ILE A 227 8.49 -16.88 -34.65
CA ILE A 227 7.85 -16.87 -35.98
C ILE A 227 6.34 -16.82 -35.86
N PRO A 228 5.76 -15.65 -36.18
CA PRO A 228 4.32 -15.55 -36.05
C PRO A 228 3.67 -16.36 -37.17
N PRO A 229 2.34 -16.59 -37.05
CA PRO A 229 1.69 -17.34 -38.09
C PRO A 229 1.54 -16.47 -39.33
N ALA A 230 1.70 -17.06 -40.50
CA ALA A 230 1.49 -16.34 -41.79
C ALA A 230 0.05 -15.89 -41.90
N PRO A 231 -0.18 -14.80 -42.63
CA PRO A 231 -1.56 -14.32 -42.85
C PRO A 231 -2.50 -15.48 -43.24
N GLY A 232 -3.59 -15.64 -42.49
CA GLY A 232 -4.60 -16.68 -42.77
C GLY A 232 -4.33 -18.10 -42.28
N PHE A 233 -3.17 -18.35 -41.72
CA PHE A 233 -2.80 -19.71 -41.34
C PHE A 233 -3.64 -20.26 -40.17
N LEU A 234 -3.76 -19.50 -39.09
CA LEU A 234 -4.59 -19.91 -37.96
C LEU A 234 -6.03 -20.04 -38.38
N GLN A 235 -6.49 -19.15 -39.26
CA GLN A 235 -7.89 -19.20 -39.75
C GLN A 235 -8.12 -20.51 -40.49
N LEU A 236 -7.15 -20.86 -41.33
CA LEU A 236 -7.17 -22.12 -42.08
C LEU A 236 -7.19 -23.32 -41.14
N LEU A 237 -6.39 -23.27 -40.07
CA LEU A 237 -6.33 -24.37 -39.10
C LEU A 237 -7.68 -24.57 -38.43
N ARG A 238 -8.28 -23.47 -37.99
CA ARG A 238 -9.59 -23.47 -37.37
C ARG A 238 -10.66 -24.08 -38.30
N GLU A 239 -10.55 -23.79 -39.58
CA GLU A 239 -11.54 -24.26 -40.53
C GLU A 239 -11.39 -25.75 -40.74
N LEU A 240 -10.17 -26.19 -40.99
CA LEU A 240 -9.93 -27.62 -41.28
C LEU A 240 -10.28 -28.47 -40.07
N THR A 241 -9.79 -28.09 -38.88
CA THR A 241 -10.10 -28.84 -37.66
C THR A 241 -11.61 -28.87 -37.40
N GLY A 242 -12.30 -27.74 -37.60
CA GLY A 242 -13.74 -27.67 -37.35
C GLY A 242 -14.52 -28.56 -38.30
N ARG A 243 -14.15 -28.49 -39.56
CA ARG A 243 -14.75 -29.29 -40.59
C ARG A 243 -14.57 -30.79 -40.35
N SER A 244 -13.40 -31.18 -39.85
CA SER A 244 -13.06 -32.59 -39.68
C SER A 244 -13.41 -33.16 -38.31
N GLY A 245 -13.77 -32.31 -37.35
CA GLY A 245 -14.13 -32.75 -36.02
C GLY A 245 -12.92 -33.01 -35.15
N ALA A 246 -11.78 -32.44 -35.57
CA ALA A 246 -10.55 -32.51 -34.78
C ALA A 246 -10.53 -31.32 -33.81
N MET A 247 -10.08 -31.54 -32.59
CA MET A 247 -9.97 -30.43 -31.63
C MET A 247 -8.74 -29.59 -31.95
N LEU A 248 -8.89 -28.26 -32.00
CA LEU A 248 -7.79 -27.36 -32.17
C LEU A 248 -7.31 -26.97 -30.76
N VAL A 249 -6.03 -27.28 -30.48
CA VAL A 249 -5.42 -27.00 -29.20
C VAL A 249 -4.36 -25.91 -29.37
N PHE A 250 -4.60 -24.72 -28.80
CA PHE A 250 -3.57 -23.68 -28.79
C PHE A 250 -2.78 -23.88 -27.52
N ASP A 251 -1.50 -24.15 -27.68
CA ASP A 251 -0.57 -24.12 -26.56
C ASP A 251 -0.20 -22.69 -26.35
N GLU A 252 -0.86 -22.05 -25.40
CA GLU A 252 -0.55 -20.66 -25.07
C GLU A 252 0.26 -20.52 -23.76
N VAL A 253 1.06 -21.54 -23.46
CA VAL A 253 1.89 -21.55 -22.27
C VAL A 253 2.73 -20.31 -22.28
N ILE A 254 3.26 -19.95 -23.44
CA ILE A 254 4.09 -18.73 -23.56
C ILE A 254 3.24 -17.52 -23.99
N THR A 255 2.39 -17.68 -25.01
CA THR A 255 1.66 -16.53 -25.53
C THR A 255 0.52 -15.99 -24.66
N GLY A 256 -0.04 -16.82 -23.81
CA GLY A 256 -1.20 -16.42 -23.00
C GLY A 256 -0.85 -15.32 -22.02
N PHE A 257 -1.71 -14.31 -21.97
CA PHE A 257 -1.50 -13.12 -21.17
C PHE A 257 -0.17 -12.41 -21.49
N ARG A 258 0.37 -12.64 -22.69
CA ARG A 258 1.70 -12.09 -23.04
C ARG A 258 1.60 -11.23 -24.31
N VAL A 259 1.14 -11.84 -25.41
CA VAL A 259 1.00 -11.12 -26.69
C VAL A 259 -0.27 -10.25 -26.73
N ALA A 260 -1.17 -10.48 -25.77
CA ALA A 260 -2.38 -9.71 -25.56
C ALA A 260 -2.99 -10.23 -24.26
N ARG A 261 -4.00 -9.55 -23.76
CA ARG A 261 -4.61 -9.97 -22.51
C ARG A 261 -5.21 -11.37 -22.64
N GLY A 262 -5.89 -11.60 -23.76
CA GLY A 262 -6.48 -12.87 -24.06
C GLY A 262 -5.63 -13.73 -24.96
N GLY A 263 -4.31 -13.50 -24.93
CA GLY A 263 -3.37 -14.30 -25.71
C GLY A 263 -3.46 -14.12 -27.20
N ALA A 264 -2.86 -15.09 -27.91
CA ALA A 264 -2.87 -15.10 -29.37
C ALA A 264 -4.29 -15.33 -29.95
N GLN A 265 -5.07 -16.13 -29.25
CA GLN A 265 -6.52 -16.23 -29.44
C GLN A 265 -7.19 -14.90 -29.78
N GLU A 266 -7.00 -13.93 -28.91
CA GLU A 266 -7.58 -12.60 -29.00
C GLU A 266 -6.84 -11.79 -30.05
N ARG A 267 -5.52 -11.81 -29.98
CA ARG A 267 -4.72 -11.00 -30.88
C ARG A 267 -5.02 -11.30 -32.32
N TYR A 268 -5.21 -12.58 -32.66
CA TYR A 268 -5.39 -12.95 -34.06
C TYR A 268 -6.85 -13.29 -34.39
N GLY A 269 -7.75 -13.20 -33.41
CA GLY A 269 -9.19 -13.45 -33.61
C GLY A 269 -9.56 -14.86 -34.06
N VAL A 270 -8.91 -15.87 -33.50
CA VAL A 270 -9.20 -17.26 -33.82
C VAL A 270 -9.30 -18.03 -32.52
N GLU A 271 -10.41 -18.73 -32.33
CA GLU A 271 -10.68 -19.41 -31.09
C GLU A 271 -10.49 -20.92 -31.24
N PRO A 272 -9.66 -21.53 -30.38
CA PRO A 272 -9.44 -22.96 -30.39
C PRO A 272 -10.46 -23.68 -29.54
N ASP A 273 -10.46 -25.00 -29.61
CA ASP A 273 -11.30 -25.83 -28.77
C ASP A 273 -10.76 -25.99 -27.36
N LEU A 274 -9.45 -26.17 -27.24
CA LEU A 274 -8.81 -26.24 -25.96
C LEU A 274 -7.68 -25.22 -25.95
N THR A 275 -7.37 -24.70 -24.78
CA THR A 275 -6.25 -23.76 -24.62
C THR A 275 -5.42 -24.27 -23.45
N VAL A 276 -4.10 -24.31 -23.61
CA VAL A 276 -3.21 -24.58 -22.47
C VAL A 276 -2.55 -23.27 -22.00
N LEU A 277 -2.52 -23.08 -20.69
CA LEU A 277 -1.96 -21.86 -20.09
C LEU A 277 -0.99 -22.18 -18.94
N SER A 278 -0.03 -21.26 -18.71
CA SER A 278 0.92 -21.36 -17.62
C SER A 278 1.68 -20.04 -17.56
N ARG A 279 2.87 -20.03 -16.98
CA ARG A 279 3.84 -18.89 -17.10
C ARG A 279 3.34 -17.58 -16.53
N VAL A 280 2.83 -16.68 -17.37
CA VAL A 280 2.38 -15.39 -16.92
C VAL A 280 1.22 -15.59 -15.92
N MET A 281 0.39 -16.60 -16.17
CA MET A 281 -0.79 -16.87 -15.36
C MET A 281 -0.45 -16.93 -13.88
N GLY A 282 0.61 -17.66 -13.51
CA GLY A 282 0.99 -17.79 -12.11
C GLY A 282 2.16 -16.94 -11.65
N GLY A 283 2.64 -16.01 -12.51
CA GLY A 283 3.76 -15.12 -12.18
C GLY A 283 5.04 -15.77 -11.70
N GLY A 284 5.31 -16.98 -12.18
CA GLY A 284 6.48 -17.75 -11.74
C GLY A 284 6.24 -18.83 -10.71
N PHE A 285 5.04 -18.90 -10.12
CA PHE A 285 4.65 -20.05 -9.25
C PHE A 285 4.34 -21.25 -10.15
N PRO A 286 4.69 -22.46 -9.69
CA PRO A 286 4.54 -23.57 -10.64
C PRO A 286 3.07 -23.88 -10.74
N VAL A 287 2.46 -23.48 -11.86
CA VAL A 287 1.05 -23.67 -12.08
C VAL A 287 0.75 -23.59 -13.57
N ALA A 288 -0.24 -24.37 -14.03
CA ALA A 288 -0.66 -24.40 -15.40
C ALA A 288 -2.15 -24.70 -15.39
N ALA A 289 -2.79 -24.54 -16.56
CA ALA A 289 -4.18 -24.96 -16.73
C ALA A 289 -4.45 -25.35 -18.18
N PHE A 290 -5.48 -26.16 -18.40
CA PHE A 290 -6.01 -26.31 -19.74
C PHE A 290 -7.51 -26.21 -19.65
N GLY A 291 -8.12 -25.62 -20.65
CA GLY A 291 -9.57 -25.43 -20.63
C GLY A 291 -10.13 -25.09 -21.98
N GLY A 292 -11.44 -24.98 -22.01
CA GLY A 292 -12.17 -24.61 -23.23
C GLY A 292 -13.60 -24.27 -22.88
N ARG A 293 -14.46 -24.22 -23.89
CA ARG A 293 -15.89 -24.01 -23.64
C ARG A 293 -16.48 -25.26 -23.06
N ARG A 294 -17.72 -25.17 -22.56
CA ARG A 294 -18.31 -26.29 -21.85
C ARG A 294 -18.36 -27.55 -22.70
N HIS A 295 -18.64 -27.39 -23.98
CA HIS A 295 -18.77 -28.55 -24.85
C HIS A 295 -17.46 -29.32 -24.91
N ALA A 296 -16.37 -28.62 -25.24
CA ALA A 296 -15.04 -29.25 -25.30
C ALA A 296 -14.58 -29.85 -23.97
N MET A 297 -15.03 -29.27 -22.85
CA MET A 297 -14.67 -29.78 -21.51
C MET A 297 -15.67 -30.77 -20.90
N ARG A 298 -16.61 -31.27 -21.70
CA ARG A 298 -17.74 -32.10 -21.18
C ARG A 298 -17.33 -33.41 -20.50
N MET A 299 -16.28 -34.07 -20.99
CA MET A 299 -15.86 -35.35 -20.34
C MET A 299 -15.14 -35.15 -19.03
N LEU A 300 -14.69 -33.92 -18.76
CA LEU A 300 -14.12 -33.60 -17.45
C LEU A 300 -15.16 -33.09 -16.50
N ALA A 301 -16.23 -32.48 -17.03
CA ALA A 301 -17.34 -32.03 -16.19
C ALA A 301 -18.05 -33.24 -15.60
N SER A 302 -18.06 -34.35 -16.36
CA SER A 302 -18.70 -35.59 -15.92
C SER A 302 -17.70 -36.49 -15.18
N ASN A 303 -16.43 -36.07 -15.08
CA ASN A 303 -15.35 -36.85 -14.46
C ASN A 303 -15.14 -38.23 -15.07
N GLU A 304 -15.44 -38.33 -16.35
CA GLU A 304 -15.27 -39.55 -17.10
C GLU A 304 -13.85 -39.56 -17.66
N ALA A 305 -13.39 -38.43 -18.16
CA ALA A 305 -11.99 -38.28 -18.58
C ALA A 305 -11.08 -38.00 -17.38
N HIS A 306 -9.77 -38.04 -17.63
CA HIS A 306 -8.81 -38.06 -16.58
C HIS A 306 -7.91 -36.84 -16.52
N HIS A 307 -7.67 -36.40 -15.29
CA HIS A 307 -6.54 -35.56 -14.97
C HIS A 307 -6.25 -35.74 -13.48
N ALA A 308 -5.01 -35.52 -13.05
CA ALA A 308 -4.66 -35.82 -11.68
C ALA A 308 -3.46 -35.02 -11.25
N GLY A 309 -2.98 -35.33 -10.06
CA GLY A 309 -1.84 -34.66 -9.46
C GLY A 309 -2.24 -34.07 -8.11
N VAL A 310 -1.62 -34.53 -7.06
CA VAL A 310 -1.98 -34.10 -5.70
C VAL A 310 -1.85 -32.59 -5.51
N TYR A 311 -0.86 -31.97 -6.17
CA TYR A 311 -0.63 -30.53 -6.06
C TYR A 311 -1.42 -29.68 -7.08
N ALA A 312 -2.18 -30.34 -7.97
CA ALA A 312 -2.92 -29.62 -8.97
C ALA A 312 -3.95 -28.73 -8.31
N GLY A 313 -3.92 -27.46 -8.67
CA GLY A 313 -4.88 -26.51 -8.15
C GLY A 313 -4.72 -26.28 -6.66
N ASN A 314 -3.51 -26.39 -6.11
CA ASN A 314 -3.30 -26.07 -4.68
C ASN A 314 -3.55 -24.58 -4.40
N HIS A 315 -3.77 -24.26 -3.13
CA HIS A 315 -4.31 -22.94 -2.80
C HIS A 315 -3.30 -21.83 -3.06
N ALA A 316 -2.02 -22.11 -2.79
CA ALA A 316 -0.96 -21.12 -3.09
C ALA A 316 -0.92 -20.83 -4.58
N ALA A 317 -0.88 -21.88 -5.38
CA ALA A 317 -0.90 -21.71 -6.85
C ALA A 317 -2.06 -20.88 -7.32
N LEU A 318 -3.25 -21.19 -6.86
CA LEU A 318 -4.46 -20.44 -7.29
C LEU A 318 -4.54 -19.04 -6.69
N ARG A 319 -3.98 -18.85 -5.51
CA ARG A 319 -3.76 -17.46 -5.01
C ARG A 319 -2.84 -16.66 -5.96
N ALA A 320 -1.78 -17.29 -6.45
CA ALA A 320 -0.93 -16.65 -7.44
C ALA A 320 -1.68 -16.31 -8.74
N VAL A 321 -2.53 -17.23 -9.21
CA VAL A 321 -3.30 -16.96 -10.41
C VAL A 321 -4.26 -15.77 -10.16
N VAL A 322 -4.95 -15.78 -9.04
CA VAL A 322 -5.88 -14.69 -8.67
C VAL A 322 -5.19 -13.33 -8.53
N ALA A 323 -4.05 -13.29 -7.85
CA ALA A 323 -3.29 -12.04 -7.73
C ALA A 323 -2.76 -11.55 -9.09
N MET A 324 -2.23 -12.45 -9.89
CA MET A 324 -1.56 -12.08 -11.12
C MET A 324 -2.58 -11.66 -12.15
N LEU A 325 -3.63 -12.45 -12.32
CA LEU A 325 -4.63 -12.12 -13.30
C LEU A 325 -5.46 -10.94 -12.85
N GLY A 326 -5.68 -10.83 -11.56
CA GLY A 326 -6.33 -9.63 -10.98
C GLY A 326 -5.55 -8.37 -11.28
N LYS A 327 -4.24 -8.42 -11.08
CA LYS A 327 -3.38 -7.29 -11.42
C LYS A 327 -3.44 -6.91 -12.89
N ILE A 328 -3.34 -7.90 -13.76
CA ILE A 328 -3.37 -7.66 -15.22
C ILE A 328 -4.69 -7.05 -15.63
N ARG A 329 -5.75 -7.60 -15.05
CA ARG A 329 -7.11 -7.11 -15.34
C ARG A 329 -7.30 -5.64 -14.96
N SER A 330 -6.64 -5.22 -13.88
CA SER A 330 -6.75 -3.84 -13.40
C SER A 330 -5.95 -2.85 -14.24
N LEU A 331 -5.18 -3.34 -15.23
CA LEU A 331 -4.29 -2.51 -16.04
C LEU A 331 -4.69 -2.64 -17.51
N PRO A 332 -5.75 -1.93 -17.90
CA PRO A 332 -6.29 -2.13 -19.23
C PRO A 332 -5.40 -1.65 -20.40
N ASP A 333 -4.43 -0.77 -20.14
CA ASP A 333 -3.48 -0.34 -21.20
C ASP A 333 -2.10 -1.04 -21.12
N LEU A 334 -2.01 -2.12 -20.35
CA LEU A 334 -0.75 -2.80 -20.11
C LEU A 334 -0.10 -3.24 -21.39
N TYR A 335 -0.90 -3.88 -22.24
CA TYR A 335 -0.40 -4.49 -23.48
C TYR A 335 0.01 -3.44 -24.49
N GLU A 336 -0.55 -2.24 -24.37
CA GLU A 336 -0.08 -1.11 -25.18
C GLU A 336 1.29 -0.58 -24.73
N ARG A 337 1.50 -0.50 -23.42
CA ARG A 337 2.80 -0.08 -22.90
C ARG A 337 3.87 -1.14 -23.18
N LEU A 338 3.49 -2.42 -23.04
CA LEU A 338 4.42 -3.54 -23.31
C LEU A 338 4.85 -3.48 -24.76
N GLU A 339 3.91 -3.10 -25.64
CA GLU A 339 4.22 -2.94 -27.06
C GLU A 339 5.27 -1.83 -27.28
N ASP A 340 5.16 -0.71 -26.56
CA ASP A 340 6.15 0.39 -26.64
C ASP A 340 7.51 -0.07 -26.16
N THR A 341 7.50 -0.80 -25.05
CA THR A 341 8.71 -1.39 -24.52
C THR A 341 9.43 -2.27 -25.58
N GLY A 342 8.68 -3.16 -26.22
CA GLY A 342 9.25 -4.04 -27.23
C GLY A 342 9.73 -3.25 -28.45
N GLN A 343 8.97 -2.24 -28.85
CA GLN A 343 9.32 -1.47 -30.03
C GLN A 343 10.65 -0.76 -29.77
N TYR A 344 10.77 -0.18 -28.58
CA TYR A 344 11.98 0.53 -28.24
C TYR A 344 13.18 -0.42 -28.18
N MET A 345 12.99 -1.64 -27.65
CA MET A 345 14.09 -2.61 -27.64
C MET A 345 14.42 -3.00 -29.06
N GLU A 346 13.39 -3.29 -29.85
CA GLU A 346 13.62 -3.65 -31.26
C GLU A 346 14.40 -2.56 -31.99
N ASP A 347 13.95 -1.30 -31.89
CA ASP A 347 14.58 -0.20 -32.64
C ASP A 347 16.06 -0.03 -32.20
N THR A 348 16.28 -0.04 -30.90
CA THR A 348 17.58 0.10 -30.32
C THR A 348 18.55 -0.97 -30.78
N VAL A 349 18.12 -2.23 -30.72
CA VAL A 349 18.97 -3.35 -31.08
C VAL A 349 19.29 -3.32 -32.58
N ARG A 350 18.31 -2.98 -33.41
CA ARG A 350 18.55 -2.79 -34.85
C ARG A 350 19.64 -1.75 -35.14
N GLU A 351 19.57 -0.61 -34.48
CA GLU A 351 20.56 0.44 -34.66
C GLU A 351 21.93 -0.08 -34.28
N VAL A 352 22.02 -0.72 -33.11
CA VAL A 352 23.33 -1.18 -32.63
C VAL A 352 23.98 -2.17 -33.61
N PHE A 353 23.18 -3.06 -34.19
CA PHE A 353 23.71 -4.02 -35.18
C PHE A 353 24.02 -3.35 -36.54
N ALA A 354 23.18 -2.40 -36.93
CA ALA A 354 23.37 -1.63 -38.20
C ALA A 354 24.67 -0.84 -38.14
N THR A 355 24.84 -0.07 -37.07
CA THR A 355 26.02 0.75 -36.85
C THR A 355 27.29 -0.10 -36.90
N GLU A 356 27.21 -1.33 -36.37
CA GLU A 356 28.36 -2.25 -36.40
C GLU A 356 28.43 -3.06 -37.69
N LYS A 357 27.45 -2.89 -38.55
CA LYS A 357 27.40 -3.60 -39.83
C LYS A 357 27.39 -5.14 -39.65
N ARG A 358 26.67 -5.61 -38.63
CA ARG A 358 26.42 -7.04 -38.41
C ARG A 358 25.00 -7.35 -38.85
N PRO A 359 24.83 -8.22 -39.85
CA PRO A 359 23.45 -8.60 -40.17
C PRO A 359 22.80 -9.38 -39.03
N VAL A 360 21.53 -9.11 -38.83
CA VAL A 360 20.78 -9.69 -37.72
C VAL A 360 19.34 -9.92 -38.17
N HIS A 361 18.73 -11.02 -37.69
CA HIS A 361 17.29 -11.21 -37.85
C HIS A 361 16.62 -11.04 -36.51
N ILE A 362 15.58 -10.20 -36.48
CA ILE A 362 14.82 -9.90 -35.28
C ILE A 362 13.33 -10.07 -35.60
N ASN A 363 12.65 -10.95 -34.88
CA ASN A 363 11.18 -11.04 -34.96
C ASN A 363 10.60 -10.60 -33.61
N ARG A 364 9.46 -9.91 -33.62
CA ARG A 364 8.86 -9.50 -32.37
C ARG A 364 7.32 -9.62 -32.38
N VAL A 365 6.77 -10.11 -31.27
CA VAL A 365 5.35 -10.03 -31.02
C VAL A 365 5.21 -9.55 -29.60
N GLY A 366 4.96 -8.24 -29.46
CA GLY A 366 4.89 -7.60 -28.18
C GLY A 366 6.25 -7.65 -27.49
N THR A 367 6.27 -8.24 -26.30
CA THR A 367 7.47 -8.37 -25.52
C THR A 367 8.15 -9.70 -25.72
N LEU A 368 7.65 -10.46 -26.67
CA LEU A 368 8.28 -11.74 -27.07
C LEU A 368 9.15 -11.32 -28.26
N MET A 369 10.40 -11.74 -28.26
CA MET A 369 11.38 -11.19 -29.19
C MET A 369 12.54 -12.14 -29.44
N SER A 370 12.86 -12.35 -30.71
CA SER A 370 13.97 -13.16 -31.14
C SER A 370 15.03 -12.30 -31.81
N VAL A 371 16.31 -12.53 -31.46
CA VAL A 371 17.45 -11.76 -31.99
C VAL A 371 18.54 -12.76 -32.35
N ALA A 372 18.81 -12.89 -33.65
CA ALA A 372 19.77 -13.85 -34.16
C ALA A 372 20.76 -13.18 -35.11
N LEU A 373 22.03 -13.46 -34.88
CA LEU A 373 23.14 -12.96 -35.69
C LEU A 373 23.24 -13.84 -36.95
N LEU A 374 23.27 -13.21 -38.12
CA LEU A 374 23.21 -13.95 -39.41
C LEU A 374 24.58 -14.22 -40.03
N LYS A 375 24.67 -15.25 -40.86
CA LYS A 375 25.90 -15.56 -41.62
C LYS A 375 26.22 -14.45 -42.60
N GLU A 383 12.37 -13.15 -45.02
CA GLU A 383 11.49 -13.52 -43.90
C GLU A 383 11.19 -15.01 -43.86
N PRO A 384 12.01 -15.76 -43.12
CA PRO A 384 11.71 -17.18 -42.97
C PRO A 384 10.35 -17.41 -42.33
N ARG A 385 9.63 -18.42 -42.81
CA ARG A 385 8.30 -18.71 -42.31
C ARG A 385 8.31 -19.90 -41.35
N ASP A 386 9.47 -20.56 -41.17
CA ASP A 386 9.54 -21.73 -40.34
C ASP A 386 10.92 -21.94 -39.84
N LEU A 387 11.06 -22.92 -38.96
CA LEU A 387 12.33 -23.22 -38.30
C LEU A 387 13.52 -23.48 -39.24
N ARG A 388 13.32 -24.28 -40.28
CA ARG A 388 14.42 -24.61 -41.24
C ARG A 388 14.89 -23.43 -42.01
N GLN A 389 13.95 -22.66 -42.55
CA GLN A 389 14.31 -21.41 -43.21
C GLN A 389 15.10 -20.45 -42.30
N LEU A 390 14.70 -20.31 -41.02
CA LEU A 390 15.36 -19.35 -40.10
C LEU A 390 16.72 -19.85 -39.64
N ALA A 391 16.79 -21.12 -39.24
CA ALA A 391 18.04 -21.72 -38.78
C ALA A 391 19.12 -21.59 -39.82
N ALA A 392 18.74 -21.66 -41.10
CA ALA A 392 19.71 -21.66 -42.19
C ALA A 392 20.40 -20.31 -42.35
N LEU A 393 19.76 -19.22 -41.96
CA LEU A 393 20.36 -17.89 -42.04
C LEU A 393 21.32 -17.57 -40.90
N VAL A 394 21.29 -18.38 -39.85
CA VAL A 394 21.84 -17.99 -38.55
C VAL A 394 23.24 -18.50 -38.37
N ASP A 395 24.08 -17.66 -37.76
CA ASP A 395 25.45 -18.03 -37.44
C ASP A 395 25.49 -18.43 -35.96
N PHE A 396 25.26 -19.72 -35.67
CA PHE A 396 25.15 -20.20 -34.27
C PHE A 396 26.43 -20.06 -33.43
N PRO A 397 27.60 -20.46 -33.97
CA PRO A 397 28.84 -20.25 -33.18
C PRO A 397 29.11 -18.76 -32.82
N ARG A 398 28.87 -17.85 -33.76
CA ARG A 398 29.08 -16.43 -33.45
C ARG A 398 28.05 -15.92 -32.44
N HIS A 399 26.79 -16.34 -32.54
CA HIS A 399 25.80 -15.96 -31.56
C HIS A 399 26.18 -16.43 -30.16
N ARG A 400 26.56 -17.70 -30.03
CA ARG A 400 27.09 -18.22 -28.73
C ARG A 400 28.23 -17.36 -28.19
N ARG A 401 29.13 -16.98 -29.10
CA ARG A 401 30.28 -16.19 -28.71
C ARG A 401 29.77 -14.82 -28.23
N LEU A 402 28.86 -14.21 -28.99
CA LEU A 402 28.26 -12.96 -28.62
C LEU A 402 27.61 -13.00 -27.21
N GLN A 403 26.96 -14.09 -26.84
CA GLN A 403 26.28 -14.08 -25.55
C GLN A 403 27.23 -14.21 -24.38
N THR A 404 28.34 -14.95 -24.56
CA THR A 404 29.44 -14.94 -23.53
C THR A 404 29.96 -13.50 -23.30
N LEU A 405 30.13 -12.76 -24.40
CA LEU A 405 30.64 -11.41 -24.32
C LEU A 405 29.63 -10.48 -23.67
N ALA A 406 28.37 -10.62 -24.07
CA ALA A 406 27.27 -9.83 -23.47
C ALA A 406 27.15 -10.10 -21.99
N GLN A 407 27.25 -11.38 -21.62
CA GLN A 407 27.12 -11.76 -20.22
C GLN A 407 28.18 -11.09 -19.38
N LYS A 408 29.41 -11.07 -19.89
CA LYS A 408 30.51 -10.34 -19.22
C LYS A 408 30.26 -8.85 -19.14
N GLU A 409 29.63 -8.27 -20.16
CA GLU A 409 29.19 -6.88 -20.10
C GLU A 409 27.97 -6.65 -19.19
N GLY A 410 27.42 -7.69 -18.60
CA GLY A 410 26.30 -7.56 -17.67
C GLY A 410 24.90 -7.65 -18.28
N VAL A 411 24.77 -8.40 -19.38
CA VAL A 411 23.48 -8.66 -20.00
C VAL A 411 23.40 -10.15 -20.29
N TYR A 412 22.37 -10.81 -19.77
CA TYR A 412 22.15 -12.22 -20.05
C TYR A 412 21.01 -12.48 -20.99
N PHE A 413 21.29 -13.20 -22.09
CA PHE A 413 20.25 -13.86 -22.88
C PHE A 413 20.72 -15.27 -23.17
N HIS A 414 19.82 -16.15 -23.61
CA HIS A 414 20.19 -17.55 -23.88
C HIS A 414 21.14 -17.66 -25.09
N PRO A 415 22.21 -18.49 -24.98
CA PRO A 415 23.19 -18.60 -26.08
C PRO A 415 22.72 -19.09 -27.43
N ASN A 416 21.62 -19.81 -27.44
CA ASN A 416 21.02 -20.29 -28.70
C ASN A 416 20.21 -19.17 -29.31
N ALA A 417 20.52 -18.83 -30.55
CA ALA A 417 19.87 -17.72 -31.19
C ALA A 417 18.35 -17.87 -31.32
N LEU A 418 17.89 -19.11 -31.40
CA LEU A 418 16.47 -19.40 -31.57
C LEU A 418 15.67 -19.31 -30.27
N GLU A 419 16.32 -19.12 -29.13
CA GLU A 419 15.61 -18.96 -27.85
C GLU A 419 15.26 -17.51 -27.59
N PRO A 420 13.98 -17.22 -27.34
CA PRO A 420 13.55 -15.82 -27.31
C PRO A 420 14.00 -15.04 -26.05
N TRP A 421 13.99 -13.71 -26.17
CA TRP A 421 14.00 -12.78 -25.07
C TRP A 421 12.57 -12.55 -24.58
N PHE A 422 12.40 -12.38 -23.26
CA PHE A 422 11.10 -12.15 -22.63
C PHE A 422 11.09 -10.85 -21.87
N LEU A 423 10.75 -9.75 -22.55
CA LEU A 423 10.81 -8.43 -21.88
C LEU A 423 9.68 -8.27 -20.86
N SER A 424 9.83 -7.28 -19.99
CA SER A 424 8.92 -7.05 -18.88
C SER A 424 8.76 -5.55 -18.67
N THR A 425 7.84 -5.15 -17.79
CA THR A 425 7.65 -3.72 -17.51
C THR A 425 8.85 -3.15 -16.74
N ALA A 426 9.70 -4.02 -16.20
CA ALA A 426 10.93 -3.59 -15.55
C ALA A 426 12.02 -3.24 -16.54
N HIS A 427 11.83 -3.60 -17.80
CA HIS A 427 12.76 -3.19 -18.86
C HIS A 427 12.33 -1.79 -19.34
N THR A 428 12.65 -0.79 -18.53
CA THR A 428 12.39 0.64 -18.81
C THR A 428 13.31 1.14 -19.92
N ARG A 429 13.12 2.40 -20.34
CA ARG A 429 14.02 3.01 -21.35
C ARG A 429 15.48 3.02 -20.92
N ASP A 430 15.75 3.32 -19.66
CA ASP A 430 17.13 3.42 -19.19
C ASP A 430 17.80 2.07 -19.26
N VAL A 431 17.08 1.02 -18.87
CA VAL A 431 17.59 -0.35 -18.91
C VAL A 431 17.97 -0.73 -20.35
N ILE A 432 17.06 -0.46 -21.27
CA ILE A 432 17.25 -0.77 -22.65
C ILE A 432 18.40 0.02 -23.24
N ASP A 433 18.56 1.28 -22.83
CA ASP A 433 19.76 2.05 -23.20
C ASP A 433 21.05 1.40 -22.69
N LYS A 434 21.07 0.94 -21.44
CA LYS A 434 22.21 0.14 -20.95
C LYS A 434 22.41 -1.12 -21.77
N VAL A 435 21.32 -1.77 -22.18
CA VAL A 435 21.46 -3.02 -22.94
C VAL A 435 22.15 -2.72 -24.26
N ALA A 436 21.74 -1.64 -24.87
CA ALA A 436 22.35 -1.18 -26.12
C ALA A 436 23.88 -1.05 -26.00
N GLY A 437 24.32 -0.29 -25.00
CA GLY A 437 25.74 -0.11 -24.73
C GLY A 437 26.42 -1.47 -24.58
N ALA A 438 25.81 -2.38 -23.81
CA ALA A 438 26.42 -3.67 -23.54
C ALA A 438 26.51 -4.53 -24.80
N LEU A 439 25.50 -4.48 -25.66
CA LEU A 439 25.53 -5.19 -26.97
C LEU A 439 26.54 -4.61 -27.98
N GLN A 440 26.63 -3.27 -28.03
CA GLN A 440 27.63 -2.57 -28.81
C GLN A 440 29.03 -3.04 -28.43
N ARG A 441 29.33 -2.97 -27.15
CA ARG A 441 30.66 -3.37 -26.65
C ARG A 441 30.96 -4.83 -26.97
N SER A 442 29.95 -5.69 -26.86
CA SER A 442 30.14 -7.11 -27.11
C SER A 442 30.39 -7.39 -28.61
N LEU A 443 29.74 -6.65 -29.47
CA LEU A 443 29.93 -6.85 -30.92
C LEU A 443 31.33 -6.42 -31.34
N VAL A 444 31.85 -5.36 -30.74
CA VAL A 444 33.19 -4.89 -31.04
C VAL A 444 34.24 -5.96 -30.66
N GLY A 445 33.96 -6.77 -29.62
CA GLY A 445 34.84 -7.90 -29.23
C GLY A 445 34.68 -9.16 -30.05
N LEU A 446 33.75 -9.15 -31.00
CA LEU A 446 33.46 -10.33 -31.78
C LEU A 446 34.53 -10.56 -32.84
N THR B 13 -23.25 -21.62 1.64
CA THR B 13 -23.14 -23.08 2.02
C THR B 13 -22.06 -23.85 1.24
N ASN B 14 -21.56 -24.92 1.84
CA ASN B 14 -20.59 -25.80 1.17
C ASN B 14 -21.07 -26.29 -0.19
N ALA B 15 -22.30 -26.80 -0.24
CA ALA B 15 -22.86 -27.36 -1.46
C ALA B 15 -23.00 -26.30 -2.55
N GLU B 16 -23.51 -25.13 -2.19
CA GLU B 16 -23.68 -24.03 -3.13
C GLU B 16 -22.34 -23.52 -3.62
N SER B 17 -21.38 -23.46 -2.71
CA SER B 17 -20.06 -22.94 -3.04
C SER B 17 -19.34 -23.90 -3.96
N LEU B 18 -19.50 -25.21 -3.73
CA LEU B 18 -18.99 -26.24 -4.67
C LEU B 18 -19.63 -26.18 -6.06
N ASP B 19 -20.92 -25.87 -6.13
CA ASP B 19 -21.58 -25.71 -7.43
C ASP B 19 -21.02 -24.51 -8.18
N GLY B 20 -20.69 -23.43 -7.46
CA GLY B 20 -20.03 -22.29 -8.04
C GLY B 20 -18.68 -22.68 -8.60
N ILE B 21 -17.97 -23.52 -7.87
CA ILE B 21 -16.65 -23.96 -8.31
C ILE B 21 -16.77 -24.76 -9.60
N LYS B 22 -17.80 -25.62 -9.67
CA LYS B 22 -18.03 -26.50 -10.82
C LYS B 22 -18.39 -25.79 -12.08
N SER B 23 -18.87 -24.55 -11.99
CA SER B 23 -19.18 -23.83 -13.23
C SER B 23 -17.89 -23.36 -13.94
N VAL B 24 -16.75 -23.30 -13.23
CA VAL B 24 -15.47 -22.90 -13.85
C VAL B 24 -14.32 -23.94 -13.74
N ILE B 25 -14.45 -24.92 -12.85
CA ILE B 25 -13.52 -26.03 -12.78
C ILE B 25 -14.28 -27.31 -13.22
N ALA B 26 -13.96 -27.85 -14.40
CA ALA B 26 -14.72 -28.99 -14.93
C ALA B 26 -14.59 -30.21 -14.00
N GLY B 27 -15.72 -30.61 -13.43
CA GLY B 27 -15.77 -31.69 -12.46
C GLY B 27 -15.66 -31.27 -11.00
N GLY B 28 -15.39 -29.99 -10.75
CA GLY B 28 -15.34 -29.50 -9.37
C GLY B 28 -13.94 -29.51 -8.78
N VAL B 29 -13.05 -30.40 -9.25
CA VAL B 29 -11.68 -30.42 -8.74
C VAL B 29 -10.78 -30.82 -9.88
N SER B 30 -9.54 -30.33 -9.86
CA SER B 30 -8.60 -30.54 -10.95
C SER B 30 -8.19 -32.01 -11.12
N SER B 31 -8.19 -32.75 -10.02
CA SER B 31 -7.80 -34.15 -10.05
C SER B 31 -9.06 -35.04 -10.00
N SER B 32 -9.19 -35.93 -10.98
CA SER B 32 -10.36 -36.82 -11.08
C SER B 32 -10.64 -37.63 -9.79
N MET B 33 -9.60 -38.07 -9.07
CA MET B 33 -9.81 -38.81 -7.82
C MET B 33 -10.33 -37.89 -6.72
N ARG B 34 -9.66 -36.75 -6.52
CA ARG B 34 -9.99 -35.84 -5.44
C ARG B 34 -11.33 -35.10 -5.65
N ALA B 35 -11.91 -35.23 -6.83
CA ALA B 35 -13.27 -34.70 -7.07
C ALA B 35 -14.36 -35.65 -6.55
N ALA B 36 -14.01 -36.90 -6.28
CA ALA B 36 -14.95 -37.86 -5.64
C ALA B 36 -14.69 -38.02 -4.14
N ALA B 37 -13.85 -37.15 -3.57
CA ALA B 37 -13.38 -37.29 -2.20
C ALA B 37 -14.19 -36.47 -1.19
N VAL B 38 -15.23 -35.81 -1.65
CA VAL B 38 -16.05 -34.96 -0.80
C VAL B 38 -17.53 -35.12 -1.20
N PRO B 39 -18.05 -36.35 -1.12
CA PRO B 39 -19.45 -36.57 -1.49
C PRO B 39 -20.47 -35.81 -0.62
N LEU B 40 -20.09 -35.52 0.63
CA LEU B 40 -20.77 -34.51 1.40
C LEU B 40 -19.94 -33.24 1.25
N PRO B 41 -20.45 -32.27 0.52
CA PRO B 41 -19.59 -31.14 0.13
C PRO B 41 -18.88 -30.46 1.28
N LEU B 42 -17.63 -30.07 1.03
CA LEU B 42 -16.80 -29.32 1.96
C LEU B 42 -15.91 -28.45 1.12
N VAL B 43 -16.03 -27.12 1.27
CA VAL B 43 -15.17 -26.20 0.59
C VAL B 43 -14.34 -25.46 1.64
N VAL B 44 -13.03 -25.44 1.46
CA VAL B 44 -12.15 -24.84 2.46
C VAL B 44 -12.07 -23.34 2.32
N ARG B 45 -12.07 -22.65 3.44
CA ARG B 45 -11.85 -21.23 3.52
C ARG B 45 -10.42 -20.93 4.03
N SER B 46 -9.98 -21.71 5.01
CA SER B 46 -8.65 -21.57 5.54
C SER B 46 -8.25 -22.87 6.25
N ALA B 47 -7.01 -22.97 6.63
CA ALA B 47 -6.53 -24.13 7.34
C ALA B 47 -5.29 -23.81 8.16
N GLY B 48 -5.14 -24.50 9.28
CA GLY B 48 -3.95 -24.36 10.16
C GLY B 48 -3.87 -25.50 11.15
N GLY B 49 -2.68 -26.01 11.41
CA GLY B 49 -2.53 -27.14 12.33
C GLY B 49 -3.14 -28.36 11.66
N CYS B 50 -4.07 -29.02 12.33
CA CYS B 50 -4.82 -30.10 11.73
C CYS B 50 -6.27 -29.71 11.58
N LEU B 51 -6.53 -28.40 11.50
CA LEU B 51 -7.91 -27.91 11.45
C LEU B 51 -8.22 -27.20 10.13
N LEU B 52 -9.34 -27.58 9.52
CA LEU B 52 -9.88 -26.88 8.37
C LEU B 52 -10.95 -25.91 8.85
N ARG B 53 -11.10 -24.79 8.16
CA ARG B 53 -12.34 -24.07 8.29
C ARG B 53 -13.07 -23.98 6.96
N ASP B 54 -14.30 -24.46 7.03
CA ASP B 54 -15.39 -24.27 6.06
C ASP B 54 -15.70 -22.86 5.57
N VAL B 55 -16.42 -22.78 4.46
CA VAL B 55 -17.08 -21.55 4.06
C VAL B 55 -18.30 -21.23 4.94
N GLU B 56 -18.82 -22.21 5.70
CA GLU B 56 -19.85 -21.99 6.73
C GLU B 56 -19.24 -21.77 8.11
N ASP B 57 -17.95 -21.46 8.14
CA ASP B 57 -17.17 -21.32 9.38
C ASP B 57 -17.20 -22.52 10.36
N GLY B 58 -17.58 -23.70 9.91
CA GLY B 58 -17.36 -24.92 10.69
C GLY B 58 -15.89 -25.29 10.82
N GLU B 59 -15.51 -25.90 11.95
CA GLU B 59 -14.16 -26.42 12.18
C GLU B 59 -14.14 -27.93 12.01
N ILE B 60 -13.17 -28.42 11.22
CA ILE B 60 -13.02 -29.85 10.98
C ILE B 60 -11.61 -30.29 11.26
N ILE B 61 -11.47 -31.32 12.07
CA ILE B 61 -10.21 -32.00 12.28
C ILE B 61 -9.93 -32.86 11.06
N ASP B 62 -8.80 -32.60 10.42
CA ASP B 62 -8.43 -33.28 9.18
C ASP B 62 -7.50 -34.44 9.45
N LEU B 63 -7.93 -35.66 9.11
CA LEU B 63 -7.05 -36.85 9.24
C LEU B 63 -6.36 -37.17 7.92
N ASN B 64 -6.80 -36.52 6.84
CA ASN B 64 -6.24 -36.71 5.50
C ASN B 64 -5.03 -35.79 5.23
N MET B 65 -5.11 -34.54 5.68
CA MET B 65 -4.00 -33.61 5.62
C MET B 65 -3.39 -33.35 4.24
N GLY B 66 -4.23 -33.32 3.22
CA GLY B 66 -3.75 -32.98 1.88
C GLY B 66 -2.82 -33.99 1.30
N TYR B 67 -2.99 -35.21 1.72
CA TYR B 67 -2.38 -36.37 1.07
C TYR B 67 -0.85 -36.55 1.26
N GLY B 68 -0.30 -36.16 2.41
CA GLY B 68 1.06 -36.56 2.82
C GLY B 68 2.16 -35.54 3.12
N PRO B 69 2.06 -34.31 2.58
CA PRO B 69 3.18 -33.35 2.76
C PRO B 69 3.37 -32.76 4.16
N HIS B 70 2.32 -32.75 4.97
CA HIS B 70 2.27 -31.94 6.17
C HIS B 70 2.59 -32.73 7.41
N LEU B 71 3.87 -32.93 7.63
CA LEU B 71 4.36 -33.67 8.77
C LEU B 71 4.13 -32.88 10.07
N PHE B 72 4.15 -31.58 9.97
CA PHE B 72 3.98 -30.68 11.11
C PHE B 72 2.63 -29.94 11.10
N GLY B 73 1.73 -30.34 10.21
CA GLY B 73 0.43 -29.64 10.11
C GLY B 73 0.43 -28.53 9.12
N TYR B 74 -0.74 -27.95 8.93
CA TYR B 74 -0.97 -26.90 7.96
C TYR B 74 -0.39 -25.58 8.46
N ALA B 75 -0.09 -24.67 7.53
CA ALA B 75 0.42 -23.32 7.89
C ALA B 75 1.63 -23.34 8.84
N ASP B 76 2.63 -24.15 8.48
CA ASP B 76 3.86 -24.27 9.28
C ASP B 76 4.68 -23.02 9.03
N ARG B 77 4.77 -22.13 10.02
CA ARG B 77 5.41 -20.82 9.84
C ARG B 77 6.92 -20.89 9.53
N GLU B 78 7.62 -21.80 10.17
CA GLU B 78 9.05 -22.00 9.91
C GLU B 78 9.34 -22.28 8.46
N VAL B 79 8.35 -22.77 7.73
CA VAL B 79 8.52 -23.03 6.31
C VAL B 79 7.84 -21.96 5.44
N LEU B 80 6.64 -21.51 5.81
CA LEU B 80 6.03 -20.32 5.16
C LEU B 80 7.05 -19.23 5.03
N ASP B 81 7.66 -18.86 6.15
CA ASP B 81 8.50 -17.67 6.22
C ASP B 81 9.68 -17.76 5.29
N ALA B 82 10.31 -18.92 5.22
CA ALA B 82 11.43 -19.12 4.30
C ALA B 82 10.97 -18.97 2.83
N VAL B 83 9.83 -19.54 2.49
CA VAL B 83 9.34 -19.48 1.11
C VAL B 83 8.91 -18.07 0.73
N ALA B 84 8.23 -17.38 1.64
CA ALA B 84 7.88 -15.98 1.43
C ALA B 84 9.10 -15.07 1.27
N ASP B 85 10.14 -15.32 2.05
CA ASP B 85 11.39 -14.61 1.87
C ASP B 85 11.98 -14.80 0.47
N GLN B 86 11.88 -16.01 -0.05
CA GLN B 86 12.36 -16.30 -1.39
C GLN B 86 11.58 -15.58 -2.48
N PHE B 87 10.28 -15.40 -2.27
CA PHE B 87 9.46 -14.60 -3.18
C PHE B 87 9.95 -13.16 -3.25
N ALA B 88 10.51 -12.65 -2.16
CA ALA B 88 11.01 -11.28 -2.12
C ALA B 88 12.39 -11.19 -2.75
N LYS B 89 13.08 -12.33 -2.91
CA LYS B 89 14.47 -12.34 -3.43
C LYS B 89 14.66 -12.96 -4.80
N GLY B 90 13.56 -13.28 -5.49
CA GLY B 90 13.62 -13.98 -6.82
C GLY B 90 13.27 -15.45 -6.64
N HIS B 91 12.10 -15.87 -7.13
CA HIS B 91 11.62 -17.23 -6.90
C HIS B 91 11.80 -18.14 -8.10
N MET B 92 12.10 -17.57 -9.27
CA MET B 92 12.12 -18.34 -10.52
C MET B 92 12.89 -17.57 -11.58
N THR B 93 14.14 -17.92 -11.79
CA THR B 93 14.97 -17.36 -12.88
C THR B 93 15.42 -18.39 -13.93
N GLY B 94 15.32 -19.68 -13.61
CA GLY B 94 15.73 -20.72 -14.56
C GLY B 94 17.21 -21.03 -14.58
N LEU B 95 17.96 -20.28 -13.77
CA LEU B 95 19.42 -20.36 -13.73
C LEU B 95 19.84 -21.11 -12.47
N PRO B 96 21.04 -21.66 -12.46
CA PRO B 96 21.57 -22.24 -11.22
C PRO B 96 21.59 -21.18 -10.10
N HIS B 97 21.42 -21.62 -8.85
CA HIS B 97 21.20 -20.71 -7.75
C HIS B 97 21.95 -21.30 -6.58
N GLU B 98 22.36 -20.46 -5.63
CA GLU B 98 23.05 -20.94 -4.42
C GLU B 98 22.29 -22.02 -3.63
N LEU B 99 20.95 -21.98 -3.67
CA LEU B 99 20.13 -22.95 -2.94
C LEU B 99 20.30 -24.39 -3.48
N ASP B 100 20.51 -24.52 -4.78
CA ASP B 100 20.53 -25.82 -5.45
C ASP B 100 21.47 -26.81 -4.75
N ALA B 101 22.66 -26.34 -4.37
CA ALA B 101 23.61 -27.17 -3.60
C ALA B 101 23.11 -27.52 -2.18
N ARG B 102 22.43 -26.58 -1.54
CA ARG B 102 21.92 -26.80 -0.18
C ARG B 102 20.76 -27.80 -0.20
N ALA B 103 19.85 -27.67 -1.15
CA ALA B 103 18.78 -28.65 -1.30
C ALA B 103 19.34 -30.03 -1.60
N GLY B 104 20.24 -30.11 -2.57
CA GLY B 104 20.84 -31.38 -2.95
C GLY B 104 21.54 -32.02 -1.76
N ALA B 105 22.33 -31.23 -1.03
CA ALA B 105 23.16 -31.76 0.10
C ALA B 105 22.30 -32.25 1.24
N LEU B 106 21.25 -31.51 1.58
CA LEU B 106 20.27 -32.00 2.56
C LEU B 106 19.64 -33.35 2.19
N ILE B 107 19.20 -33.51 0.94
CA ILE B 107 18.61 -34.78 0.51
C ILE B 107 19.68 -35.88 0.65
N ALA B 108 20.90 -35.62 0.17
CA ALA B 108 21.97 -36.63 0.20
C ALA B 108 22.32 -37.07 1.63
N GLU B 109 22.32 -36.12 2.55
CA GLU B 109 22.63 -36.38 3.95
C GLU B 109 21.58 -37.26 4.56
N LEU B 110 20.31 -36.92 4.32
CA LEU B 110 19.19 -37.61 4.95
C LEU B 110 18.82 -38.93 4.27
N VAL B 111 19.13 -39.10 2.99
CA VAL B 111 18.71 -40.33 2.26
C VAL B 111 19.90 -41.14 1.84
N PRO B 112 20.01 -42.37 2.40
CA PRO B 112 21.16 -43.26 2.18
C PRO B 112 21.53 -43.45 0.71
N GLY B 113 20.55 -43.89 -0.07
CA GLY B 113 20.76 -44.27 -1.48
C GLY B 113 20.88 -43.11 -2.47
N VAL B 114 20.88 -41.86 -1.98
CA VAL B 114 20.91 -40.70 -2.86
C VAL B 114 22.14 -39.84 -2.63
N GLU B 115 22.94 -39.67 -3.69
CA GLU B 115 24.05 -38.72 -3.69
C GLU B 115 23.82 -37.53 -4.63
N GLN B 116 23.08 -37.74 -5.71
CA GLN B 116 22.72 -36.68 -6.65
C GLN B 116 21.24 -36.80 -7.02
N VAL B 117 20.63 -35.67 -7.35
CA VAL B 117 19.22 -35.64 -7.70
C VAL B 117 18.96 -34.75 -8.89
N ARG B 118 17.77 -34.87 -9.46
CA ARG B 118 17.17 -33.82 -10.25
C ARG B 118 15.78 -33.55 -9.72
N PHE B 119 15.37 -32.29 -9.80
CA PHE B 119 14.07 -31.87 -9.29
C PHE B 119 13.03 -31.81 -10.39
N ALA B 120 11.78 -31.89 -9.94
CA ALA B 120 10.60 -31.83 -10.81
C ALA B 120 9.53 -31.11 -10.01
N ASN B 121 8.37 -30.92 -10.65
CA ASN B 121 7.25 -30.27 -9.99
C ASN B 121 6.32 -31.25 -9.27
N SER B 122 6.40 -32.53 -9.62
CA SER B 122 5.42 -33.51 -9.13
C SER B 122 5.97 -34.93 -9.13
N GLY B 123 5.37 -35.80 -8.33
CA GLY B 123 5.75 -37.20 -8.33
C GLY B 123 5.57 -37.85 -9.69
N THR B 124 4.53 -37.45 -10.39
CA THR B 124 4.26 -37.97 -11.70
C THR B 124 5.44 -37.66 -12.62
N GLU B 125 5.88 -36.41 -12.63
CA GLU B 125 7.03 -35.99 -13.48
C GLU B 125 8.32 -36.71 -13.07
N ALA B 126 8.56 -36.77 -11.76
CA ALA B 126 9.77 -37.39 -11.24
C ALA B 126 9.83 -38.88 -11.60
N VAL B 127 8.71 -39.57 -11.45
CA VAL B 127 8.63 -40.96 -11.87
C VAL B 127 8.91 -41.12 -13.37
N ALA B 128 8.25 -40.32 -14.20
CA ALA B 128 8.38 -40.54 -15.67
C ALA B 128 9.85 -40.43 -16.07
N SER B 129 10.55 -39.42 -15.52
CA SER B 129 11.98 -39.23 -15.89
C SER B 129 12.87 -40.27 -15.29
N ALA B 130 12.53 -40.74 -14.09
CA ALA B 130 13.25 -41.82 -13.46
C ALA B 130 13.17 -43.13 -14.27
N LEU B 131 11.96 -43.46 -14.75
CA LEU B 131 11.78 -44.65 -15.59
C LEU B 131 12.55 -44.52 -16.90
N ARG B 132 12.53 -43.32 -17.50
CA ARG B 132 13.27 -43.09 -18.71
C ARG B 132 14.76 -43.29 -18.43
N LEU B 133 15.23 -42.82 -17.28
CA LEU B 133 16.65 -42.96 -16.92
C LEU B 133 17.02 -44.42 -16.84
N ALA B 134 16.15 -45.25 -16.25
CA ALA B 134 16.39 -46.68 -16.17
C ALA B 134 16.39 -47.39 -17.55
N ARG B 135 15.46 -46.99 -18.41
CA ARG B 135 15.44 -47.55 -19.78
C ARG B 135 16.69 -47.12 -20.53
N ALA B 136 17.05 -45.84 -20.43
CA ALA B 136 18.24 -45.32 -21.15
C ALA B 136 19.54 -45.97 -20.65
N THR B 137 19.61 -46.22 -19.35
CA THR B 137 20.82 -46.70 -18.71
C THR B 137 21.06 -48.19 -19.01
N THR B 138 20.01 -48.98 -18.90
CA THR B 138 20.10 -50.41 -19.11
C THR B 138 20.01 -50.78 -20.58
N GLY B 139 19.52 -49.87 -21.43
CA GLY B 139 19.25 -50.19 -22.82
C GLY B 139 18.09 -51.15 -22.96
N ARG B 140 17.23 -51.23 -21.94
CA ARG B 140 16.06 -52.12 -21.95
C ARG B 140 14.84 -51.26 -21.91
N THR B 141 13.67 -51.87 -22.04
CA THR B 141 12.43 -51.13 -22.05
C THR B 141 11.39 -51.58 -21.03
N LEU B 142 11.41 -52.86 -20.63
CA LEU B 142 10.36 -53.44 -19.79
C LEU B 142 10.39 -52.92 -18.37
N VAL B 143 9.26 -52.46 -17.87
CA VAL B 143 9.15 -52.03 -16.47
C VAL B 143 8.13 -52.86 -15.71
N VAL B 144 8.45 -53.22 -14.46
CA VAL B 144 7.59 -54.03 -13.61
C VAL B 144 6.93 -53.15 -12.54
N THR B 145 5.62 -53.33 -12.38
CA THR B 145 4.87 -52.65 -11.33
C THR B 145 4.14 -53.67 -10.46
N PHE B 146 3.58 -53.21 -9.35
CA PHE B 146 2.74 -54.08 -8.52
C PHE B 146 1.31 -53.52 -8.46
N GLU B 147 0.35 -54.43 -8.36
CA GLU B 147 -1.04 -54.06 -8.34
C GLU B 147 -1.41 -53.23 -7.13
N GLY B 148 -2.05 -52.09 -7.40
CA GLY B 148 -2.46 -51.12 -6.38
C GLY B 148 -1.39 -50.05 -6.11
N HIS B 149 -0.17 -50.27 -6.60
CA HIS B 149 0.92 -49.34 -6.40
C HIS B 149 0.77 -48.22 -7.43
N TYR B 150 0.78 -46.98 -6.96
CA TYR B 150 0.51 -45.88 -7.82
C TYR B 150 1.81 -45.06 -7.99
N HIS B 151 2.14 -44.77 -9.24
CA HIS B 151 3.33 -43.99 -9.55
C HIS B 151 3.03 -42.75 -10.40
N GLY B 152 1.85 -42.19 -10.25
CA GLY B 152 1.45 -40.99 -10.95
C GLY B 152 0.76 -41.40 -12.24
N TRP B 153 0.50 -40.42 -13.10
CA TRP B 153 -0.40 -40.64 -14.23
C TRP B 153 0.30 -40.54 -15.57
N SER B 154 1.63 -40.66 -15.59
CA SER B 154 2.36 -40.63 -16.87
C SER B 154 1.95 -41.82 -17.73
N GLU B 155 2.18 -41.66 -19.03
CA GLU B 155 1.65 -42.55 -20.05
C GLU B 155 2.07 -44.04 -19.89
N THR B 156 3.31 -44.33 -19.47
CA THR B 156 3.79 -45.73 -19.35
C THR B 156 3.49 -46.42 -18.02
N VAL B 157 2.94 -45.70 -17.04
CA VAL B 157 2.59 -46.33 -15.74
C VAL B 157 1.14 -46.24 -15.27
N LEU B 158 0.31 -45.40 -15.90
CA LEU B 158 -1.08 -45.21 -15.43
C LEU B 158 -1.97 -46.43 -15.66
N ARG B 159 -2.10 -47.26 -14.63
CA ARG B 159 -2.99 -48.43 -14.61
C ARG B 159 -4.29 -48.10 -13.86
N ALA B 160 -5.33 -48.91 -14.08
CA ALA B 160 -6.63 -48.69 -13.47
C ALA B 160 -6.50 -48.53 -11.95
N THR B 170 -10.80 -60.73 -13.75
CA THR B 170 -9.61 -59.89 -13.64
C THR B 170 -8.59 -60.47 -12.64
N ARG B 171 -7.32 -60.54 -13.09
CA ARG B 171 -6.13 -61.02 -12.34
C ARG B 171 -5.13 -59.87 -12.04
N PRO B 172 -4.26 -60.02 -11.02
CA PRO B 172 -3.26 -59.02 -10.74
C PRO B 172 -2.18 -58.84 -11.82
N THR B 173 -2.05 -59.83 -12.69
CA THR B 173 -1.15 -59.73 -13.84
C THR B 173 -1.76 -59.00 -15.03
N ASP B 174 -3.05 -58.71 -15.00
CA ASP B 174 -3.67 -57.93 -16.07
C ASP B 174 -3.23 -56.48 -15.96
N VAL B 175 -2.79 -55.91 -17.07
CA VAL B 175 -2.36 -54.52 -17.15
C VAL B 175 -3.46 -53.76 -17.86
N VAL B 176 -4.25 -52.99 -17.11
CA VAL B 176 -5.42 -52.28 -17.62
C VAL B 176 -5.14 -50.74 -17.60
N PRO B 177 -5.15 -50.08 -18.75
CA PRO B 177 -5.00 -48.63 -18.77
C PRO B 177 -5.94 -47.88 -17.81
N GLY B 178 -5.39 -46.82 -17.18
CA GLY B 178 -6.11 -46.10 -16.11
C GLY B 178 -6.83 -44.83 -16.52
N ALA B 179 -6.69 -44.41 -17.77
CA ALA B 179 -7.33 -43.21 -18.25
C ALA B 179 -7.80 -43.42 -19.67
N LEU B 180 -8.91 -42.80 -20.03
CA LEU B 180 -9.31 -42.70 -21.40
C LEU B 180 -8.31 -41.81 -22.13
N GLY B 181 -8.17 -42.04 -23.43
CA GLY B 181 -7.38 -41.18 -24.28
C GLY B 181 -5.89 -41.39 -24.24
N MET B 182 -5.46 -42.51 -23.66
CA MET B 182 -4.06 -42.97 -23.74
C MET B 182 -3.80 -43.67 -25.07
N ILE B 183 -2.59 -43.54 -25.61
CA ILE B 183 -2.27 -44.29 -26.83
C ILE B 183 -2.33 -45.79 -26.53
N PRO B 184 -2.76 -46.58 -27.52
CA PRO B 184 -3.00 -48.01 -27.28
C PRO B 184 -1.74 -48.76 -26.80
N GLU B 185 -0.56 -48.28 -27.17
CA GLU B 185 0.68 -48.96 -26.82
C GLU B 185 1.21 -48.50 -25.45
N ALA B 186 0.45 -47.65 -24.75
CA ALA B 186 1.01 -46.94 -23.60
C ALA B 186 1.66 -47.91 -22.64
N LEU B 187 1.00 -49.06 -22.42
CA LEU B 187 1.42 -49.99 -21.39
C LEU B 187 2.05 -51.25 -21.93
N ALA B 188 2.42 -51.22 -23.22
CA ALA B 188 2.97 -52.39 -23.90
C ALA B 188 4.21 -52.92 -23.22
N HIS B 189 4.98 -52.04 -22.57
CA HIS B 189 6.26 -52.36 -21.96
C HIS B 189 6.16 -52.26 -20.45
N THR B 190 4.96 -52.41 -19.94
CA THR B 190 4.71 -52.36 -18.53
C THR B 190 3.92 -53.60 -18.11
N VAL B 191 4.37 -54.22 -17.02
CA VAL B 191 3.90 -55.51 -16.58
C VAL B 191 3.55 -55.36 -15.08
N GLN B 192 2.73 -56.27 -14.56
CA GLN B 192 2.28 -56.14 -13.20
C GLN B 192 2.22 -57.50 -12.52
N LEU B 193 2.56 -57.51 -11.21
CA LEU B 193 2.37 -58.63 -10.31
C LEU B 193 1.61 -58.18 -9.07
N GLY B 194 1.18 -59.14 -8.26
CA GLY B 194 0.62 -58.88 -6.96
C GLY B 194 1.71 -58.53 -5.95
N TRP B 195 1.40 -57.60 -5.06
CA TRP B 195 2.26 -57.17 -3.98
C TRP B 195 2.51 -58.35 -3.05
N ASN B 196 3.72 -58.47 -2.53
CA ASN B 196 4.12 -59.50 -1.59
C ASN B 196 3.88 -60.92 -2.07
N ASP B 197 4.13 -61.18 -3.36
CA ASP B 197 4.00 -62.54 -3.95
C ASP B 197 5.37 -62.99 -4.46
N PRO B 198 6.24 -63.53 -3.55
CA PRO B 198 7.62 -63.89 -3.96
C PRO B 198 7.74 -64.95 -5.06
N ASP B 199 6.88 -65.95 -5.03
CA ASP B 199 6.86 -66.98 -6.09
C ASP B 199 6.69 -66.35 -7.47
N ALA B 200 5.68 -65.49 -7.61
CA ALA B 200 5.38 -64.82 -8.86
C ALA B 200 6.53 -63.95 -9.31
N LEU B 201 7.13 -63.25 -8.37
CA LEU B 201 8.27 -62.39 -8.65
C LEU B 201 9.48 -63.18 -9.11
N ARG B 202 9.73 -64.31 -8.46
CA ARG B 202 10.84 -65.19 -8.84
C ARG B 202 10.61 -65.75 -10.22
N GLU B 203 9.38 -66.16 -10.50
CA GLU B 203 9.07 -66.75 -11.80
C GLU B 203 9.26 -65.73 -12.91
N LEU B 204 8.76 -64.51 -12.65
CA LEU B 204 8.96 -63.42 -13.59
C LEU B 204 10.45 -63.26 -13.94
N PHE B 205 11.28 -63.09 -12.92
CA PHE B 205 12.72 -62.88 -13.15
C PHE B 205 13.42 -64.05 -13.78
N ALA B 206 13.00 -65.26 -13.47
CA ALA B 206 13.58 -66.47 -14.10
C ALA B 206 13.33 -66.44 -15.60
N ARG B 207 12.17 -65.93 -16.00
CA ARG B 207 11.81 -65.87 -17.43
C ARG B 207 12.36 -64.64 -18.13
N ASP B 208 12.32 -63.50 -17.46
CA ASP B 208 12.51 -62.20 -18.11
C ASP B 208 13.48 -61.22 -17.40
N GLY B 209 14.22 -61.72 -16.42
CA GLY B 209 15.09 -60.88 -15.60
C GLY B 209 16.02 -60.05 -16.45
N ASP B 210 16.53 -60.66 -17.52
CA ASP B 210 17.45 -60.00 -18.45
C ASP B 210 16.88 -58.93 -19.39
N ARG B 211 15.54 -58.86 -19.50
CA ARG B 211 14.84 -57.82 -20.33
C ARG B 211 14.30 -56.67 -19.49
N ILE B 212 14.41 -56.75 -18.17
CA ILE B 212 13.77 -55.76 -17.30
C ILE B 212 14.67 -54.55 -17.07
N ALA B 213 14.21 -53.36 -17.50
CA ALA B 213 14.89 -52.11 -17.20
C ALA B 213 14.78 -51.75 -15.74
N ALA B 214 13.57 -51.87 -15.18
CA ALA B 214 13.31 -51.43 -13.79
C ALA B 214 12.14 -52.16 -13.16
N VAL B 215 12.23 -52.33 -11.85
CA VAL B 215 11.09 -52.61 -11.03
C VAL B 215 10.79 -51.35 -10.24
N ILE B 216 9.59 -50.79 -10.40
CA ILE B 216 9.19 -49.67 -9.56
C ILE B 216 8.21 -50.15 -8.49
N VAL B 217 8.32 -49.60 -7.28
CA VAL B 217 7.58 -50.10 -6.15
C VAL B 217 7.39 -49.07 -5.04
N GLU B 218 6.21 -49.06 -4.42
CA GLU B 218 5.98 -48.35 -3.16
C GLU B 218 6.48 -49.26 -2.07
N PRO B 219 7.61 -48.88 -1.43
CA PRO B 219 8.20 -49.85 -0.49
C PRO B 219 7.22 -50.20 0.64
N VAL B 220 6.44 -49.25 1.10
CA VAL B 220 5.22 -49.53 1.83
C VAL B 220 4.08 -49.11 0.90
N LEU B 221 3.16 -50.02 0.62
CA LEU B 221 2.02 -49.70 -0.24
C LEU B 221 1.09 -48.78 0.54
N ALA B 222 1.03 -47.50 0.18
CA ALA B 222 0.17 -46.53 0.90
C ALA B 222 -1.13 -46.12 0.17
N ASN B 223 -1.15 -46.17 -1.17
CA ASN B 223 -2.35 -45.82 -1.95
C ASN B 223 -3.40 -46.96 -2.10
N ALA B 224 -3.32 -47.97 -1.24
CA ALA B 224 -4.29 -49.06 -1.26
C ALA B 224 -4.16 -49.82 0.04
N GLY B 225 -4.59 -49.16 1.11
CA GLY B 225 -4.36 -49.62 2.47
C GLY B 225 -2.92 -49.26 2.72
N VAL B 226 -2.45 -49.55 3.90
CA VAL B 226 -1.07 -49.26 4.22
C VAL B 226 -0.44 -50.62 4.43
N ILE B 227 -0.25 -51.35 3.35
CA ILE B 227 0.29 -52.70 3.43
C ILE B 227 1.82 -52.67 3.38
N PRO B 228 2.46 -52.91 4.52
CA PRO B 228 3.89 -52.98 4.51
C PRO B 228 4.40 -54.20 3.74
N PRO B 229 5.68 -54.21 3.41
CA PRO B 229 6.19 -55.36 2.68
C PRO B 229 6.31 -56.54 3.65
N ALA B 230 6.01 -57.74 3.18
CA ALA B 230 6.19 -58.96 3.97
C ALA B 230 7.67 -59.12 4.30
N PRO B 231 7.95 -59.76 5.44
CA PRO B 231 9.35 -60.07 5.82
C PRO B 231 10.14 -60.66 4.65
N GLY B 232 11.26 -60.02 4.32
CA GLY B 232 12.15 -60.48 3.25
C GLY B 232 11.81 -60.07 1.81
N PHE B 233 10.67 -59.41 1.59
CA PHE B 233 10.23 -59.13 0.23
C PHE B 233 11.09 -58.07 -0.44
N LEU B 234 11.34 -56.97 0.23
CA LEU B 234 12.22 -55.94 -0.33
C LEU B 234 13.63 -56.50 -0.54
N GLN B 235 14.09 -57.33 0.37
CA GLN B 235 15.42 -57.91 0.26
C GLN B 235 15.46 -58.73 -1.03
N LEU B 236 14.40 -59.50 -1.25
CA LEU B 236 14.29 -60.35 -2.40
C LEU B 236 14.31 -59.54 -3.68
N LEU B 237 13.61 -58.40 -3.66
CA LEU B 237 13.55 -57.52 -4.82
C LEU B 237 14.90 -56.99 -5.17
N ARG B 238 15.59 -56.51 -4.16
CA ARG B 238 16.98 -56.01 -4.31
C ARG B 238 17.91 -57.09 -4.89
N GLU B 239 17.71 -58.34 -4.47
CA GLU B 239 18.59 -59.39 -4.94
C GLU B 239 18.33 -59.71 -6.42
N LEU B 240 17.05 -59.84 -6.78
CA LEU B 240 16.69 -60.24 -8.13
C LEU B 240 17.07 -59.13 -9.10
N THR B 241 16.71 -57.89 -8.77
CA THR B 241 17.08 -56.77 -9.61
C THR B 241 18.61 -56.64 -9.77
N GLY B 242 19.37 -56.79 -8.68
CA GLY B 242 20.83 -56.68 -8.72
C GLY B 242 21.48 -57.77 -9.57
N ARG B 243 21.00 -58.98 -9.38
CA ARG B 243 21.45 -60.14 -10.14
C ARG B 243 21.17 -59.99 -11.63
N SER B 244 20.02 -59.40 -11.97
CA SER B 244 19.59 -59.33 -13.38
C SER B 244 20.05 -58.09 -14.10
N GLY B 245 20.54 -57.10 -13.36
CA GLY B 245 20.94 -55.83 -13.95
C GLY B 245 19.78 -54.89 -14.17
N ALA B 246 18.68 -55.12 -13.46
CA ALA B 246 17.53 -54.22 -13.49
C ALA B 246 17.67 -53.18 -12.39
N MET B 247 17.28 -51.94 -12.66
CA MET B 247 17.36 -50.90 -11.62
C MET B 247 16.16 -51.06 -10.70
N LEU B 248 16.42 -50.99 -9.40
CA LEU B 248 15.36 -51.00 -8.41
C LEU B 248 14.99 -49.53 -8.10
N VAL B 249 13.73 -49.17 -8.34
CA VAL B 249 13.22 -47.83 -8.11
C VAL B 249 12.24 -47.85 -6.94
N PHE B 250 12.59 -47.21 -5.82
CA PHE B 250 11.65 -47.02 -4.74
C PHE B 250 10.95 -45.72 -4.99
N ASP B 251 9.63 -45.79 -5.13
CA ASP B 251 8.78 -44.60 -5.11
C ASP B 251 8.53 -44.27 -3.66
N GLU B 252 9.30 -43.33 -3.13
CA GLU B 252 9.11 -42.85 -1.77
C GLU B 252 8.40 -41.50 -1.68
N VAL B 253 7.54 -41.21 -2.66
CA VAL B 253 6.80 -39.96 -2.70
C VAL B 253 6.02 -39.78 -1.41
N ILE B 254 5.44 -40.87 -0.92
CA ILE B 254 4.74 -40.85 0.35
C ILE B 254 5.65 -41.25 1.52
N THR B 255 6.38 -42.35 1.40
CA THR B 255 7.17 -42.86 2.54
C THR B 255 8.44 -42.05 2.90
N GLY B 256 8.99 -41.31 1.95
CA GLY B 256 10.20 -40.51 2.22
C GLY B 256 10.00 -39.42 3.25
N PHE B 257 10.91 -39.35 4.20
CA PHE B 257 10.81 -38.44 5.36
C PHE B 257 9.53 -38.59 6.14
N ARG B 258 8.90 -39.75 6.05
CA ARG B 258 7.63 -40.00 6.76
C ARG B 258 7.72 -41.20 7.70
N VAL B 259 8.08 -42.37 7.15
CA VAL B 259 8.15 -43.62 7.94
C VAL B 259 9.45 -43.69 8.73
N ALA B 260 10.39 -42.81 8.38
CA ALA B 260 11.67 -42.63 9.07
C ALA B 260 12.32 -41.42 8.40
N ARG B 261 13.39 -40.91 8.98
CA ARG B 261 14.06 -39.74 8.41
C ARG B 261 14.57 -40.04 6.99
N GLY B 262 15.17 -41.20 6.81
CA GLY B 262 15.64 -41.68 5.51
C GLY B 262 14.67 -42.61 4.80
N GLY B 263 13.38 -42.47 5.10
CA GLY B 263 12.33 -43.20 4.42
C GLY B 263 12.30 -44.68 4.71
N ALA B 264 11.60 -45.43 3.84
CA ALA B 264 11.53 -46.88 3.95
C ALA B 264 12.89 -47.56 3.69
N GLN B 265 13.68 -46.97 2.81
CA GLN B 265 15.07 -47.31 2.59
C GLN B 265 15.79 -47.61 3.89
N GLU B 266 15.71 -46.65 4.81
CA GLU B 266 16.39 -46.68 6.07
C GLU B 266 15.66 -47.61 6.99
N ARG B 267 14.35 -47.45 7.07
CA ARG B 267 13.56 -48.21 8.01
C ARG B 267 13.74 -49.71 7.78
N TYR B 268 13.81 -50.14 6.51
CA TYR B 268 13.87 -51.56 6.22
C TYR B 268 15.26 -52.03 5.78
N GLY B 269 16.23 -51.11 5.78
CA GLY B 269 17.61 -51.46 5.46
C GLY B 269 17.85 -52.04 4.07
N VAL B 270 17.15 -51.53 3.08
CA VAL B 270 17.33 -51.99 1.67
C VAL B 270 17.49 -50.76 0.79
N GLU B 271 18.55 -50.72 0.00
CA GLU B 271 18.88 -49.55 -0.78
C GLU B 271 18.57 -49.81 -2.25
N PRO B 272 17.71 -48.96 -2.84
CA PRO B 272 17.39 -49.04 -4.25
C PRO B 272 18.44 -48.32 -5.10
N ASP B 273 18.33 -48.45 -6.42
CA ASP B 273 19.18 -47.76 -7.39
C ASP B 273 18.74 -46.32 -7.60
N LEU B 274 17.44 -46.11 -7.71
CA LEU B 274 16.87 -44.77 -7.83
C LEU B 274 15.76 -44.59 -6.77
N THR B 275 15.58 -43.36 -6.30
CA THR B 275 14.58 -43.05 -5.29
C THR B 275 13.79 -41.87 -5.78
N VAL B 276 12.47 -41.93 -5.73
CA VAL B 276 11.65 -40.76 -6.05
C VAL B 276 11.12 -40.15 -4.76
N LEU B 277 11.18 -38.82 -4.66
CA LEU B 277 10.76 -38.07 -3.46
C LEU B 277 9.84 -36.94 -3.81
N SER B 278 8.96 -36.58 -2.87
CA SER B 278 8.08 -35.41 -2.98
C SER B 278 7.42 -35.15 -1.60
N ARG B 279 6.29 -34.49 -1.55
CA ARG B 279 5.40 -34.46 -0.36
C ARG B 279 6.03 -33.83 0.85
N VAL B 280 6.53 -34.64 1.79
CA VAL B 280 7.10 -34.12 3.03
C VAL B 280 8.30 -33.24 2.68
N MET B 281 9.01 -33.61 1.62
CA MET B 281 10.24 -32.91 1.21
C MET B 281 10.01 -31.41 1.07
N GLY B 282 8.93 -31.02 0.41
CA GLY B 282 8.63 -29.62 0.18
C GLY B 282 7.54 -29.03 1.04
N GLY B 283 7.06 -29.77 2.05
CA GLY B 283 6.04 -29.29 2.98
C GLY B 283 4.75 -28.77 2.37
N GLY B 284 4.37 -29.34 1.25
CA GLY B 284 3.19 -28.88 0.51
C GLY B 284 3.45 -27.99 -0.69
N PHE B 285 4.66 -27.49 -0.87
CA PHE B 285 4.98 -26.75 -2.07
C PHE B 285 5.09 -27.74 -3.23
N PRO B 286 4.62 -27.38 -4.42
CA PRO B 286 4.75 -28.36 -5.50
C PRO B 286 6.20 -28.61 -5.94
N VAL B 287 6.77 -29.72 -5.48
CA VAL B 287 8.16 -30.07 -5.73
C VAL B 287 8.36 -31.56 -5.52
N ALA B 288 9.25 -32.13 -6.33
CA ALA B 288 9.60 -33.54 -6.27
C ALA B 288 11.04 -33.68 -6.75
N ALA B 289 11.59 -34.87 -6.57
CA ALA B 289 12.94 -35.16 -7.03
C ALA B 289 13.08 -36.64 -7.30
N PHE B 290 14.07 -36.99 -8.09
CA PHE B 290 14.50 -38.37 -8.13
C PHE B 290 16.00 -38.39 -8.13
N GLY B 291 16.59 -39.43 -7.56
CA GLY B 291 18.03 -39.50 -7.48
C GLY B 291 18.54 -40.86 -7.08
N GLY B 292 19.86 -40.97 -7.04
CA GLY B 292 20.52 -42.19 -6.58
C GLY B 292 22.01 -41.91 -6.36
N ARG B 293 22.81 -42.97 -6.29
CA ARG B 293 24.26 -42.81 -6.20
C ARG B 293 24.80 -42.38 -7.56
N ARG B 294 26.07 -41.96 -7.57
CA ARG B 294 26.64 -41.38 -8.80
C ARG B 294 26.62 -42.32 -9.99
N HIS B 295 26.80 -43.61 -9.74
CA HIS B 295 26.76 -44.59 -10.82
C HIS B 295 25.36 -44.62 -11.49
N ALA B 296 24.31 -44.78 -10.72
CA ALA B 296 22.94 -44.84 -11.25
C ALA B 296 22.54 -43.53 -11.95
N MET B 297 23.12 -42.40 -11.51
CA MET B 297 22.79 -41.09 -12.07
C MET B 297 23.70 -40.62 -13.21
N ARG B 298 24.56 -41.50 -13.69
CA ARG B 298 25.66 -41.13 -14.58
C ARG B 298 25.21 -40.50 -15.90
N MET B 299 24.08 -40.97 -16.46
CA MET B 299 23.64 -40.42 -17.74
C MET B 299 23.05 -39.02 -17.60
N LEU B 300 22.69 -38.63 -16.38
CA LEU B 300 22.21 -37.28 -16.14
C LEU B 300 23.35 -36.36 -15.80
N ALA B 301 24.42 -36.91 -15.22
CA ALA B 301 25.63 -36.13 -14.89
C ALA B 301 26.28 -35.70 -16.18
N SER B 302 26.19 -36.55 -17.20
CA SER B 302 26.74 -36.25 -18.51
C SER B 302 25.75 -35.47 -19.40
N ASN B 303 24.53 -35.25 -18.91
CA ASN B 303 23.45 -34.60 -19.66
C ASN B 303 23.11 -35.29 -21.00
N GLU B 304 23.32 -36.61 -21.02
CA GLU B 304 22.97 -37.42 -22.17
C GLU B 304 21.50 -37.86 -22.04
N ALA B 305 21.09 -38.25 -20.84
CA ALA B 305 19.69 -38.59 -20.57
C ALA B 305 18.88 -37.30 -20.30
N HIS B 306 17.57 -37.47 -20.21
CA HIS B 306 16.68 -36.32 -20.27
C HIS B 306 15.86 -36.12 -19.02
N HIS B 307 15.75 -34.86 -18.67
CA HIS B 307 14.68 -34.41 -17.82
C HIS B 307 14.48 -32.94 -18.13
N ALA B 308 13.30 -32.41 -17.83
CA ALA B 308 13.02 -31.03 -18.19
C ALA B 308 11.93 -30.42 -17.34
N GLY B 309 11.53 -29.20 -17.70
CA GLY B 309 10.44 -28.50 -17.04
C GLY B 309 10.95 -27.15 -16.57
N VAL B 310 10.37 -26.11 -17.13
CA VAL B 310 10.86 -24.78 -16.90
C VAL B 310 10.90 -24.44 -15.39
N TYR B 311 9.94 -24.97 -14.63
CA TYR B 311 9.83 -24.70 -13.18
C TYR B 311 10.65 -25.65 -12.32
N ALA B 312 11.27 -26.64 -12.93
CA ALA B 312 11.90 -27.66 -12.16
C ALA B 312 13.02 -27.02 -11.36
N GLY B 313 13.04 -27.28 -10.05
CA GLY B 313 14.12 -26.81 -9.21
C GLY B 313 14.09 -25.28 -9.05
N ASN B 314 12.92 -24.66 -9.14
CA ASN B 314 12.87 -23.21 -8.99
C ASN B 314 13.24 -22.83 -7.57
N HIS B 315 13.53 -21.55 -7.36
CA HIS B 315 14.16 -21.12 -6.10
C HIS B 315 13.21 -21.19 -4.91
N ALA B 316 11.94 -20.84 -5.12
CA ALA B 316 10.94 -21.05 -4.08
C ALA B 316 10.80 -22.50 -3.67
N ALA B 317 10.66 -23.40 -4.64
CA ALA B 317 10.57 -24.83 -4.35
C ALA B 317 11.79 -25.35 -3.56
N LEU B 318 12.99 -24.98 -3.98
CA LEU B 318 14.19 -25.42 -3.27
C LEU B 318 14.41 -24.72 -1.91
N ARG B 319 13.92 -23.50 -1.78
CA ARG B 319 13.87 -22.88 -0.44
C ARG B 319 12.97 -23.72 0.49
N ALA B 320 11.82 -24.18 -0.02
CA ALA B 320 10.93 -25.01 0.78
C ALA B 320 11.63 -26.33 1.19
N VAL B 321 12.39 -26.93 0.27
CA VAL B 321 13.08 -28.18 0.58
C VAL B 321 14.10 -27.90 1.67
N VAL B 322 14.85 -26.82 1.53
CA VAL B 322 15.88 -26.45 2.51
C VAL B 322 15.31 -26.18 3.90
N ALA B 323 14.23 -25.41 3.95
CA ALA B 323 13.58 -25.13 5.23
C ALA B 323 12.97 -26.39 5.86
N MET B 324 12.35 -27.24 5.03
CA MET B 324 11.62 -28.39 5.55
C MET B 324 12.59 -29.44 6.00
N LEU B 325 13.55 -29.77 5.15
CA LEU B 325 14.51 -30.80 5.51
C LEU B 325 15.48 -30.29 6.59
N GLY B 326 15.79 -28.98 6.59
CA GLY B 326 16.53 -28.35 7.67
C GLY B 326 15.84 -28.48 9.00
N LYS B 327 14.55 -28.19 9.01
CA LYS B 327 13.73 -28.39 10.23
C LYS B 327 13.72 -29.85 10.72
N ILE B 328 13.47 -30.79 9.82
CA ILE B 328 13.44 -32.23 10.19
C ILE B 328 14.80 -32.70 10.76
N ARG B 329 15.87 -32.27 10.12
CA ARG B 329 17.22 -32.59 10.54
C ARG B 329 17.52 -32.09 11.95
N SER B 330 16.96 -30.93 12.29
CA SER B 330 17.22 -30.32 13.59
C SER B 330 16.45 -30.97 14.73
N LEU B 331 15.61 -31.96 14.41
CA LEU B 331 14.71 -32.61 15.40
C LEU B 331 15.01 -34.10 15.44
N PRO B 332 16.06 -34.48 16.17
CA PRO B 332 16.54 -35.85 16.07
C PRO B 332 15.63 -36.90 16.71
N ASP B 333 14.71 -36.48 17.56
CA ASP B 333 13.70 -37.43 18.11
C ASP B 333 12.28 -37.32 17.47
N LEU B 334 12.19 -36.68 16.31
CA LEU B 334 10.90 -36.43 15.64
C LEU B 334 10.15 -37.71 15.36
N TYR B 335 10.86 -38.67 14.76
CA TYR B 335 10.23 -39.92 14.30
C TYR B 335 9.82 -40.80 15.47
N GLU B 336 10.47 -40.63 16.63
CA GLU B 336 10.03 -41.30 17.86
C GLU B 336 8.72 -40.71 18.39
N ARG B 337 8.59 -39.39 18.37
CA ARG B 337 7.36 -38.75 18.79
C ARG B 337 6.21 -39.01 17.80
N LEU B 338 6.50 -39.00 16.50
CA LEU B 338 5.48 -39.33 15.49
C LEU B 338 4.98 -40.73 15.72
N GLU B 339 5.88 -41.64 16.09
CA GLU B 339 5.51 -43.03 16.37
C GLU B 339 4.53 -43.11 17.54
N ASP B 340 4.79 -42.33 18.60
CA ASP B 340 3.86 -42.27 19.77
C ASP B 340 2.49 -41.72 19.35
N THR B 341 2.51 -40.67 18.53
CA THR B 341 1.28 -40.11 17.97
C THR B 341 0.45 -41.18 17.24
N GLY B 342 1.09 -41.93 16.37
CA GLY B 342 0.44 -42.98 15.60
C GLY B 342 -0.07 -44.11 16.47
N GLN B 343 0.73 -44.49 17.46
CA GLN B 343 0.35 -45.56 18.35
C GLN B 343 -0.90 -45.14 19.10
N TYR B 344 -0.89 -43.91 19.61
CA TYR B 344 -2.03 -43.43 20.37
C TYR B 344 -3.29 -43.38 19.50
N MET B 345 -3.15 -42.99 18.24
CA MET B 345 -4.33 -42.94 17.36
C MET B 345 -4.78 -44.37 17.13
N GLU B 346 -3.84 -45.25 16.81
CA GLU B 346 -4.17 -46.64 16.60
C GLU B 346 -4.90 -47.23 17.80
N ASP B 347 -4.35 -47.08 19.02
CA ASP B 347 -4.97 -47.67 20.21
C ASP B 347 -6.38 -47.11 20.46
N THR B 348 -6.52 -45.79 20.32
CA THR B 348 -7.80 -45.10 20.52
C THR B 348 -8.87 -45.57 19.56
N VAL B 349 -8.53 -45.64 18.28
CA VAL B 349 -9.48 -46.06 17.26
C VAL B 349 -9.87 -47.52 17.41
N ARG B 350 -8.90 -48.39 17.74
CA ARG B 350 -9.22 -49.81 18.09
C ARG B 350 -10.25 -49.94 19.24
N GLU B 351 -10.05 -49.17 20.33
CA GLU B 351 -10.97 -49.22 21.46
C GLU B 351 -12.35 -48.79 20.99
N VAL B 352 -12.44 -47.67 20.27
CA VAL B 352 -13.74 -47.13 19.89
C VAL B 352 -14.53 -48.13 19.05
N PHE B 353 -13.87 -48.80 18.12
CA PHE B 353 -14.53 -49.83 17.29
C PHE B 353 -14.86 -51.10 18.10
N ALA B 354 -13.97 -51.48 19.01
CA ALA B 354 -14.18 -52.66 19.86
C ALA B 354 -15.39 -52.45 20.74
N THR B 355 -15.43 -51.32 21.43
CA THR B 355 -16.55 -50.97 22.31
C THR B 355 -17.89 -51.00 21.57
N GLU B 356 -17.88 -50.55 20.32
CA GLU B 356 -19.08 -50.59 19.47
C GLU B 356 -19.30 -51.94 18.81
N LYS B 357 -18.36 -52.86 18.96
CA LYS B 357 -18.44 -54.18 18.35
C LYS B 357 -18.53 -54.11 16.81
N ARG B 358 -17.78 -53.19 16.21
CA ARG B 358 -17.61 -53.09 14.78
C ARG B 358 -16.26 -53.66 14.40
N PRO B 359 -16.22 -54.74 13.61
CA PRO B 359 -14.91 -55.18 13.17
C PRO B 359 -14.23 -54.15 12.27
N VAL B 360 -12.91 -54.00 12.42
CA VAL B 360 -12.15 -53.00 11.69
C VAL B 360 -10.76 -53.59 11.36
N HIS B 361 -10.21 -53.24 10.21
CA HIS B 361 -8.81 -53.51 9.93
C HIS B 361 -8.02 -52.22 9.94
N ILE B 362 -6.90 -52.21 10.66
CA ILE B 362 -6.05 -51.02 10.82
C ILE B 362 -4.60 -51.41 10.59
N ASN B 363 -3.96 -50.83 9.58
CA ASN B 363 -2.52 -51.02 9.37
C ASN B 363 -1.82 -49.68 9.63
N ARG B 364 -0.65 -49.73 10.23
CA ARG B 364 0.06 -48.52 10.51
C ARG B 364 1.57 -48.66 10.31
N VAL B 365 2.19 -47.63 9.73
CA VAL B 365 3.62 -47.52 9.70
C VAL B 365 3.90 -46.06 10.03
N GLY B 366 4.22 -45.82 11.31
CA GLY B 366 4.45 -44.51 11.84
C GLY B 366 3.14 -43.75 11.82
N THR B 367 3.15 -42.61 11.14
CA THR B 367 1.99 -41.75 11.03
C THR B 367 1.18 -42.02 9.76
N LEU B 368 1.57 -43.04 9.02
CA LEU B 368 0.85 -43.50 7.82
C LEU B 368 -0.05 -44.60 8.34
N MET B 369 -1.33 -44.52 8.05
CA MET B 369 -2.33 -45.33 8.75
C MET B 369 -3.59 -45.58 7.87
N SER B 370 -4.01 -46.85 7.76
CA SER B 370 -5.31 -47.21 7.11
C SER B 370 -6.28 -47.74 8.16
N VAL B 371 -7.53 -47.31 8.02
CA VAL B 371 -8.64 -47.69 8.90
C VAL B 371 -9.84 -48.05 8.03
N ALA B 372 -10.20 -49.33 8.04
CA ALA B 372 -11.23 -49.85 7.20
C ALA B 372 -12.22 -50.68 8.01
N LEU B 373 -13.50 -50.38 7.81
CA LEU B 373 -14.59 -51.07 8.43
C LEU B 373 -14.82 -52.36 7.66
N LEU B 374 -14.89 -53.49 8.38
CA LEU B 374 -14.99 -54.80 7.75
C LEU B 374 -16.41 -55.33 7.62
N LYS B 375 -16.63 -56.23 6.66
CA LYS B 375 -17.92 -56.92 6.52
C LYS B 375 -18.19 -57.80 7.73
N GLY B 376 -19.44 -57.98 8.09
CA GLY B 376 -19.80 -58.86 9.21
C GLY B 376 -19.30 -60.26 8.93
N SER B 377 -19.26 -60.63 7.64
CA SER B 377 -18.77 -61.96 7.20
C SER B 377 -17.26 -62.02 7.00
N ALA B 378 -16.54 -60.96 7.35
CA ALA B 378 -15.09 -60.92 7.16
C ALA B 378 -14.40 -61.60 8.33
N GLU B 379 -13.20 -62.10 8.07
CA GLU B 379 -12.36 -62.72 9.10
C GLU B 379 -11.63 -61.65 9.94
N PRO B 380 -12.12 -61.35 11.16
CA PRO B 380 -11.46 -60.27 11.92
C PRO B 380 -9.94 -60.39 12.03
N SER B 381 -9.42 -61.63 12.05
CA SER B 381 -7.99 -61.88 12.30
C SER B 381 -7.08 -61.84 11.06
N ALA B 382 -7.66 -61.58 9.88
CA ALA B 382 -6.91 -61.61 8.64
C ALA B 382 -5.77 -60.60 8.62
N GLU B 383 -4.62 -60.98 8.04
CA GLU B 383 -3.58 -59.99 7.66
C GLU B 383 -3.34 -60.03 6.15
N PRO B 384 -4.17 -59.34 5.38
CA PRO B 384 -4.04 -59.38 3.96
C PRO B 384 -2.68 -58.86 3.55
N ARG B 385 -2.10 -59.49 2.54
CA ARG B 385 -0.75 -59.14 2.09
C ARG B 385 -0.78 -58.31 0.81
N ASP B 386 -1.95 -58.12 0.23
CA ASP B 386 -2.06 -57.35 -0.98
C ASP B 386 -3.45 -56.74 -1.12
N LEU B 387 -3.61 -55.90 -2.15
CA LEU B 387 -4.84 -55.16 -2.41
C LEU B 387 -6.10 -56.02 -2.51
N ARG B 388 -6.04 -57.13 -3.25
CA ARG B 388 -7.21 -58.01 -3.41
C ARG B 388 -7.64 -58.62 -2.09
N GLN B 389 -6.69 -59.14 -1.32
CA GLN B 389 -7.00 -59.74 -0.04
C GLN B 389 -7.64 -58.72 0.90
N LEU B 390 -7.15 -57.48 0.91
CA LEU B 390 -7.66 -56.44 1.82
C LEU B 390 -9.02 -55.94 1.39
N ALA B 391 -9.15 -55.67 0.10
CA ALA B 391 -10.43 -55.15 -0.44
C ALA B 391 -11.56 -56.08 -0.14
N ALA B 392 -11.27 -57.38 -0.12
CA ALA B 392 -12.31 -58.40 0.05
C ALA B 392 -12.90 -58.39 1.45
N LEU B 393 -12.14 -57.95 2.44
CA LEU B 393 -12.61 -57.90 3.83
C LEU B 393 -13.46 -56.69 4.14
N VAL B 394 -13.42 -55.71 3.24
CA VAL B 394 -13.88 -54.36 3.55
C VAL B 394 -15.31 -54.10 3.11
N ASP B 395 -16.04 -53.41 3.96
CA ASP B 395 -17.42 -53.03 3.67
C ASP B 395 -17.43 -51.59 3.18
N PHE B 396 -17.27 -51.41 1.87
CA PHE B 396 -17.11 -50.07 1.27
C PHE B 396 -18.31 -49.14 1.45
N PRO B 397 -19.53 -49.63 1.21
CA PRO B 397 -20.68 -48.74 1.42
C PRO B 397 -20.82 -48.25 2.86
N ARG B 398 -20.58 -49.12 3.84
CA ARG B 398 -20.64 -48.70 5.24
C ARG B 398 -19.51 -47.72 5.57
N HIS B 399 -18.32 -47.94 5.04
CA HIS B 399 -17.23 -46.99 5.29
C HIS B 399 -17.55 -45.60 4.73
N ARG B 400 -18.05 -45.54 3.49
CA ARG B 400 -18.51 -44.27 2.90
C ARG B 400 -19.51 -43.60 3.80
N ARG B 401 -20.41 -44.41 4.35
CA ARG B 401 -21.49 -43.88 5.18
C ARG B 401 -20.91 -43.36 6.47
N LEU B 402 -19.98 -44.12 7.04
CA LEU B 402 -19.21 -43.66 8.22
C LEU B 402 -18.49 -42.33 8.02
N GLN B 403 -17.91 -42.10 6.85
CA GLN B 403 -17.15 -40.85 6.70
C GLN B 403 -18.04 -39.62 6.54
N THR B 404 -19.20 -39.73 5.88
CA THR B 404 -20.22 -38.64 5.91
C THR B 404 -20.58 -38.29 7.34
N LEU B 405 -20.79 -39.31 8.17
CA LEU B 405 -21.21 -39.09 9.56
C LEU B 405 -20.10 -38.43 10.34
N ALA B 406 -18.88 -38.92 10.15
CA ALA B 406 -17.70 -38.36 10.82
C ALA B 406 -17.47 -36.91 10.41
N GLN B 407 -17.63 -36.64 9.12
CA GLN B 407 -17.45 -35.29 8.60
C GLN B 407 -18.41 -34.32 9.26
N LYS B 408 -19.67 -34.73 9.42
CA LYS B 408 -20.64 -33.95 10.17
C LYS B 408 -20.26 -33.76 11.61
N GLU B 409 -19.66 -34.78 12.23
CA GLU B 409 -19.14 -34.63 13.60
C GLU B 409 -17.86 -33.79 13.67
N GLY B 410 -17.34 -33.34 12.54
CA GLY B 410 -16.15 -32.48 12.51
C GLY B 410 -14.82 -33.18 12.37
N VAL B 411 -14.83 -34.35 11.72
CA VAL B 411 -13.61 -35.11 11.42
C VAL B 411 -13.65 -35.53 9.95
N TYR B 412 -12.64 -35.13 9.17
CA TYR B 412 -12.55 -35.53 7.78
C TYR B 412 -11.49 -36.60 7.55
N PHE B 413 -11.91 -37.71 6.96
CA PHE B 413 -11.01 -38.61 6.28
C PHE B 413 -11.61 -38.96 4.89
N HIS B 414 -10.81 -39.54 3.99
CA HIS B 414 -11.27 -39.90 2.63
C HIS B 414 -12.32 -41.05 2.72
N PRO B 415 -13.40 -40.96 1.95
CA PRO B 415 -14.48 -41.96 2.02
C PRO B 415 -14.12 -43.37 1.60
N ASN B 416 -13.09 -43.53 0.78
CA ASN B 416 -12.62 -44.82 0.36
C ASN B 416 -11.76 -45.40 1.49
N ALA B 417 -12.13 -46.56 1.96
CA ALA B 417 -11.42 -47.16 3.09
C ALA B 417 -9.94 -47.43 2.83
N LEU B 418 -9.58 -47.66 1.57
CA LEU B 418 -8.20 -47.95 1.19
C LEU B 418 -7.31 -46.71 1.11
N GLU B 419 -7.87 -45.52 1.21
CA GLU B 419 -7.07 -44.30 1.23
C GLU B 419 -6.58 -43.98 2.64
N PRO B 420 -5.27 -43.84 2.81
CA PRO B 420 -4.72 -43.70 4.16
C PRO B 420 -5.03 -42.36 4.86
N TRP B 421 -4.93 -42.37 6.19
CA TRP B 421 -4.81 -41.17 7.03
C TRP B 421 -3.33 -40.78 7.12
N PHE B 422 -3.07 -39.48 7.17
CA PHE B 422 -1.71 -38.93 7.27
C PHE B 422 -1.55 -38.06 8.52
N LEU B 423 -1.21 -38.67 9.65
CA LEU B 423 -1.10 -37.90 10.93
C LEU B 423 0.12 -36.97 10.94
N SER B 424 0.10 -36.02 11.86
CA SER B 424 1.07 -34.94 11.92
C SER B 424 1.33 -34.61 13.36
N THR B 425 2.32 -33.77 13.63
CA THR B 425 2.66 -33.41 15.01
C THR B 425 1.56 -32.54 15.59
N ALA B 426 0.69 -32.01 14.73
CA ALA B 426 -0.46 -31.23 15.20
C ALA B 426 -1.60 -32.10 15.70
N HIS B 427 -1.53 -33.40 15.43
CA HIS B 427 -2.51 -34.34 15.99
C HIS B 427 -2.05 -34.77 17.41
N THR B 428 -2.25 -33.87 18.36
CA THR B 428 -1.85 -34.04 19.77
C THR B 428 -2.78 -35.05 20.42
N ARG B 429 -2.51 -35.40 21.67
CA ARG B 429 -3.42 -36.28 22.42
C ARG B 429 -4.84 -35.72 22.50
N ASP B 430 -5.00 -34.43 22.76
CA ASP B 430 -6.33 -33.88 22.94
C ASP B 430 -7.12 -34.00 21.62
N VAL B 431 -6.46 -33.71 20.49
CA VAL B 431 -7.07 -33.82 19.17
C VAL B 431 -7.58 -35.25 18.91
N ILE B 432 -6.71 -36.23 19.19
CA ILE B 432 -7.04 -37.61 19.01
C ILE B 432 -8.16 -38.05 19.94
N ASP B 433 -8.19 -37.53 21.16
CA ASP B 433 -9.34 -37.76 22.06
C ASP B 433 -10.64 -37.20 21.46
N LYS B 434 -10.60 -35.99 20.90
CA LYS B 434 -11.78 -35.48 20.16
C LYS B 434 -12.14 -36.37 18.98
N VAL B 435 -11.13 -36.88 18.27
CA VAL B 435 -11.42 -37.74 17.13
C VAL B 435 -12.18 -38.98 17.59
N ALA B 436 -11.72 -39.56 18.70
CA ALA B 436 -12.37 -40.72 19.31
C ALA B 436 -13.87 -40.49 19.54
N GLY B 437 -14.19 -39.40 20.23
CA GLY B 437 -15.55 -39.01 20.48
C GLY B 437 -16.33 -38.90 19.19
N ALA B 438 -15.75 -38.23 18.19
CA ALA B 438 -16.43 -38.04 16.90
C ALA B 438 -16.68 -39.37 16.20
N LEU B 439 -15.73 -40.31 16.27
CA LEU B 439 -15.89 -41.61 15.62
C LEU B 439 -16.91 -42.48 16.34
N GLN B 440 -16.89 -42.42 17.66
CA GLN B 440 -17.89 -43.10 18.53
C GLN B 440 -19.32 -42.65 18.14
N ARG B 441 -19.54 -41.34 18.12
CA ARG B 441 -20.83 -40.77 17.76
C ARG B 441 -21.26 -41.17 16.34
N SER B 442 -20.31 -41.19 15.41
CA SER B 442 -20.62 -41.57 14.03
C SER B 442 -20.98 -43.04 13.91
N LEU B 443 -20.32 -43.91 14.67
CA LEU B 443 -20.62 -45.35 14.58
C LEU B 443 -22.01 -45.63 15.10
N VAL B 444 -22.42 -44.91 16.14
CA VAL B 444 -23.73 -45.13 16.75
C VAL B 444 -24.83 -44.78 15.73
N GLY B 445 -24.56 -43.83 14.82
CA GLY B 445 -25.49 -43.48 13.74
C GLY B 445 -25.47 -44.42 12.53
N LEU B 446 -24.61 -45.42 12.55
CA LEU B 446 -24.40 -46.30 11.40
C LEU B 446 -25.49 -47.35 11.31
N THR C 13 -18.41 0.83 -37.55
CA THR C 13 -17.96 2.23 -37.87
C THR C 13 -18.48 3.29 -36.89
N ASN C 14 -17.73 4.38 -36.75
CA ASN C 14 -18.12 5.49 -35.90
C ASN C 14 -19.53 5.98 -36.24
N ALA C 15 -19.80 6.19 -37.53
CA ALA C 15 -21.09 6.76 -37.98
C ALA C 15 -22.23 5.82 -37.67
N GLU C 16 -22.04 4.54 -37.95
CA GLU C 16 -23.06 3.52 -37.67
C GLU C 16 -23.30 3.35 -36.17
N SER C 17 -22.22 3.41 -35.40
CA SER C 17 -22.29 3.22 -33.96
C SER C 17 -23.01 4.41 -33.31
N LEU C 18 -22.74 5.63 -33.80
CA LEU C 18 -23.50 6.81 -33.40
C LEU C 18 -25.00 6.73 -33.74
N ASP C 19 -25.33 6.17 -34.90
CA ASP C 19 -26.74 5.99 -35.29
C ASP C 19 -27.45 5.03 -34.35
N GLY C 20 -26.76 3.96 -33.94
CA GLY C 20 -27.26 3.08 -32.89
C GLY C 20 -27.48 3.82 -31.57
N ILE C 21 -26.57 4.70 -31.21
CA ILE C 21 -26.69 5.46 -29.97
C ILE C 21 -27.93 6.37 -30.03
N LYS C 22 -28.14 7.00 -31.19
CA LYS C 22 -29.28 7.91 -31.42
C LYS C 22 -30.66 7.26 -31.39
N SER C 23 -30.74 5.95 -31.61
CA SER C 23 -32.05 5.29 -31.53
C SER C 23 -32.52 5.17 -30.07
N VAL C 24 -31.62 5.29 -29.09
CA VAL C 24 -32.00 5.28 -27.68
C VAL C 24 -31.62 6.53 -26.84
N ILE C 25 -30.69 7.35 -27.31
CA ILE C 25 -30.32 8.61 -26.65
C ILE C 25 -30.81 9.76 -27.57
N ALA C 26 -31.85 10.48 -27.16
CA ALA C 26 -32.47 11.48 -28.04
C ALA C 26 -31.45 12.53 -28.34
N GLY C 27 -31.10 12.65 -29.62
CA GLY C 27 -30.10 13.60 -30.11
C GLY C 27 -28.67 13.06 -30.23
N GLY C 28 -28.45 11.85 -29.74
CA GLY C 28 -27.15 11.25 -29.80
C GLY C 28 -26.25 11.53 -28.60
N VAL C 29 -26.46 12.64 -27.90
CA VAL C 29 -25.72 12.87 -26.64
C VAL C 29 -26.65 13.57 -25.66
N SER C 30 -26.42 13.32 -24.37
CA SER C 30 -27.30 13.83 -23.32
C SER C 30 -27.27 15.36 -23.21
N SER C 31 -26.13 15.95 -23.54
CA SER C 31 -25.98 17.40 -23.49
C SER C 31 -26.11 18.02 -24.88
N SER C 32 -27.06 18.95 -25.02
CA SER C 32 -27.38 19.56 -26.30
C SER C 32 -26.14 20.19 -27.00
N MET C 33 -25.19 20.74 -26.24
CA MET C 33 -23.96 21.29 -26.84
C MET C 33 -23.04 20.18 -27.35
N ARG C 34 -22.77 19.20 -26.48
CA ARG C 34 -21.84 18.12 -26.81
C ARG C 34 -22.37 17.15 -27.87
N ALA C 35 -23.65 17.28 -28.24
CA ALA C 35 -24.18 16.53 -29.38
C ALA C 35 -23.85 17.19 -30.72
N ALA C 36 -23.46 18.46 -30.71
CA ALA C 36 -22.97 19.14 -31.94
C ALA C 36 -21.43 19.19 -32.02
N ALA C 37 -20.75 18.44 -31.14
CA ALA C 37 -19.30 18.53 -30.95
C ALA C 37 -18.53 17.46 -31.73
N VAL C 38 -19.24 16.66 -32.51
CA VAL C 38 -18.62 15.59 -33.26
C VAL C 38 -19.32 15.47 -34.61
N PRO C 39 -19.27 16.56 -35.40
CA PRO C 39 -19.94 16.53 -36.70
C PRO C 39 -19.33 15.47 -37.64
N LEU C 40 -18.07 15.13 -37.45
CA LEU C 40 -17.51 13.94 -38.03
C LEU C 40 -17.56 12.91 -36.92
N PRO C 41 -18.44 11.92 -37.07
CA PRO C 41 -18.69 11.01 -35.94
C PRO C 41 -17.44 10.37 -35.33
N LEU C 42 -17.46 10.28 -34.00
CA LEU C 42 -16.43 9.65 -33.22
C LEU C 42 -17.15 9.07 -32.02
N VAL C 43 -17.12 7.74 -31.89
CA VAL C 43 -17.62 7.08 -30.68
C VAL C 43 -16.48 6.41 -29.90
N VAL C 44 -16.38 6.71 -28.61
CA VAL C 44 -15.26 6.24 -27.81
C VAL C 44 -15.49 4.80 -27.40
N ARG C 45 -14.41 4.04 -27.44
CA ARG C 45 -14.35 2.68 -26.92
C ARG C 45 -13.58 2.64 -25.57
N SER C 46 -12.46 3.38 -25.51
CA SER C 46 -11.67 3.48 -24.30
C SER C 46 -10.81 4.74 -24.35
N ALA C 47 -10.19 5.07 -23.22
CA ALA C 47 -9.36 6.24 -23.14
C ALA C 47 -8.36 6.10 -22.03
N GLY C 48 -7.17 6.69 -22.25
CA GLY C 48 -6.10 6.72 -21.25
C GLY C 48 -5.02 7.73 -21.64
N GLY C 49 -4.48 8.46 -20.66
CA GLY C 49 -3.50 9.49 -20.92
C GLY C 49 -4.22 10.61 -21.63
N CYS C 50 -3.74 10.98 -22.82
CA CYS C 50 -4.43 11.96 -23.65
C CYS C 50 -4.93 11.28 -24.92
N LEU C 51 -5.10 9.98 -24.87
CA LEU C 51 -5.45 9.23 -26.06
C LEU C 51 -6.85 8.66 -25.95
N LEU C 52 -7.64 8.85 -26.99
CA LEU C 52 -8.90 8.12 -27.17
C LEU C 52 -8.70 6.91 -28.07
N ARG C 53 -9.47 5.85 -27.83
CA ARG C 53 -9.62 4.78 -28.83
C ARG C 53 -11.05 4.72 -29.31
N ASP C 54 -11.20 4.94 -30.62
CA ASP C 54 -12.38 4.63 -31.44
C ASP C 54 -13.00 3.25 -31.33
N VAL C 55 -14.25 3.14 -31.81
CA VAL C 55 -14.84 1.83 -32.12
C VAL C 55 -14.26 1.17 -33.37
N GLU C 56 -13.55 1.93 -34.20
CA GLU C 56 -12.78 1.39 -35.32
C GLU C 56 -11.32 1.16 -34.92
N ASP C 57 -11.04 1.16 -33.61
CA ASP C 57 -9.68 1.07 -33.06
C ASP C 57 -8.67 2.16 -33.54
N GLY C 58 -9.13 3.26 -34.12
CA GLY C 58 -8.26 4.43 -34.34
C GLY C 58 -7.82 5.09 -33.03
N GLU C 59 -6.59 5.61 -33.01
CA GLU C 59 -6.08 6.37 -31.86
C GLU C 59 -6.18 7.85 -32.16
N ILE C 60 -6.74 8.62 -31.21
CA ILE C 60 -6.86 10.07 -31.32
C ILE C 60 -6.26 10.75 -30.12
N ILE C 61 -5.35 11.68 -30.38
CA ILE C 61 -4.87 12.57 -29.36
C ILE C 61 -5.97 13.59 -29.08
N ASP C 62 -6.38 13.66 -27.81
CA ASP C 62 -7.48 14.53 -27.38
C ASP C 62 -6.90 15.85 -26.81
N LEU C 63 -7.26 16.98 -27.44
CA LEU C 63 -6.89 18.31 -26.90
C LEU C 63 -8.02 18.91 -26.08
N ASN C 64 -9.21 18.30 -26.15
CA ASN C 64 -10.40 18.72 -25.40
C ASN C 64 -10.49 18.10 -23.99
N MET C 65 -10.12 16.83 -23.86
CA MET C 65 -9.97 16.16 -22.55
C MET C 65 -11.20 16.13 -21.62
N GLY C 66 -12.37 16.02 -22.23
CA GLY C 66 -13.61 15.98 -21.45
C GLY C 66 -13.97 17.26 -20.72
N TYR C 67 -13.52 18.38 -21.28
CA TYR C 67 -13.95 19.72 -20.85
C TYR C 67 -13.42 20.22 -19.44
N GLY C 68 -12.22 19.80 -19.03
CA GLY C 68 -11.54 20.41 -17.87
C GLY C 68 -11.08 19.61 -16.62
N PRO C 69 -11.67 18.44 -16.33
CA PRO C 69 -11.32 17.74 -15.09
C PRO C 69 -9.96 17.07 -15.04
N HIS C 70 -9.39 16.75 -16.20
CA HIS C 70 -8.28 15.80 -16.27
C HIS C 70 -6.93 16.48 -16.38
N LEU C 71 -6.45 16.90 -15.23
CA LEU C 71 -5.20 17.63 -15.15
C LEU C 71 -4.03 16.69 -15.46
N PHE C 72 -4.21 15.42 -15.14
CA PHE C 72 -3.20 14.41 -15.27
C PHE C 72 -3.54 13.43 -16.38
N GLY C 73 -4.55 13.72 -17.19
CA GLY C 73 -4.95 12.80 -18.25
C GLY C 73 -6.00 11.80 -17.82
N TYR C 74 -6.45 10.99 -18.77
CA TYR C 74 -7.51 10.03 -18.55
C TYR C 74 -6.97 8.82 -17.76
N ALA C 75 -7.85 8.12 -17.06
CA ALA C 75 -7.49 6.89 -16.36
C ALA C 75 -6.32 7.09 -15.42
N ASP C 76 -6.43 8.13 -14.59
CA ASP C 76 -5.40 8.42 -13.57
C ASP C 76 -5.54 7.40 -12.43
N ARG C 77 -4.59 6.48 -12.31
CA ARG C 77 -4.72 5.35 -11.38
C ARG C 77 -4.70 5.74 -9.90
N GLU C 78 -3.87 6.71 -9.55
CA GLU C 78 -3.82 7.23 -8.18
C GLU C 78 -5.17 7.74 -7.70
N VAL C 79 -6.06 8.09 -8.62
CA VAL C 79 -7.43 8.51 -8.28
C VAL C 79 -8.48 7.42 -8.53
N LEU C 80 -8.39 6.68 -9.64
CA LEU C 80 -9.21 5.44 -9.82
C LEU C 80 -9.19 4.62 -8.56
N ASP C 81 -7.98 4.28 -8.11
CA ASP C 81 -7.80 3.29 -7.05
C ASP C 81 -8.48 3.71 -5.75
N ALA C 82 -8.37 4.99 -5.42
CA ALA C 82 -9.03 5.50 -4.22
C ALA C 82 -10.56 5.41 -4.34
N VAL C 83 -11.07 5.77 -5.49
CA VAL C 83 -12.54 5.74 -5.70
C VAL C 83 -13.06 4.28 -5.68
N ALA C 84 -12.36 3.37 -6.34
CA ALA C 84 -12.73 1.96 -6.35
C ALA C 84 -12.68 1.33 -4.94
N ASP C 85 -11.69 1.72 -4.16
CA ASP C 85 -11.65 1.33 -2.77
C ASP C 85 -12.89 1.80 -1.99
N GLN C 86 -13.36 3.02 -2.27
CA GLN C 86 -14.56 3.55 -1.63
C GLN C 86 -15.83 2.78 -2.00
N PHE C 87 -15.89 2.28 -3.26
CA PHE C 87 -17.00 1.44 -3.70
C PHE C 87 -17.07 0.15 -2.88
N ALA C 88 -15.93 -0.35 -2.45
CA ALA C 88 -15.90 -1.55 -1.67
C ALA C 88 -16.26 -1.27 -0.21
N LYS C 89 -16.19 0.00 0.21
CA LYS C 89 -16.41 0.37 1.66
C LYS C 89 -17.69 1.17 1.96
N GLY C 90 -18.57 1.31 0.98
CA GLY C 90 -19.79 2.12 1.09
C GLY C 90 -19.59 3.49 0.39
N HIS C 91 -20.28 3.70 -0.73
CA HIS C 91 -20.06 4.88 -1.54
C HIS C 91 -21.10 5.91 -1.36
N MET C 92 -22.23 5.56 -0.75
CA MET C 92 -23.39 6.42 -0.70
C MET C 92 -24.33 5.93 0.37
N THR C 93 -24.25 6.54 1.54
CA THR C 93 -25.19 6.28 2.64
C THR C 93 -26.08 7.45 3.01
N GLY C 94 -25.73 8.65 2.55
CA GLY C 94 -26.52 9.82 2.87
C GLY C 94 -26.22 10.44 4.23
N LEU C 95 -25.35 9.79 4.99
CA LEU C 95 -25.02 10.20 6.35
C LEU C 95 -23.67 10.92 6.36
N PRO C 96 -23.41 11.75 7.40
CA PRO C 96 -22.06 12.31 7.56
C PRO C 96 -21.00 11.19 7.66
N HIS C 97 -19.80 11.44 7.16
CA HIS C 97 -18.80 10.37 6.95
C HIS C 97 -17.47 10.97 7.35
N GLU C 98 -16.53 10.13 7.76
CA GLU C 98 -15.13 10.61 8.06
C GLU C 98 -14.44 11.42 6.94
N LEU C 99 -14.72 11.09 5.68
CA LEU C 99 -14.15 11.80 4.55
C LEU C 99 -14.56 13.27 4.50
N ASP C 100 -15.78 13.58 4.92
CA ASP C 100 -16.34 14.92 4.74
C ASP C 100 -15.38 15.99 5.23
N ALA C 101 -14.80 15.77 6.42
CA ALA C 101 -13.84 16.73 7.02
C ALA C 101 -12.53 16.84 6.24
N ARG C 102 -12.09 15.72 5.67
CA ARG C 102 -10.86 15.67 4.88
C ARG C 102 -11.04 16.40 3.55
N ALA C 103 -12.17 16.18 2.88
CA ALA C 103 -12.46 16.90 1.65
C ALA C 103 -12.57 18.39 1.93
N GLY C 104 -13.36 18.75 2.93
CA GLY C 104 -13.53 20.16 3.26
C GLY C 104 -12.18 20.80 3.57
N ALA C 105 -11.37 20.15 4.41
CA ALA C 105 -10.08 20.72 4.87
C ALA C 105 -9.09 20.91 3.70
N LEU C 106 -9.02 19.91 2.81
CA LEU C 106 -8.24 20.05 1.60
C LEU C 106 -8.63 21.27 0.74
N ILE C 107 -9.92 21.44 0.49
CA ILE C 107 -10.38 22.60 -0.27
C ILE C 107 -9.95 23.90 0.47
N ALA C 108 -10.21 23.96 1.78
CA ALA C 108 -9.90 25.16 2.58
C ALA C 108 -8.42 25.49 2.56
N GLU C 109 -7.58 24.45 2.61
CA GLU C 109 -6.13 24.65 2.59
C GLU C 109 -5.66 25.21 1.26
N LEU C 110 -6.17 24.64 0.18
CA LEU C 110 -5.74 25.01 -1.15
C LEU C 110 -6.41 26.28 -1.70
N VAL C 111 -7.61 26.63 -1.23
CA VAL C 111 -8.30 27.81 -1.79
C VAL C 111 -8.42 28.93 -0.75
N PRO C 112 -7.75 30.08 -1.01
CA PRO C 112 -7.68 31.24 -0.07
C PRO C 112 -9.05 31.66 0.49
N GLY C 113 -9.99 31.92 -0.42
CA GLY C 113 -11.29 32.48 -0.04
C GLY C 113 -12.33 31.48 0.43
N VAL C 114 -11.93 30.23 0.67
CA VAL C 114 -12.85 29.20 1.15
C VAL C 114 -12.42 28.62 2.50
N GLU C 115 -13.33 28.71 3.48
CA GLU C 115 -13.19 28.03 4.78
C GLU C 115 -14.23 26.90 5.01
N GLN C 116 -15.42 27.03 4.43
CA GLN C 116 -16.45 26.05 4.52
C GLN C 116 -17.08 25.88 3.12
N VAL C 117 -17.59 24.68 2.86
CA VAL C 117 -18.22 24.39 1.58
C VAL C 117 -19.52 23.62 1.76
N ARG C 118 -20.31 23.56 0.68
CA ARG C 118 -21.26 22.49 0.51
C ARG C 118 -20.98 21.85 -0.84
N PHE C 119 -21.27 20.56 -0.95
CA PHE C 119 -21.07 19.81 -2.18
C PHE C 119 -22.35 19.64 -2.98
N ALA C 120 -22.16 19.43 -4.27
CA ALA C 120 -23.22 19.23 -5.26
C ALA C 120 -22.70 18.24 -6.27
N ASN C 121 -23.58 17.85 -7.18
CA ASN C 121 -23.21 16.90 -8.23
C ASN C 121 -22.64 17.58 -9.47
N SER C 122 -22.88 18.88 -9.64
CA SER C 122 -22.53 19.57 -10.89
C SER C 122 -22.29 21.05 -10.66
N GLY C 123 -21.57 21.68 -11.60
CA GLY C 123 -21.42 23.13 -11.57
C GLY C 123 -22.76 23.88 -11.65
N THR C 124 -23.68 23.34 -12.45
CA THR C 124 -25.00 23.91 -12.60
C THR C 124 -25.73 23.97 -11.23
N GLU C 125 -25.69 22.85 -10.49
CA GLU C 125 -26.31 22.80 -9.15
C GLU C 125 -25.59 23.72 -8.13
N ALA C 126 -24.26 23.66 -8.12
CA ALA C 126 -23.47 24.49 -7.23
C ALA C 126 -23.73 25.98 -7.43
N VAL C 127 -23.75 26.42 -8.70
CA VAL C 127 -24.10 27.81 -9.07
C VAL C 127 -25.53 28.21 -8.61
N ALA C 128 -26.53 27.38 -8.91
CA ALA C 128 -27.90 27.73 -8.55
C ALA C 128 -28.04 27.94 -7.00
N SER C 129 -27.52 27.03 -6.19
CA SER C 129 -27.55 27.23 -4.75
C SER C 129 -26.70 28.42 -4.26
N ALA C 130 -25.55 28.68 -4.90
CA ALA C 130 -24.67 29.80 -4.55
C ALA C 130 -25.36 31.13 -4.78
N LEU C 131 -26.07 31.22 -5.91
CA LEU C 131 -26.83 32.40 -6.20
C LEU C 131 -27.99 32.57 -5.20
N ARG C 132 -28.66 31.48 -4.85
CA ARG C 132 -29.73 31.53 -3.84
C ARG C 132 -29.15 31.98 -2.50
N LEU C 133 -27.97 31.48 -2.14
CA LEU C 133 -27.31 31.91 -0.90
C LEU C 133 -27.08 33.44 -0.91
N ALA C 134 -26.61 33.98 -2.03
CA ALA C 134 -26.37 35.42 -2.16
C ALA C 134 -27.66 36.24 -2.08
N ARG C 135 -28.71 35.74 -2.73
CA ARG C 135 -30.02 36.42 -2.62
C ARG C 135 -30.56 36.35 -1.17
N ALA C 136 -30.49 35.16 -0.53
CA ALA C 136 -30.98 34.98 0.84
C ALA C 136 -30.18 35.81 1.86
N THR C 137 -28.86 35.92 1.66
CA THR C 137 -27.95 36.58 2.61
C THR C 137 -28.07 38.10 2.53
N THR C 138 -28.14 38.63 1.32
CA THR C 138 -28.28 40.07 1.12
C THR C 138 -29.74 40.58 1.18
N GLY C 139 -30.70 39.68 1.09
CA GLY C 139 -32.09 40.08 0.95
C GLY C 139 -32.37 40.80 -0.34
N ARG C 140 -31.52 40.58 -1.33
CA ARG C 140 -31.67 41.23 -2.63
C ARG C 140 -31.92 40.15 -3.63
N THR C 141 -32.24 40.52 -4.85
CA THR C 141 -32.58 39.54 -5.89
C THR C 141 -31.74 39.66 -7.18
N LEU C 142 -31.27 40.86 -7.49
CA LEU C 142 -30.61 41.16 -8.77
C LEU C 142 -29.22 40.52 -8.86
N VAL C 143 -28.98 39.79 -9.95
CA VAL C 143 -27.67 39.16 -10.21
C VAL C 143 -27.11 39.68 -11.51
N VAL C 144 -25.81 39.95 -11.51
CA VAL C 144 -25.08 40.48 -12.65
C VAL C 144 -24.26 39.34 -13.25
N THR C 145 -24.33 39.21 -14.57
CA THR C 145 -23.51 38.30 -15.32
C THR C 145 -22.72 39.08 -16.42
N PHE C 146 -21.78 38.40 -17.07
CA PHE C 146 -21.08 38.99 -18.20
C PHE C 146 -21.33 38.15 -19.45
N GLU C 147 -21.38 38.81 -20.58
CA GLU C 147 -21.68 38.18 -21.84
C GLU C 147 -20.63 37.16 -22.24
N GLY C 148 -21.12 35.97 -22.53
CA GLY C 148 -20.27 34.84 -22.89
C GLY C 148 -19.87 33.99 -21.71
N HIS C 149 -20.07 34.51 -20.51
CA HIS C 149 -19.72 33.78 -19.32
C HIS C 149 -20.82 32.76 -19.05
N TYR C 150 -20.42 31.50 -18.84
CA TYR C 150 -21.40 30.43 -18.67
C TYR C 150 -21.34 29.89 -17.24
N HIS C 151 -22.50 29.79 -16.63
CA HIS C 151 -22.61 29.36 -15.22
C HIS C 151 -23.54 28.17 -15.05
N GLY C 152 -23.65 27.36 -16.08
CA GLY C 152 -24.56 26.21 -16.06
C GLY C 152 -25.93 26.63 -16.59
N TRP C 153 -26.87 25.70 -16.51
CA TRP C 153 -28.15 25.84 -17.19
C TRP C 153 -29.33 26.06 -16.27
N SER C 154 -29.08 26.46 -15.02
CA SER C 154 -30.18 26.68 -14.10
C SER C 154 -31.03 27.84 -14.59
N GLU C 155 -32.27 27.87 -14.10
CA GLU C 155 -33.30 28.75 -14.59
C GLU C 155 -32.97 30.26 -14.57
N THR C 156 -32.28 30.75 -13.52
CA THR C 156 -32.02 32.20 -13.43
C THR C 156 -30.76 32.68 -14.16
N VAL C 157 -29.94 31.75 -14.66
CA VAL C 157 -28.67 32.16 -15.34
C VAL C 157 -28.50 31.72 -16.80
N LEU C 158 -29.34 30.82 -17.28
CA LEU C 158 -29.13 30.28 -18.66
C LEU C 158 -29.48 31.29 -19.74
N ARG C 159 -28.42 31.96 -20.23
CA ARG C 159 -28.52 32.91 -21.36
C ARG C 159 -28.12 32.21 -22.68
N ALA C 160 -28.50 32.80 -23.81
CA ALA C 160 -28.15 32.25 -25.12
C ALA C 160 -26.65 31.98 -25.25
N ARG C 171 -27.16 43.77 -28.49
CA ARG C 171 -26.19 44.34 -27.53
C ARG C 171 -25.77 43.40 -26.37
N PRO C 172 -24.60 43.64 -25.76
CA PRO C 172 -24.17 42.80 -24.63
C PRO C 172 -25.06 42.94 -23.39
N THR C 173 -25.80 44.03 -23.33
CA THR C 173 -26.74 44.23 -22.23
C THR C 173 -28.05 43.45 -22.44
N ASP C 174 -28.29 42.89 -23.62
CA ASP C 174 -29.52 42.15 -23.85
C ASP C 174 -29.42 40.82 -23.16
N VAL C 175 -30.46 40.45 -22.42
CA VAL C 175 -30.51 39.20 -21.66
C VAL C 175 -31.48 38.28 -22.39
N VAL C 176 -30.95 37.28 -23.10
CA VAL C 176 -31.73 36.41 -23.99
C VAL C 176 -31.74 34.99 -23.43
N PRO C 177 -32.93 34.43 -23.13
CA PRO C 177 -33.02 33.06 -22.59
C PRO C 177 -32.28 32.04 -23.47
N GLY C 178 -31.63 31.07 -22.83
CA GLY C 178 -30.76 30.12 -23.53
C GLY C 178 -31.34 28.73 -23.80
N ALA C 179 -32.56 28.48 -23.34
CA ALA C 179 -33.24 27.24 -23.62
C ALA C 179 -34.72 27.49 -23.85
N LEU C 180 -35.29 26.73 -24.77
CA LEU C 180 -36.74 26.69 -24.91
C LEU C 180 -37.34 26.07 -23.64
N GLY C 181 -38.55 26.47 -23.30
CA GLY C 181 -39.27 25.86 -22.18
C GLY C 181 -38.93 26.36 -20.80
N MET C 182 -38.19 27.46 -20.73
CA MET C 182 -37.97 28.20 -19.48
C MET C 182 -39.18 29.06 -19.16
N ILE C 183 -39.47 29.27 -17.90
CA ILE C 183 -40.56 30.20 -17.58
C ILE C 183 -40.21 31.60 -18.10
N PRO C 184 -41.23 32.36 -18.54
CA PRO C 184 -40.94 33.69 -19.15
C PRO C 184 -40.20 34.69 -18.25
N GLU C 185 -40.35 34.55 -16.94
CA GLU C 185 -39.71 35.46 -15.99
C GLU C 185 -38.31 35.00 -15.58
N ALA C 186 -37.83 33.93 -16.20
CA ALA C 186 -36.65 33.26 -15.67
C ALA C 186 -35.50 34.21 -15.43
N LEU C 187 -35.32 35.15 -16.36
CA LEU C 187 -34.18 36.05 -16.35
C LEU C 187 -34.54 37.49 -16.01
N ALA C 188 -35.72 37.66 -15.42
CA ALA C 188 -36.17 38.98 -14.97
C ALA C 188 -35.23 39.68 -13.97
N HIS C 189 -34.53 38.90 -13.12
CA HIS C 189 -33.65 39.42 -12.10
C HIS C 189 -32.16 39.14 -12.43
N THR C 190 -31.88 39.01 -13.71
CA THR C 190 -30.55 38.76 -14.14
C THR C 190 -30.23 39.75 -15.25
N VAL C 191 -29.05 40.34 -15.15
CA VAL C 191 -28.60 41.48 -15.94
C VAL C 191 -27.20 41.13 -16.47
N GLN C 192 -26.80 41.77 -17.56
CA GLN C 192 -25.58 41.42 -18.26
C GLN C 192 -24.84 42.68 -18.75
N LEU C 193 -23.51 42.63 -18.63
CA LEU C 193 -22.60 43.60 -19.22
C LEU C 193 -21.57 42.86 -20.08
N GLY C 194 -20.81 43.64 -20.84
CA GLY C 194 -19.67 43.11 -21.57
C GLY C 194 -18.46 42.90 -20.65
N TRP C 195 -17.74 41.83 -20.91
CA TRP C 195 -16.56 41.43 -20.17
C TRP C 195 -15.53 42.52 -20.36
N ASN C 196 -14.78 42.82 -19.29
CA ASN C 196 -13.69 43.78 -19.32
C ASN C 196 -14.11 45.19 -19.79
N ASP C 197 -15.29 45.64 -19.36
CA ASP C 197 -15.77 47.00 -19.65
C ASP C 197 -15.95 47.76 -18.34
N PRO C 198 -14.85 48.32 -17.78
CA PRO C 198 -14.92 49.02 -16.47
C PRO C 198 -15.88 50.21 -16.40
N ASP C 199 -15.98 51.01 -17.46
CA ASP C 199 -16.93 52.13 -17.50
C ASP C 199 -18.37 51.64 -17.28
N ALA C 200 -18.78 50.64 -18.05
CA ALA C 200 -20.12 50.05 -17.93
C ALA C 200 -20.37 49.49 -16.52
N LEU C 201 -19.38 48.81 -15.96
CA LEU C 201 -19.48 48.21 -14.64
C LEU C 201 -19.61 49.26 -13.55
N ARG C 202 -18.82 50.35 -13.69
CA ARG C 202 -18.90 51.48 -12.76
C ARG C 202 -20.25 52.14 -12.80
N GLU C 203 -20.75 52.35 -14.01
CA GLU C 203 -22.02 53.03 -14.17
C GLU C 203 -23.13 52.17 -13.55
N LEU C 204 -23.10 50.85 -13.82
CA LEU C 204 -24.06 49.93 -13.26
C LEU C 204 -24.10 50.09 -11.74
N PHE C 205 -22.97 49.94 -11.09
CA PHE C 205 -22.89 50.05 -9.63
C PHE C 205 -23.22 51.42 -9.04
N ALA C 206 -22.87 52.50 -9.74
CA ALA C 206 -23.26 53.84 -9.30
C ALA C 206 -24.79 53.93 -9.24
N ARG C 207 -25.47 53.31 -10.21
CA ARG C 207 -26.92 53.37 -10.30
C ARG C 207 -27.64 52.37 -9.41
N ASP C 208 -27.11 51.14 -9.34
CA ASP C 208 -27.84 49.98 -8.78
C ASP C 208 -27.04 49.11 -7.83
N GLY C 209 -25.88 49.60 -7.41
CA GLY C 209 -25.00 48.80 -6.56
C GLY C 209 -25.74 48.24 -5.37
N ASP C 210 -26.62 49.06 -4.78
CA ASP C 210 -27.33 48.72 -3.56
C ASP C 210 -28.42 47.69 -3.72
N ARG C 211 -28.83 47.39 -4.96
CA ARG C 211 -29.86 46.35 -5.25
C ARG C 211 -29.26 45.03 -5.66
N ILE C 212 -27.94 44.97 -5.81
CA ILE C 212 -27.29 43.80 -6.40
C ILE C 212 -26.95 42.75 -5.34
N ALA C 213 -27.55 41.56 -5.46
CA ALA C 213 -27.26 40.47 -4.56
C ALA C 213 -25.87 39.90 -4.86
N ALA C 214 -25.53 39.75 -6.14
CA ALA C 214 -24.27 39.11 -6.55
C ALA C 214 -23.83 39.52 -7.95
N VAL C 215 -22.52 39.56 -8.12
CA VAL C 215 -21.94 39.52 -9.44
C VAL C 215 -21.29 38.14 -9.60
N ILE C 216 -21.74 37.38 -10.58
CA ILE C 216 -21.09 36.10 -10.88
C ILE C 216 -20.24 36.29 -12.14
N VAL C 217 -19.07 35.63 -12.14
CA VAL C 217 -18.07 35.87 -13.18
C VAL C 217 -17.09 34.68 -13.30
N GLU C 218 -16.70 34.37 -14.54
CA GLU C 218 -15.56 33.49 -14.82
C GLU C 218 -14.33 34.36 -14.71
N PRO C 219 -13.55 34.22 -13.63
CA PRO C 219 -12.44 35.14 -13.48
C PRO C 219 -11.52 35.15 -14.70
N VAL C 220 -11.34 34.00 -15.32
CA VAL C 220 -10.83 33.94 -16.70
C VAL C 220 -11.96 33.41 -17.53
N LEU C 221 -12.33 34.11 -18.60
CA LEU C 221 -13.44 33.66 -19.45
C LEU C 221 -12.93 32.50 -20.30
N ALA C 222 -13.38 31.29 -20.00
CA ALA C 222 -12.91 30.08 -20.71
C ALA C 222 -13.91 29.52 -21.71
N ASN C 223 -15.21 29.71 -21.50
CA ASN C 223 -16.25 29.21 -22.44
C ASN C 223 -16.55 30.12 -23.67
N ALA C 224 -15.63 31.03 -23.96
CA ALA C 224 -15.77 31.89 -25.12
C ALA C 224 -14.40 32.50 -25.41
N GLY C 225 -13.50 31.64 -25.88
CA GLY C 225 -12.10 31.99 -26.02
C GLY C 225 -11.59 31.90 -24.62
N VAL C 226 -10.30 32.14 -24.44
CA VAL C 226 -9.74 32.15 -23.09
C VAL C 226 -9.32 33.59 -22.84
N ILE C 227 -10.31 34.45 -22.65
CA ILE C 227 -10.03 35.86 -22.46
C ILE C 227 -9.77 36.16 -20.97
N PRO C 228 -8.50 36.42 -20.64
CA PRO C 228 -8.22 36.76 -19.24
C PRO C 228 -8.78 38.13 -18.88
N PRO C 229 -8.83 38.43 -17.59
CA PRO C 229 -9.35 39.73 -17.23
C PRO C 229 -8.31 40.80 -17.55
N ALA C 230 -8.76 41.96 -18.02
CA ALA C 230 -7.89 43.09 -18.26
C ALA C 230 -7.23 43.52 -16.95
N PRO C 231 -6.01 44.06 -17.05
CA PRO C 231 -5.32 44.58 -15.86
C PRO C 231 -6.26 45.45 -14.99
N GLY C 232 -6.38 45.11 -13.71
CA GLY C 232 -7.22 45.84 -12.76
C GLY C 232 -8.72 45.56 -12.75
N PHE C 233 -9.21 44.71 -13.65
CA PHE C 233 -10.68 44.49 -13.74
C PHE C 233 -11.26 43.70 -12.56
N LEU C 234 -10.62 42.60 -12.19
CA LEU C 234 -11.06 41.86 -11.02
C LEU C 234 -10.92 42.70 -9.75
N GLN C 235 -9.87 43.50 -9.66
CA GLN C 235 -9.66 44.36 -8.51
C GLN C 235 -10.83 45.33 -8.38
N LEU C 236 -11.19 45.90 -9.53
CA LEU C 236 -12.30 46.80 -9.61
C LEU C 236 -13.61 46.14 -9.18
N LEU C 237 -13.82 44.90 -9.61
CA LEU C 237 -15.03 44.15 -9.27
C LEU C 237 -15.14 43.94 -7.79
N ARG C 238 -14.04 43.51 -7.19
CA ARG C 238 -13.94 43.33 -5.75
C ARG C 238 -14.25 44.61 -4.97
N GLU C 239 -13.80 45.74 -5.49
CA GLU C 239 -14.01 46.99 -4.80
C GLU C 239 -15.47 47.40 -4.86
N LEU C 240 -16.06 47.32 -6.04
CA LEU C 240 -17.44 47.74 -6.23
C LEU C 240 -18.38 46.87 -5.46
N THR C 241 -18.22 45.55 -5.59
CA THR C 241 -19.05 44.61 -4.84
C THR C 241 -18.91 44.81 -3.34
N GLY C 242 -17.69 45.01 -2.85
CA GLY C 242 -17.47 45.22 -1.41
C GLY C 242 -18.13 46.48 -0.88
N ARG C 243 -17.97 47.55 -1.62
CA ARG C 243 -18.51 48.85 -1.30
C ARG C 243 -20.04 48.82 -1.26
N SER C 244 -20.63 48.05 -2.17
CA SER C 244 -22.09 48.02 -2.31
C SER C 244 -22.78 46.93 -1.48
N GLY C 245 -22.01 45.99 -0.91
CA GLY C 245 -22.56 44.89 -0.14
C GLY C 245 -23.08 43.77 -1.03
N ALA C 246 -22.62 43.73 -2.27
CA ALA C 246 -22.96 42.65 -3.18
C ALA C 246 -21.93 41.54 -3.02
N MET C 247 -22.36 40.29 -3.06
CA MET C 247 -21.40 39.17 -2.92
C MET C 247 -20.71 38.95 -4.28
N LEU C 248 -19.39 38.82 -4.24
CA LEU C 248 -18.64 38.52 -5.45
C LEU C 248 -18.52 37.01 -5.52
N VAL C 249 -19.02 36.43 -6.61
CA VAL C 249 -19.00 34.99 -6.83
C VAL C 249 -18.06 34.65 -8.01
N PHE C 250 -16.94 34.00 -7.71
CA PHE C 250 -16.08 33.51 -8.78
C PHE C 250 -16.56 32.12 -9.13
N ASP C 251 -16.98 31.94 -10.38
CA ASP C 251 -17.20 30.62 -10.93
C ASP C 251 -15.86 30.07 -11.37
N GLU C 252 -15.26 29.24 -10.53
CA GLU C 252 -13.97 28.65 -10.82
C GLU C 252 -14.12 27.19 -11.21
N VAL C 253 -15.27 26.86 -11.79
CA VAL C 253 -15.56 25.48 -12.19
C VAL C 253 -14.44 25.02 -13.11
N ILE C 254 -14.00 25.91 -13.98
CA ILE C 254 -12.91 25.59 -14.90
C ILE C 254 -11.54 26.02 -14.33
N THR C 255 -11.45 27.24 -13.85
CA THR C 255 -10.14 27.79 -13.42
C THR C 255 -9.58 27.21 -12.12
N GLY C 256 -10.46 26.71 -11.24
CA GLY C 256 -10.01 26.20 -9.94
C GLY C 256 -9.09 25.01 -10.10
N PHE C 257 -7.96 25.06 -9.39
CA PHE C 257 -6.92 24.03 -9.46
C PHE C 257 -6.38 23.81 -10.86
N ARG C 258 -6.53 24.81 -11.72
CA ARG C 258 -6.12 24.68 -13.14
C ARG C 258 -5.11 25.77 -13.51
N VAL C 259 -5.50 27.03 -13.36
CA VAL C 259 -4.63 28.16 -13.67
C VAL C 259 -3.57 28.38 -12.59
N ALA C 260 -3.80 27.79 -11.42
CA ALA C 260 -2.90 27.84 -10.26
C ALA C 260 -3.49 26.87 -9.23
N ARG C 261 -2.73 26.55 -8.19
CA ARG C 261 -3.23 25.63 -7.17
C ARG C 261 -4.51 26.18 -6.50
N GLY C 262 -4.48 27.48 -6.16
CA GLY C 262 -5.61 28.15 -5.58
C GLY C 262 -6.46 28.89 -6.61
N GLY C 263 -6.42 28.45 -7.87
CA GLY C 263 -7.25 29.02 -8.93
C GLY C 263 -6.88 30.44 -9.32
N ALA C 264 -7.80 31.09 -10.01
CA ALA C 264 -7.64 32.48 -10.44
C ALA C 264 -7.59 33.45 -9.25
N GLN C 265 -8.36 33.14 -8.22
CA GLN C 265 -8.23 33.78 -6.89
C GLN C 265 -6.78 34.09 -6.52
N GLU C 266 -5.96 33.03 -6.54
CA GLU C 266 -4.56 33.07 -6.10
C GLU C 266 -3.73 33.71 -7.20
N ARG C 267 -3.94 33.26 -8.42
CA ARG C 267 -3.15 33.75 -9.52
C ARG C 267 -3.22 35.27 -9.64
N TYR C 268 -4.41 35.85 -9.45
CA TYR C 268 -4.58 37.27 -9.68
C TYR C 268 -4.68 38.06 -8.36
N GLY C 269 -4.57 37.37 -7.23
CA GLY C 269 -4.61 38.03 -5.91
C GLY C 269 -5.89 38.77 -5.54
N VAL C 270 -7.04 38.21 -5.90
CA VAL C 270 -8.32 38.83 -5.60
C VAL C 270 -9.22 37.77 -5.03
N GLU C 271 -9.79 38.05 -3.87
CA GLU C 271 -10.58 37.07 -3.16
C GLU C 271 -12.07 37.41 -3.24
N PRO C 272 -12.89 36.49 -3.77
CA PRO C 272 -14.34 36.65 -3.81
C PRO C 272 -14.99 36.26 -2.51
N ASP C 273 -16.29 36.53 -2.40
CA ASP C 273 -17.10 36.13 -1.24
C ASP C 273 -17.48 34.65 -1.33
N LEU C 274 -17.86 34.17 -2.53
CA LEU C 274 -18.22 32.77 -2.75
C LEU C 274 -17.40 32.26 -3.91
N THR C 275 -17.09 30.97 -3.89
CA THR C 275 -16.31 30.35 -4.98
C THR C 275 -17.04 29.10 -5.38
N VAL C 276 -17.27 28.88 -6.66
CA VAL C 276 -17.83 27.61 -7.14
C VAL C 276 -16.67 26.77 -7.74
N LEU C 277 -16.66 25.47 -7.40
CA LEU C 277 -15.62 24.54 -7.83
C LEU C 277 -16.23 23.25 -8.38
N SER C 278 -15.50 22.61 -9.29
CA SER C 278 -15.86 21.31 -9.85
C SER C 278 -14.64 20.77 -10.67
N ARG C 279 -14.88 19.90 -11.64
CA ARG C 279 -13.89 19.57 -12.69
C ARG C 279 -12.60 18.97 -12.14
N VAL C 280 -11.53 19.77 -11.99
CA VAL C 280 -10.23 19.26 -11.56
C VAL C 280 -10.38 18.71 -10.15
N MET C 281 -11.25 19.34 -9.37
CA MET C 281 -11.47 18.95 -7.99
C MET C 281 -11.78 17.48 -7.81
N GLY C 282 -12.69 16.95 -8.62
CA GLY C 282 -13.01 15.52 -8.55
C GLY C 282 -12.40 14.61 -9.62
N GLY C 283 -11.47 15.12 -10.41
CA GLY C 283 -10.79 14.35 -11.46
C GLY C 283 -11.69 13.63 -12.47
N GLY C 284 -12.85 14.22 -12.76
CA GLY C 284 -13.83 13.60 -13.66
C GLY C 284 -14.99 12.89 -13.01
N PHE C 285 -14.95 12.67 -11.69
CA PHE C 285 -16.12 12.14 -10.97
C PHE C 285 -17.16 13.28 -10.91
N PRO C 286 -18.44 12.94 -11.09
CA PRO C 286 -19.41 14.02 -10.97
C PRO C 286 -19.53 14.61 -9.53
N VAL C 287 -18.91 15.78 -9.33
CA VAL C 287 -18.85 16.44 -8.05
C VAL C 287 -18.52 17.91 -8.25
N ALA C 288 -19.11 18.75 -7.41
CA ALA C 288 -18.89 20.19 -7.42
C ALA C 288 -19.04 20.66 -5.97
N ALA C 289 -18.66 21.90 -5.73
CA ALA C 289 -18.82 22.52 -4.42
C ALA C 289 -18.95 24.03 -4.59
N PHE C 290 -19.55 24.66 -3.59
CA PHE C 290 -19.43 26.12 -3.47
C PHE C 290 -19.14 26.44 -2.02
N GLY C 291 -18.36 27.49 -1.80
CA GLY C 291 -17.99 27.87 -0.44
C GLY C 291 -17.45 29.26 -0.35
N GLY C 292 -17.17 29.67 0.87
CA GLY C 292 -16.49 30.93 1.13
C GLY C 292 -16.03 30.96 2.56
N ARG C 293 -15.75 32.15 3.07
CA ARG C 293 -15.38 32.32 4.49
C ARG C 293 -16.60 32.17 5.35
N ARG C 294 -16.40 32.06 6.67
CA ARG C 294 -17.50 31.71 7.56
C ARG C 294 -18.62 32.72 7.50
N HIS C 295 -18.26 33.97 7.33
CA HIS C 295 -19.26 35.01 7.27
C HIS C 295 -20.20 34.80 6.08
N ALA C 296 -19.62 34.65 4.90
CA ALA C 296 -20.40 34.46 3.65
C ALA C 296 -21.23 33.18 3.67
N MET C 297 -20.76 32.16 4.40
CA MET C 297 -21.48 30.87 4.48
C MET C 297 -22.41 30.75 5.69
N ARG C 298 -22.66 31.85 6.42
CA ARG C 298 -23.37 31.81 7.73
C ARG C 298 -24.81 31.25 7.67
N MET C 299 -25.55 31.52 6.59
CA MET C 299 -26.95 31.01 6.50
C MET C 299 -27.01 29.52 6.22
N LEU C 300 -25.90 28.94 5.75
CA LEU C 300 -25.83 27.48 5.57
C LEU C 300 -25.30 26.80 6.81
N ALA C 301 -24.51 27.53 7.63
CA ALA C 301 -24.02 26.98 8.91
C ALA C 301 -25.17 26.85 9.87
N SER C 302 -26.14 27.77 9.76
CA SER C 302 -27.35 27.73 10.57
C SER C 302 -28.47 26.86 9.95
N ASN C 303 -28.22 26.31 8.76
CA ASN C 303 -29.24 25.53 7.99
C ASN C 303 -30.58 26.28 7.74
N GLU C 304 -30.47 27.61 7.66
CA GLU C 304 -31.62 28.49 7.34
C GLU C 304 -31.74 28.59 5.81
N ALA C 305 -30.61 28.75 5.12
CA ALA C 305 -30.60 28.71 3.64
C ALA C 305 -30.65 27.24 3.11
N HIS C 306 -30.84 27.10 1.80
CA HIS C 306 -31.10 25.84 1.21
C HIS C 306 -30.03 25.33 0.27
N HIS C 307 -29.78 24.03 0.38
CA HIS C 307 -29.15 23.29 -0.69
C HIS C 307 -29.61 21.84 -0.51
N ALA C 308 -29.62 21.08 -1.60
CA ALA C 308 -30.12 19.70 -1.50
C ALA C 308 -29.54 18.81 -2.57
N GLY C 309 -30.05 17.59 -2.62
CA GLY C 309 -29.59 16.58 -3.56
C GLY C 309 -29.13 15.34 -2.79
N VAL C 310 -29.80 14.22 -3.01
CA VAL C 310 -29.54 13.01 -2.25
C VAL C 310 -28.10 12.54 -2.41
N TYR C 311 -27.49 12.75 -3.59
CA TYR C 311 -26.10 12.33 -3.90
C TYR C 311 -25.10 13.37 -3.51
N ALA C 312 -25.55 14.54 -3.06
CA ALA C 312 -24.56 15.63 -2.76
C ALA C 312 -23.59 15.16 -1.68
N GLY C 313 -22.29 15.26 -1.94
CA GLY C 313 -21.27 14.91 -0.97
C GLY C 313 -21.24 13.44 -0.67
N ASN C 314 -21.60 12.58 -1.62
CA ASN C 314 -21.52 11.12 -1.40
C ASN C 314 -20.07 10.68 -1.18
N HIS C 315 -19.88 9.51 -0.61
CA HIS C 315 -18.55 9.09 -0.16
C HIS C 315 -17.58 8.85 -1.31
N ALA C 316 -18.06 8.29 -2.42
CA ALA C 316 -17.21 8.12 -3.62
C ALA C 316 -16.73 9.48 -4.15
N ALA C 317 -17.66 10.41 -4.33
CA ALA C 317 -17.33 11.76 -4.80
C ALA C 317 -16.26 12.41 -3.89
N LEU C 318 -16.45 12.36 -2.58
CA LEU C 318 -15.49 12.98 -1.65
C LEU C 318 -14.16 12.19 -1.54
N ARG C 319 -14.18 10.87 -1.71
CA ARG C 319 -12.95 10.14 -1.88
C ARG C 319 -12.17 10.67 -3.09
N ALA C 320 -12.88 10.92 -4.20
CA ALA C 320 -12.22 11.48 -5.38
C ALA C 320 -11.61 12.85 -5.08
N VAL C 321 -12.34 13.69 -4.36
CA VAL C 321 -11.81 15.03 -4.04
C VAL C 321 -10.54 14.87 -3.19
N VAL C 322 -10.59 14.00 -2.18
CA VAL C 322 -9.46 13.74 -1.30
C VAL C 322 -8.23 13.20 -2.04
N ALA C 323 -8.45 12.22 -2.91
CA ALA C 323 -7.35 11.68 -3.71
C ALA C 323 -6.77 12.71 -4.70
N MET C 324 -7.65 13.47 -5.35
CA MET C 324 -7.22 14.39 -6.40
C MET C 324 -6.52 15.61 -5.80
N LEU C 325 -7.15 16.23 -4.81
CA LEU C 325 -6.55 17.38 -4.16
C LEU C 325 -5.31 16.97 -3.31
N GLY C 326 -5.34 15.76 -2.74
CA GLY C 326 -4.14 15.21 -2.07
C GLY C 326 -2.96 15.07 -3.01
N LYS C 327 -3.22 14.49 -4.18
CA LYS C 327 -2.19 14.39 -5.22
C LYS C 327 -1.62 15.72 -5.65
N ILE C 328 -2.49 16.70 -5.94
CA ILE C 328 -2.09 18.04 -6.37
C ILE C 328 -1.23 18.71 -5.29
N ARG C 329 -1.68 18.57 -4.04
CA ARG C 329 -0.98 19.15 -2.91
C ARG C 329 0.45 18.60 -2.80
N SER C 330 0.63 17.32 -3.12
CA SER C 330 1.91 16.64 -2.98
C SER C 330 2.90 17.05 -4.08
N LEU C 331 2.46 17.85 -5.04
CA LEU C 331 3.26 18.19 -6.21
C LEU C 331 3.43 19.70 -6.28
N PRO C 332 4.36 20.23 -5.48
CA PRO C 332 4.39 21.69 -5.31
C PRO C 332 4.86 22.46 -6.55
N ASP C 333 5.53 21.79 -7.50
CA ASP C 333 5.93 22.45 -8.76
C ASP C 333 5.04 22.08 -9.96
N LEU C 334 3.87 21.52 -9.71
CA LEU C 334 2.98 21.05 -10.76
C LEU C 334 2.63 22.16 -11.74
N TYR C 335 2.22 23.29 -11.18
CA TYR C 335 1.71 24.40 -11.99
C TYR C 335 2.82 25.09 -12.80
N GLU C 336 4.06 24.98 -12.34
CA GLU C 336 5.24 25.41 -13.13
C GLU C 336 5.52 24.47 -14.34
N ARG C 337 5.40 23.17 -14.16
CA ARG C 337 5.50 22.22 -15.25
C ARG C 337 4.33 22.33 -16.24
N LEU C 338 3.11 22.54 -15.72
CA LEU C 338 1.92 22.72 -16.58
C LEU C 338 2.12 23.97 -17.45
N GLU C 339 2.71 25.01 -16.86
CA GLU C 339 3.02 26.23 -17.60
C GLU C 339 4.00 25.96 -18.77
N ASP C 340 5.02 25.14 -18.55
CA ASP C 340 5.97 24.74 -19.62
C ASP C 340 5.28 23.94 -20.71
N THR C 341 4.42 23.02 -20.31
CA THR C 341 3.58 22.29 -21.26
C THR C 341 2.75 23.23 -22.17
N GLY C 342 2.08 24.22 -21.56
CA GLY C 342 1.27 25.16 -22.30
C GLY C 342 2.08 26.04 -23.20
N GLN C 343 3.23 26.49 -22.70
CA GLN C 343 4.12 27.35 -23.48
C GLN C 343 4.61 26.60 -24.71
N TYR C 344 5.03 25.36 -24.51
CA TYR C 344 5.50 24.54 -25.63
C TYR C 344 4.38 24.28 -26.67
N MET C 345 3.15 24.04 -26.21
CA MET C 345 2.03 23.90 -27.16
C MET C 345 1.81 25.21 -27.86
N GLU C 346 1.74 26.31 -27.10
CA GLU C 346 1.54 27.62 -27.71
C GLU C 346 2.60 27.91 -28.79
N ASP C 347 3.89 27.75 -28.46
CA ASP C 347 4.97 28.08 -29.41
C ASP C 347 4.87 27.21 -30.68
N THR C 348 4.64 25.91 -30.48
CA THR C 348 4.53 24.94 -31.57
C THR C 348 3.39 25.26 -32.52
N VAL C 349 2.21 25.54 -31.98
CA VAL C 349 1.04 25.85 -32.79
C VAL C 349 1.24 27.17 -33.53
N ARG C 350 1.82 28.18 -32.88
CA ARG C 350 2.14 29.45 -33.56
C ARG C 350 3.05 29.24 -34.79
N GLU C 351 4.09 28.44 -34.63
CA GLU C 351 5.02 28.16 -35.73
C GLU C 351 4.29 27.47 -36.88
N VAL C 352 3.50 26.45 -36.57
CA VAL C 352 2.79 25.72 -37.61
C VAL C 352 1.87 26.62 -38.41
N PHE C 353 1.16 27.53 -37.75
CA PHE C 353 0.26 28.47 -38.45
C PHE C 353 1.05 29.56 -39.21
N ALA C 354 2.14 30.04 -38.61
CA ALA C 354 3.02 31.03 -39.26
C ALA C 354 3.64 30.46 -40.55
N THR C 355 4.25 29.29 -40.45
CA THR C 355 4.82 28.60 -41.60
C THR C 355 3.80 28.40 -42.77
N GLU C 356 2.55 28.12 -42.42
CA GLU C 356 1.46 28.00 -43.40
C GLU C 356 0.84 29.34 -43.78
N LYS C 357 1.26 30.41 -43.14
CA LYS C 357 0.74 31.76 -43.40
C LYS C 357 -0.78 31.84 -43.19
N ARG C 358 -1.26 31.16 -42.15
CA ARG C 358 -2.65 31.24 -41.72
C ARG C 358 -2.68 32.12 -40.50
N PRO C 359 -3.37 33.28 -40.57
CA PRO C 359 -3.52 34.03 -39.32
C PRO C 359 -4.35 33.26 -38.26
N VAL C 360 -3.93 33.40 -37.01
CA VAL C 360 -4.53 32.67 -35.92
C VAL C 360 -4.53 33.56 -34.66
N HIS C 361 -5.56 33.46 -33.84
CA HIS C 361 -5.52 34.05 -32.50
C HIS C 361 -5.41 32.93 -31.47
N ILE C 362 -4.46 33.07 -30.55
CA ILE C 362 -4.22 32.11 -29.48
C ILE C 362 -4.15 32.84 -28.16
N ASN C 363 -5.04 32.54 -27.22
CA ASN C 363 -4.93 33.02 -25.84
C ASN C 363 -4.62 31.85 -24.91
N ARG C 364 -3.78 32.07 -23.90
CA ARG C 364 -3.43 30.99 -22.99
C ARG C 364 -3.31 31.46 -21.54
N VAL C 365 -3.83 30.67 -20.63
CA VAL C 365 -3.58 30.84 -19.22
C VAL C 365 -3.30 29.44 -18.69
N GLY C 366 -2.00 29.16 -18.54
CA GLY C 366 -1.52 27.86 -18.13
C GLY C 366 -1.84 26.84 -19.20
N THR C 367 -2.55 25.79 -18.79
CA THR C 367 -2.96 24.72 -19.68
C THR C 367 -4.38 24.95 -20.27
N LEU C 368 -4.95 26.10 -20.00
CA LEU C 368 -6.20 26.52 -20.62
C LEU C 368 -5.79 27.34 -21.84
N MET C 369 -6.36 27.03 -22.99
CA MET C 369 -5.84 27.54 -24.24
C MET C 369 -6.89 27.60 -25.36
N SER C 370 -6.95 28.75 -26.02
CA SER C 370 -7.85 28.97 -27.14
C SER C 370 -7.07 29.16 -28.44
N VAL C 371 -7.51 28.51 -29.52
CA VAL C 371 -6.86 28.55 -30.82
C VAL C 371 -7.95 28.75 -31.88
N ALA C 372 -7.93 29.92 -32.51
CA ALA C 372 -8.95 30.30 -33.49
C ALA C 372 -8.32 30.81 -34.78
N LEU C 373 -8.78 30.27 -35.88
CA LEU C 373 -8.35 30.62 -37.22
C LEU C 373 -9.07 31.93 -37.60
N LEU C 374 -8.31 32.92 -38.04
CA LEU C 374 -8.86 34.26 -38.32
C LEU C 374 -9.23 34.50 -39.78
N LYS C 375 -10.16 35.43 -40.03
CA LYS C 375 -10.55 35.83 -41.39
C LYS C 375 -9.38 36.47 -42.12
N GLU C 383 -5.84 42.54 -29.83
CA GLU C 383 -6.21 41.79 -28.64
C GLU C 383 -7.65 42.06 -28.19
N PRO C 384 -8.61 41.28 -28.70
CA PRO C 384 -9.97 41.43 -28.20
C PRO C 384 -10.10 41.23 -26.68
N ARG C 385 -10.93 42.05 -26.06
CA ARG C 385 -11.10 42.02 -24.61
C ARG C 385 -12.39 41.32 -24.22
N ASP C 386 -13.21 40.96 -25.20
CA ASP C 386 -14.50 40.34 -24.90
C ASP C 386 -14.94 39.47 -26.04
N LEU C 387 -16.03 38.75 -25.81
CA LEU C 387 -16.61 37.82 -26.78
C LEU C 387 -16.92 38.40 -28.17
N ARG C 388 -17.55 39.57 -28.23
CA ARG C 388 -17.86 40.22 -29.54
C ARG C 388 -16.64 40.58 -30.33
N GLN C 389 -15.68 41.21 -29.68
CA GLN C 389 -14.43 41.59 -30.34
C GLN C 389 -13.69 40.37 -30.89
N LEU C 390 -13.67 39.26 -30.13
CA LEU C 390 -12.97 38.04 -30.58
C LEU C 390 -13.72 37.30 -31.69
N ALA C 391 -15.03 37.12 -31.50
CA ALA C 391 -15.86 36.42 -32.49
C ALA C 391 -15.77 37.08 -33.86
N ALA C 392 -15.62 38.41 -33.88
CA ALA C 392 -15.59 39.15 -35.13
C ALA C 392 -14.34 38.87 -35.97
N LEU C 393 -13.23 38.50 -35.34
CA LEU C 393 -11.99 38.21 -36.04
C LEU C 393 -11.96 36.81 -36.65
N VAL C 394 -12.89 35.97 -36.21
CA VAL C 394 -12.75 34.51 -36.38
C VAL C 394 -13.49 34.02 -37.61
N ASP C 395 -12.87 33.07 -38.30
CA ASP C 395 -13.46 32.42 -39.47
C ASP C 395 -14.04 31.09 -39.04
N PHE C 396 -15.32 31.09 -38.60
CA PHE C 396 -15.95 29.88 -38.03
C PHE C 396 -16.12 28.70 -38.98
N PRO C 397 -16.61 28.94 -40.22
CA PRO C 397 -16.65 27.82 -41.17
C PRO C 397 -15.29 27.17 -41.46
N ARG C 398 -14.23 27.96 -41.59
CA ARG C 398 -12.89 27.38 -41.83
C ARG C 398 -12.38 26.64 -40.61
N HIS C 399 -12.62 27.17 -39.40
CA HIS C 399 -12.22 26.45 -38.20
C HIS C 399 -12.93 25.08 -38.11
N ARG C 400 -14.24 25.04 -38.31
CA ARG C 400 -15.00 23.78 -38.36
C ARG C 400 -14.36 22.81 -39.36
N ARG C 401 -13.97 23.35 -40.50
CA ARG C 401 -13.43 22.52 -41.53
C ARG C 401 -12.07 21.97 -41.06
N LEU C 402 -11.27 22.84 -40.47
CA LEU C 402 -9.99 22.45 -39.90
C LEU C 402 -10.11 21.33 -38.86
N GLN C 403 -11.14 21.36 -38.02
CA GLN C 403 -11.21 20.31 -36.99
C GLN C 403 -11.60 18.95 -37.55
N THR C 404 -12.46 18.90 -38.59
CA THR C 404 -12.75 17.63 -39.30
C THR C 404 -11.46 17.02 -39.87
N LEU C 405 -10.65 17.88 -40.47
CA LEU C 405 -9.36 17.45 -41.03
C LEU C 405 -8.39 16.98 -39.95
N ALA C 406 -8.30 17.73 -38.85
CA ALA C 406 -7.46 17.37 -37.72
C ALA C 406 -7.89 16.04 -37.11
N GLN C 407 -9.19 15.88 -36.98
CA GLN C 407 -9.75 14.68 -36.38
C GLN C 407 -9.34 13.46 -37.20
N LYS C 408 -9.44 13.57 -38.51
CA LYS C 408 -8.97 12.52 -39.41
C LYS C 408 -7.47 12.26 -39.28
N GLU C 409 -6.68 13.31 -39.04
CA GLU C 409 -5.26 13.16 -38.74
C GLU C 409 -4.98 12.63 -37.33
N GLY C 410 -6.01 12.40 -36.52
CA GLY C 410 -5.86 11.82 -35.20
C GLY C 410 -5.70 12.80 -34.04
N VAL C 411 -6.26 14.00 -34.20
CA VAL C 411 -6.23 15.01 -33.15
C VAL C 411 -7.64 15.55 -33.04
N TYR C 412 -8.23 15.44 -31.85
CA TYR C 412 -9.55 15.99 -31.59
C TYR C 412 -9.53 17.27 -30.76
N PHE C 413 -10.12 18.32 -31.30
CA PHE C 413 -10.52 19.50 -30.51
C PHE C 413 -11.94 19.87 -30.94
N HIS C 414 -12.63 20.69 -30.14
CA HIS C 414 -14.02 21.07 -30.42
C HIS C 414 -14.08 21.93 -31.70
N PRO C 415 -15.02 21.65 -32.61
CA PRO C 415 -15.16 22.45 -33.86
C PRO C 415 -15.44 23.94 -33.77
N ASN C 416 -16.01 24.40 -32.67
CA ASN C 416 -16.19 25.81 -32.43
C ASN C 416 -14.90 26.43 -31.95
N ALA C 417 -14.43 27.45 -32.66
CA ALA C 417 -13.15 28.07 -32.34
C ALA C 417 -13.06 28.66 -30.91
N LEU C 418 -14.21 29.08 -30.38
CA LEU C 418 -14.27 29.67 -29.06
C LEU C 418 -14.19 28.67 -27.91
N GLU C 419 -14.27 27.37 -28.21
CA GLU C 419 -14.20 26.36 -27.17
C GLU C 419 -12.76 26.02 -26.87
N PRO C 420 -12.33 26.19 -25.63
CA PRO C 420 -10.91 26.00 -25.33
C PRO C 420 -10.38 24.54 -25.44
N TRP C 421 -9.06 24.44 -25.57
CA TRP C 421 -8.27 23.21 -25.32
C TRP C 421 -7.89 23.12 -23.84
N PHE C 422 -7.89 21.89 -23.30
CA PHE C 422 -7.56 21.63 -21.90
C PHE C 422 -6.36 20.68 -21.78
N LEU C 423 -5.16 21.23 -21.79
CA LEU C 423 -3.95 20.40 -21.74
C LEU C 423 -3.75 19.75 -20.37
N SER C 424 -2.91 18.72 -20.35
CA SER C 424 -2.72 17.89 -19.17
C SER C 424 -1.26 17.48 -19.10
N THR C 425 -0.86 16.88 -17.99
CA THR C 425 0.53 16.41 -17.86
C THR C 425 0.82 15.23 -18.81
N ALA C 426 -0.21 14.60 -19.35
CA ALA C 426 -0.05 13.56 -20.39
C ALA C 426 0.26 14.13 -21.77
N HIS C 427 0.09 15.45 -21.97
CA HIS C 427 0.50 16.09 -23.20
C HIS C 427 1.98 16.44 -23.10
N THR C 428 2.82 15.42 -23.25
CA THR C 428 4.29 15.53 -23.19
C THR C 428 4.81 16.23 -24.43
N ARG C 429 6.12 16.47 -24.50
CA ARG C 429 6.72 17.06 -25.69
C ARG C 429 6.46 16.22 -26.94
N ASP C 430 6.58 14.89 -26.84
CA ASP C 430 6.42 14.06 -28.03
C ASP C 430 5.02 14.15 -28.56
N VAL C 431 4.04 14.14 -27.66
CA VAL C 431 2.62 14.27 -28.02
C VAL C 431 2.37 15.59 -28.78
N ILE C 432 2.90 16.68 -28.23
CA ILE C 432 2.75 17.98 -28.81
C ILE C 432 3.44 18.08 -30.18
N ASP C 433 4.60 17.43 -30.32
CA ASP C 433 5.25 17.31 -31.63
C ASP C 433 4.35 16.54 -32.64
N LYS C 434 3.72 15.44 -32.23
CA LYS C 434 2.72 14.78 -33.08
C LYS C 434 1.53 15.69 -33.41
N VAL C 435 1.09 16.48 -32.43
CA VAL C 435 -0.01 17.39 -32.68
C VAL C 435 0.36 18.39 -33.79
N ALA C 436 1.57 18.93 -33.69
CA ALA C 436 2.10 19.85 -34.68
C ALA C 436 2.00 19.28 -36.11
N GLY C 437 2.55 18.08 -36.28
CA GLY C 437 2.45 17.39 -37.56
C GLY C 437 1.02 17.26 -38.05
N ALA C 438 0.12 16.85 -37.15
CA ALA C 438 -1.29 16.65 -37.49
C ALA C 438 -1.97 17.97 -37.89
N LEU C 439 -1.65 19.07 -37.21
CA LEU C 439 -2.19 20.39 -37.55
C LEU C 439 -1.64 20.96 -38.86
N GLN C 440 -0.34 20.76 -39.09
CA GLN C 440 0.32 21.08 -40.36
C GLN C 440 -0.39 20.40 -41.54
N ARG C 441 -0.53 19.09 -41.45
CA ARG C 441 -1.17 18.31 -42.49
C ARG C 441 -2.60 18.79 -42.75
N SER C 442 -3.31 19.11 -41.68
CA SER C 442 -4.71 19.55 -41.79
C SER C 442 -4.84 20.93 -42.45
N LEU C 443 -3.92 21.83 -42.15
CA LEU C 443 -3.95 23.15 -42.77
C LEU C 443 -3.67 23.07 -44.26
N VAL C 444 -2.76 22.17 -44.66
CA VAL C 444 -2.45 21.99 -46.07
C VAL C 444 -3.69 21.51 -46.85
N GLY C 445 -4.57 20.74 -46.21
CA GLY C 445 -5.84 20.33 -46.83
C GLY C 445 -6.97 21.35 -46.78
N LEU C 446 -6.72 22.52 -46.20
CA LEU C 446 -7.75 23.54 -46.01
C LEU C 446 -7.97 24.31 -47.30
N THR D 13 -15.26 10.13 18.99
CA THR D 13 -16.76 9.98 19.15
C THR D 13 -17.55 10.52 17.94
N ASN D 14 -18.74 9.98 17.73
CA ASN D 14 -19.66 10.48 16.72
C ASN D 14 -19.89 11.99 16.80
N ALA D 15 -20.23 12.48 18.01
CA ALA D 15 -20.53 13.90 18.22
C ALA D 15 -19.34 14.78 17.91
N GLU D 16 -18.17 14.39 18.42
CA GLU D 16 -16.93 15.15 18.19
C GLU D 16 -16.53 15.15 16.71
N SER D 17 -16.71 14.00 16.08
CA SER D 17 -16.36 13.85 14.67
C SER D 17 -17.31 14.69 13.80
N LEU D 18 -18.60 14.74 14.14
CA LEU D 18 -19.57 15.65 13.46
C LEU D 18 -19.22 17.13 13.64
N ASP D 19 -18.75 17.51 14.82
CA ASP D 19 -18.33 18.89 15.07
C ASP D 19 -17.14 19.26 14.20
N GLY D 20 -16.21 18.31 14.02
CA GLY D 20 -15.10 18.48 13.09
C GLY D 20 -15.60 18.69 11.66
N ILE D 21 -16.61 17.92 11.27
CA ILE D 21 -17.15 18.00 9.91
C ILE D 21 -17.78 19.38 9.70
N LYS D 22 -18.51 19.86 10.73
CA LYS D 22 -19.16 21.19 10.70
C LYS D 22 -18.23 22.39 10.61
N SER D 23 -16.97 22.25 11.00
CA SER D 23 -16.03 23.36 10.83
C SER D 23 -15.63 23.59 9.37
N VAL D 24 -15.79 22.59 8.49
CA VAL D 24 -15.53 22.76 7.05
C VAL D 24 -16.76 22.54 6.11
N ILE D 25 -17.82 21.90 6.59
CA ILE D 25 -19.04 21.73 5.79
C ILE D 25 -20.09 22.56 6.49
N ALA D 26 -20.52 23.66 5.87
CA ALA D 26 -21.48 24.57 6.53
C ALA D 26 -22.79 23.84 6.78
N GLY D 27 -23.12 23.69 8.05
CA GLY D 27 -24.33 22.97 8.49
C GLY D 27 -24.12 21.48 8.83
N GLY D 28 -22.94 20.94 8.53
CA GLY D 28 -22.65 19.57 8.86
C GLY D 28 -22.97 18.61 7.74
N VAL D 29 -23.89 18.94 6.84
CA VAL D 29 -24.12 18.09 5.67
C VAL D 29 -24.49 18.96 4.50
N SER D 30 -24.16 18.50 3.29
CA SER D 30 -24.37 19.30 2.06
C SER D 30 -25.83 19.57 1.75
N SER D 31 -26.69 18.62 2.13
CA SER D 31 -28.14 18.75 1.88
C SER D 31 -28.88 19.20 3.13
N SER D 32 -29.60 20.32 3.03
CA SER D 32 -30.27 20.91 4.19
C SER D 32 -31.22 19.95 4.93
N MET D 33 -31.87 19.02 4.21
CA MET D 33 -32.73 18.01 4.87
C MET D 33 -31.89 16.97 5.63
N ARG D 34 -30.90 16.40 4.96
CA ARG D 34 -30.10 15.32 5.55
C ARG D 34 -29.18 15.80 6.68
N ALA D 35 -29.08 17.11 6.87
CA ALA D 35 -28.36 17.65 8.04
C ALA D 35 -29.22 17.64 9.32
N ALA D 36 -30.53 17.50 9.17
CA ALA D 36 -31.43 17.29 10.32
C ALA D 36 -31.78 15.79 10.58
N ALA D 37 -31.11 14.87 9.88
CA ALA D 37 -31.48 13.47 9.87
C ALA D 37 -30.72 12.62 10.90
N VAL D 38 -29.89 13.26 11.70
CA VAL D 38 -29.03 12.55 12.58
C VAL D 38 -28.92 13.39 13.87
N PRO D 39 -30.08 13.67 14.51
CA PRO D 39 -30.06 14.47 15.75
C PRO D 39 -29.29 13.82 16.92
N LEU D 40 -29.21 12.48 16.94
CA LEU D 40 -28.22 11.76 17.72
C LEU D 40 -27.05 11.45 16.78
N PRO D 41 -25.88 12.10 16.97
CA PRO D 41 -24.87 12.08 15.93
C PRO D 41 -24.42 10.69 15.56
N LEU D 42 -24.20 10.49 14.26
CA LEU D 42 -23.73 9.25 13.70
C LEU D 42 -22.88 9.66 12.51
N VAL D 43 -21.58 9.36 12.56
CA VAL D 43 -20.70 9.56 11.42
C VAL D 43 -20.25 8.21 10.89
N VAL D 44 -20.42 7.98 9.59
CA VAL D 44 -20.06 6.70 9.00
C VAL D 44 -18.53 6.57 8.77
N ARG D 45 -18.02 5.38 9.07
CA ARG D 45 -16.64 4.99 8.77
C ARG D 45 -16.61 4.05 7.56
N SER D 46 -17.55 3.12 7.52
CA SER D 46 -17.67 2.17 6.41
C SER D 46 -19.09 1.58 6.37
N ALA D 47 -19.40 0.89 5.28
CA ALA D 47 -20.72 0.30 5.11
C ALA D 47 -20.69 -0.84 4.14
N GLY D 48 -21.55 -1.83 4.39
CA GLY D 48 -21.65 -3.03 3.54
C GLY D 48 -22.90 -3.80 3.90
N GLY D 49 -23.61 -4.30 2.89
CA GLY D 49 -24.84 -5.04 3.13
C GLY D 49 -25.87 -4.05 3.60
N CYS D 50 -26.48 -4.30 4.76
CA CYS D 50 -27.36 -3.33 5.35
C CYS D 50 -26.76 -2.84 6.67
N LEU D 51 -25.44 -2.94 6.79
CA LEU D 51 -24.77 -2.54 8.03
C LEU D 51 -23.88 -1.31 7.85
N LEU D 52 -24.03 -0.32 8.75
CA LEU D 52 -23.10 0.79 8.87
C LEU D 52 -22.06 0.48 9.96
N ARG D 53 -20.84 0.97 9.78
CA ARG D 53 -19.91 1.08 10.89
C ARG D 53 -19.63 2.53 11.21
N ASP D 54 -19.97 2.90 12.44
CA ASP D 54 -19.50 4.12 13.16
C ASP D 54 -18.00 4.43 13.17
N VAL D 55 -17.69 5.68 13.50
CA VAL D 55 -16.34 6.06 13.91
C VAL D 55 -15.97 5.55 15.31
N GLU D 56 -16.97 5.13 16.11
CA GLU D 56 -16.75 4.44 17.37
C GLU D 56 -16.81 2.91 17.20
N ASP D 57 -16.69 2.46 15.95
CA ASP D 57 -16.79 1.03 15.58
C ASP D 57 -18.12 0.32 16.00
N GLY D 58 -19.17 1.05 16.34
CA GLY D 58 -20.48 0.45 16.49
C GLY D 58 -21.01 -0.06 15.15
N GLU D 59 -21.79 -1.15 15.19
CA GLU D 59 -22.54 -1.67 14.02
C GLU D 59 -24.01 -1.26 14.08
N ILE D 60 -24.52 -0.70 12.99
CA ILE D 60 -25.89 -0.25 12.93
C ILE D 60 -26.58 -0.84 11.71
N ILE D 61 -27.71 -1.51 11.93
CA ILE D 61 -28.55 -1.97 10.84
C ILE D 61 -29.28 -0.76 10.29
N ASP D 62 -29.11 -0.52 8.98
CA ASP D 62 -29.65 0.66 8.31
C ASP D 62 -30.99 0.29 7.64
N LEU D 63 -32.08 0.94 8.04
CA LEU D 63 -33.35 0.78 7.36
C LEU D 63 -33.61 1.88 6.36
N ASN D 64 -32.79 2.92 6.40
CA ASN D 64 -32.87 4.03 5.46
C ASN D 64 -32.09 3.79 4.13
N MET D 65 -30.90 3.20 4.23
CA MET D 65 -30.12 2.77 3.04
C MET D 65 -29.77 3.87 2.00
N GLY D 66 -29.48 5.08 2.49
CA GLY D 66 -29.07 6.14 1.60
C GLY D 66 -30.14 6.62 0.64
N TYR D 67 -31.40 6.49 1.06
CA TYR D 67 -32.55 7.10 0.40
C TYR D 67 -32.98 6.50 -0.99
N GLY D 68 -32.80 5.20 -1.19
CA GLY D 68 -33.43 4.48 -2.36
C GLY D 68 -32.62 3.72 -3.46
N PRO D 69 -31.33 4.06 -3.65
CA PRO D 69 -30.57 3.38 -4.66
C PRO D 69 -30.20 1.90 -4.46
N HIS D 70 -30.12 1.44 -3.21
CA HIS D 70 -29.43 0.19 -2.88
C HIS D 70 -30.40 -0.98 -2.73
N LEU D 71 -30.81 -1.52 -3.86
CA LEU D 71 -31.76 -2.61 -3.91
C LEU D 71 -31.12 -3.91 -3.40
N PHE D 72 -29.82 -4.03 -3.57
CA PHE D 72 -29.07 -5.21 -3.13
C PHE D 72 -28.16 -4.90 -1.92
N GLY D 73 -28.31 -3.74 -1.29
CA GLY D 73 -27.45 -3.38 -0.16
C GLY D 73 -26.20 -2.64 -0.57
N TYR D 74 -25.43 -2.23 0.44
CA TYR D 74 -24.24 -1.40 0.26
C TYR D 74 -23.10 -2.29 -0.28
N ALA D 75 -22.13 -1.66 -0.96
CA ALA D 75 -20.93 -2.35 -1.43
C ALA D 75 -21.27 -3.58 -2.25
N ASP D 76 -22.17 -3.42 -3.21
CA ASP D 76 -22.56 -4.47 -4.14
C ASP D 76 -21.41 -4.67 -5.13
N ARG D 77 -20.68 -5.77 -5.01
CA ARG D 77 -19.46 -5.99 -5.81
C ARG D 77 -19.68 -6.13 -7.30
N GLU D 78 -20.77 -6.78 -7.70
CA GLU D 78 -21.13 -6.91 -9.11
C GLU D 78 -21.26 -5.58 -9.80
N VAL D 79 -21.53 -4.53 -9.04
CA VAL D 79 -21.62 -3.18 -9.58
C VAL D 79 -20.36 -2.30 -9.29
N LEU D 80 -19.80 -2.39 -8.08
CA LEU D 80 -18.45 -1.82 -7.82
C LEU D 80 -17.49 -2.17 -8.93
N ASP D 81 -17.34 -3.47 -9.19
CA ASP D 81 -16.30 -3.97 -10.08
C ASP D 81 -16.44 -3.44 -11.49
N ALA D 82 -17.68 -3.35 -12.00
CA ALA D 82 -17.90 -2.78 -13.33
C ALA D 82 -17.50 -1.29 -13.37
N VAL D 83 -17.87 -0.54 -12.32
CA VAL D 83 -17.54 0.88 -12.30
C VAL D 83 -16.03 1.12 -12.18
N ALA D 84 -15.36 0.37 -11.32
CA ALA D 84 -13.92 0.46 -11.14
C ALA D 84 -13.16 0.10 -12.43
N ASP D 85 -13.64 -0.90 -13.16
CA ASP D 85 -13.10 -1.22 -14.45
C ASP D 85 -13.21 -0.05 -15.43
N GLN D 86 -14.32 0.69 -15.36
CA GLN D 86 -14.51 1.86 -16.23
C GLN D 86 -13.56 2.98 -15.90
N PHE D 87 -13.25 3.13 -14.61
CA PHE D 87 -12.24 4.11 -14.19
C PHE D 87 -10.85 3.80 -14.80
N ALA D 88 -10.57 2.53 -15.02
CA ALA D 88 -9.30 2.14 -15.61
C ALA D 88 -9.32 2.33 -17.14
N LYS D 89 -10.51 2.45 -17.73
CA LYS D 89 -10.65 2.53 -19.22
C LYS D 89 -11.13 3.88 -19.76
N GLY D 90 -11.24 4.90 -18.89
CA GLY D 90 -11.73 6.23 -19.29
C GLY D 90 -13.15 6.38 -18.78
N HIS D 91 -13.34 7.27 -17.81
CA HIS D 91 -14.61 7.43 -17.17
C HIS D 91 -15.39 8.63 -17.63
N MET D 92 -14.74 9.55 -18.32
CA MET D 92 -15.33 10.84 -18.61
C MET D 92 -14.54 11.50 -19.72
N THR D 93 -15.02 11.38 -20.95
CA THR D 93 -14.45 12.09 -22.10
C THR D 93 -15.35 13.15 -22.70
N GLY D 94 -16.64 13.12 -22.37
CA GLY D 94 -17.59 14.03 -22.97
C GLY D 94 -18.03 13.70 -24.40
N LEU D 95 -17.49 12.63 -24.96
CA LEU D 95 -17.83 12.18 -26.31
C LEU D 95 -18.84 11.01 -26.24
N PRO D 96 -19.56 10.75 -27.31
CA PRO D 96 -20.37 9.54 -27.35
C PRO D 96 -19.50 8.29 -27.13
N HIS D 97 -20.07 7.24 -26.55
CA HIS D 97 -19.29 6.08 -26.10
C HIS D 97 -20.10 4.84 -26.42
N GLU D 98 -19.44 3.69 -26.59
CA GLU D 98 -20.16 2.40 -26.82
C GLU D 98 -21.20 2.03 -25.77
N LEU D 99 -20.96 2.42 -24.51
CA LEU D 99 -21.91 2.18 -23.42
C LEU D 99 -23.26 2.87 -23.60
N ASP D 100 -23.24 4.06 -24.20
CA ASP D 100 -24.46 4.89 -24.31
C ASP D 100 -25.63 4.07 -24.85
N ALA D 101 -25.41 3.29 -25.91
CA ALA D 101 -26.47 2.49 -26.53
C ALA D 101 -26.92 1.36 -25.61
N ARG D 102 -25.98 0.80 -24.84
CA ARG D 102 -26.30 -0.30 -23.91
C ARG D 102 -27.13 0.19 -22.74
N ALA D 103 -26.75 1.34 -22.16
CA ALA D 103 -27.55 1.95 -21.10
C ALA D 103 -28.92 2.30 -21.61
N GLY D 104 -28.99 3.01 -22.73
CA GLY D 104 -30.29 3.39 -23.31
C GLY D 104 -31.19 2.19 -23.59
N ALA D 105 -30.63 1.15 -24.21
CA ALA D 105 -31.40 -0.08 -24.56
C ALA D 105 -31.90 -0.83 -23.32
N LEU D 106 -31.07 -0.98 -22.30
CA LEU D 106 -31.51 -1.55 -21.02
C LEU D 106 -32.69 -0.80 -20.38
N ILE D 107 -32.62 0.51 -20.35
CA ILE D 107 -33.76 1.26 -19.85
C ILE D 107 -35.00 0.95 -20.71
N ALA D 108 -34.87 1.07 -22.04
CA ALA D 108 -36.01 0.95 -22.94
C ALA D 108 -36.65 -0.43 -22.79
N GLU D 109 -35.82 -1.45 -22.59
CA GLU D 109 -36.32 -2.80 -22.45
C GLU D 109 -37.13 -2.94 -21.19
N LEU D 110 -36.57 -2.45 -20.09
CA LEU D 110 -37.19 -2.60 -18.77
C LEU D 110 -38.36 -1.62 -18.49
N VAL D 111 -38.41 -0.48 -19.15
CA VAL D 111 -39.46 0.50 -18.87
C VAL D 111 -40.39 0.70 -20.07
N PRO D 112 -41.71 0.35 -19.89
CA PRO D 112 -42.72 0.38 -20.96
C PRO D 112 -42.76 1.71 -21.74
N GLY D 113 -42.96 2.80 -21.01
CA GLY D 113 -43.17 4.11 -21.60
C GLY D 113 -41.90 4.81 -22.07
N VAL D 114 -40.73 4.14 -22.04
CA VAL D 114 -39.47 4.77 -22.46
C VAL D 114 -38.83 4.06 -23.64
N GLU D 115 -38.63 4.81 -24.73
CA GLU D 115 -37.87 4.33 -25.91
C GLU D 115 -36.55 5.10 -26.09
N GLN D 116 -36.50 6.35 -25.67
CA GLN D 116 -35.30 7.18 -25.73
C GLN D 116 -35.16 7.96 -24.43
N VAL D 117 -33.92 8.25 -24.05
CA VAL D 117 -33.65 9.00 -22.83
C VAL D 117 -32.60 10.05 -23.06
N ARG D 118 -32.49 10.94 -22.08
CA ARG D 118 -31.25 11.68 -21.85
C ARG D 118 -30.85 11.51 -20.40
N PHE D 119 -29.57 11.54 -20.13
CA PHE D 119 -29.03 11.37 -18.77
C PHE D 119 -28.68 12.69 -18.14
N ALA D 120 -28.69 12.66 -16.81
CA ALA D 120 -28.36 13.79 -15.95
C ALA D 120 -27.65 13.25 -14.73
N ASN D 121 -27.18 14.14 -13.89
CA ASN D 121 -26.46 13.74 -12.67
C ASN D 121 -27.38 13.46 -11.48
N SER D 122 -28.62 13.96 -11.53
CA SER D 122 -29.47 13.96 -10.38
C SER D 122 -30.92 14.02 -10.78
N GLY D 123 -31.80 13.56 -9.89
CA GLY D 123 -33.24 13.71 -10.11
C GLY D 123 -33.66 15.17 -10.32
N THR D 124 -33.03 16.05 -9.59
CA THR D 124 -33.36 17.50 -9.67
C THR D 124 -33.13 17.98 -11.10
N GLU D 125 -31.94 17.68 -11.63
CA GLU D 125 -31.57 18.04 -13.01
C GLU D 125 -32.53 17.35 -14.03
N ALA D 126 -32.77 16.06 -13.87
CA ALA D 126 -33.64 15.33 -14.77
C ALA D 126 -35.06 15.88 -14.84
N VAL D 127 -35.61 16.17 -13.67
CA VAL D 127 -36.90 16.86 -13.54
C VAL D 127 -36.91 18.23 -14.24
N ALA D 128 -35.95 19.09 -13.93
CA ALA D 128 -35.97 20.43 -14.51
C ALA D 128 -36.02 20.33 -16.05
N SER D 129 -35.18 19.51 -16.64
CA SER D 129 -35.15 19.43 -18.12
C SER D 129 -36.40 18.79 -18.69
N ALA D 130 -36.95 17.79 -17.97
CA ALA D 130 -38.21 17.15 -18.35
C ALA D 130 -39.36 18.15 -18.39
N LEU D 131 -39.41 19.02 -17.39
CA LEU D 131 -40.44 20.06 -17.37
C LEU D 131 -40.24 21.06 -18.49
N ARG D 132 -38.97 21.42 -18.76
CA ARG D 132 -38.70 22.32 -19.86
C ARG D 132 -39.11 21.67 -21.18
N LEU D 133 -38.82 20.38 -21.34
CA LEU D 133 -39.26 19.66 -22.53
C LEU D 133 -40.79 19.76 -22.72
N ALA D 134 -41.55 19.59 -21.65
CA ALA D 134 -43.01 19.63 -21.73
C ALA D 134 -43.52 21.03 -22.09
N ARG D 135 -42.89 22.06 -21.49
CA ARG D 135 -43.26 23.44 -21.81
C ARG D 135 -42.91 23.73 -23.28
N ALA D 136 -41.72 23.31 -23.74
CA ALA D 136 -41.29 23.56 -25.10
C ALA D 136 -42.17 22.83 -26.13
N THR D 137 -42.56 21.60 -25.79
CA THR D 137 -43.29 20.72 -26.68
C THR D 137 -44.76 21.17 -26.85
N THR D 138 -45.39 21.54 -25.77
CA THR D 138 -46.78 21.97 -25.79
C THR D 138 -46.95 23.45 -26.11
N GLY D 139 -45.88 24.22 -25.99
CA GLY D 139 -45.97 25.66 -26.09
C GLY D 139 -46.79 26.28 -24.96
N ARG D 140 -46.88 25.57 -23.85
CA ARG D 140 -47.59 26.06 -22.66
C ARG D 140 -46.57 26.23 -21.55
N THR D 141 -46.99 26.77 -20.41
CA THR D 141 -46.06 27.03 -19.31
C THR D 141 -46.48 26.42 -17.97
N LEU D 142 -47.79 26.27 -17.75
CA LEU D 142 -48.36 25.86 -16.45
C LEU D 142 -48.06 24.40 -16.10
N VAL D 143 -47.51 24.17 -14.93
CA VAL D 143 -47.22 22.82 -14.45
C VAL D 143 -48.05 22.58 -13.18
N VAL D 144 -48.61 21.39 -13.08
CA VAL D 144 -49.36 20.98 -11.92
C VAL D 144 -48.52 20.01 -11.06
N THR D 145 -48.52 20.25 -9.75
CA THR D 145 -47.91 19.34 -8.77
C THR D 145 -48.93 18.90 -7.70
N PHE D 146 -48.54 17.92 -6.89
CA PHE D 146 -49.36 17.51 -5.74
C PHE D 146 -48.63 17.75 -4.41
N GLU D 147 -49.39 18.08 -3.39
CA GLU D 147 -48.84 18.44 -2.08
C GLU D 147 -48.15 17.28 -1.41
N GLY D 148 -46.92 17.54 -0.98
CA GLY D 148 -46.05 16.52 -0.40
C GLY D 148 -45.14 15.84 -1.43
N HIS D 149 -45.46 15.99 -2.72
CA HIS D 149 -44.72 15.29 -3.77
C HIS D 149 -43.48 16.10 -4.03
N TYR D 150 -42.34 15.44 -4.02
CA TYR D 150 -41.09 16.13 -4.17
C TYR D 150 -40.41 15.77 -5.50
N HIS D 151 -40.00 16.83 -6.22
CA HIS D 151 -39.41 16.70 -7.54
C HIS D 151 -38.05 17.37 -7.65
N GLY D 152 -37.35 17.43 -6.53
CA GLY D 152 -36.06 18.07 -6.48
C GLY D 152 -36.21 19.52 -6.18
N TRP D 153 -35.10 20.23 -6.24
CA TRP D 153 -35.03 21.61 -5.74
C TRP D 153 -34.88 22.68 -6.84
N SER D 154 -35.20 22.35 -8.10
CA SER D 154 -35.09 23.32 -9.19
C SER D 154 -36.12 24.42 -8.98
N GLU D 155 -35.81 25.56 -9.56
CA GLU D 155 -36.45 26.83 -9.27
C GLU D 155 -37.99 26.81 -9.49
N THR D 156 -38.48 26.15 -10.54
CA THR D 156 -39.92 26.11 -10.82
C THR D 156 -40.76 25.07 -9.98
N VAL D 157 -40.10 24.19 -9.22
CA VAL D 157 -40.85 23.16 -8.48
C VAL D 157 -40.64 23.13 -7.02
N LEU D 158 -39.63 23.81 -6.52
CA LEU D 158 -39.31 23.69 -5.09
C LEU D 158 -40.36 24.39 -4.21
N ARG D 159 -41.29 23.58 -3.70
CA ARG D 159 -42.29 24.01 -2.74
C ARG D 159 -41.81 23.71 -1.29
N ARG D 171 -53.67 25.69 3.03
CA ARG D 171 -54.46 24.80 2.14
C ARG D 171 -53.54 24.06 1.19
N PRO D 172 -53.96 22.90 0.69
CA PRO D 172 -53.10 22.15 -0.27
C PRO D 172 -52.89 22.86 -1.61
N THR D 173 -53.78 23.78 -1.91
CA THR D 173 -53.69 24.57 -3.11
C THR D 173 -52.68 25.74 -3.01
N ASP D 174 -52.22 26.04 -1.82
CA ASP D 174 -51.29 27.12 -1.64
C ASP D 174 -49.95 26.62 -2.15
N VAL D 175 -49.30 27.46 -2.94
CA VAL D 175 -47.98 27.19 -3.50
C VAL D 175 -46.99 28.08 -2.76
N VAL D 176 -46.22 27.46 -1.88
CA VAL D 176 -45.32 28.18 -0.95
C VAL D 176 -43.88 27.83 -1.35
N PRO D 177 -43.07 28.85 -1.70
CA PRO D 177 -41.66 28.58 -2.04
C PRO D 177 -40.95 27.78 -0.96
N GLY D 178 -40.07 26.86 -1.38
CA GLY D 178 -39.37 25.95 -0.45
C GLY D 178 -37.97 26.31 -0.04
N ALA D 179 -37.42 27.38 -0.62
CA ALA D 179 -36.09 27.83 -0.26
C ALA D 179 -36.02 29.35 -0.23
N LEU D 180 -35.20 29.88 0.67
CA LEU D 180 -34.87 31.28 0.66
C LEU D 180 -34.05 31.56 -0.59
N GLY D 181 -34.12 32.78 -1.09
CA GLY D 181 -33.29 33.22 -2.21
C GLY D 181 -33.73 32.80 -3.59
N MET D 182 -34.95 32.33 -3.71
CA MET D 182 -35.60 32.05 -5.01
C MET D 182 -36.14 33.37 -5.62
N ILE D 183 -36.11 33.49 -6.95
CA ILE D 183 -36.77 34.67 -7.55
C ILE D 183 -38.27 34.64 -7.20
N PRO D 184 -38.87 35.81 -7.04
CA PRO D 184 -40.25 35.88 -6.65
C PRO D 184 -41.20 35.19 -7.61
N GLU D 185 -40.85 35.08 -8.87
CA GLU D 185 -41.74 34.53 -9.86
C GLU D 185 -41.54 33.03 -10.01
N ALA D 186 -40.68 32.45 -9.19
CA ALA D 186 -40.26 31.09 -9.40
C ALA D 186 -41.40 30.17 -9.62
N LEU D 187 -42.44 30.35 -8.83
CA LEU D 187 -43.56 29.40 -8.78
C LEU D 187 -44.83 29.98 -9.36
N ALA D 188 -44.69 31.07 -10.10
CA ALA D 188 -45.82 31.70 -10.81
C ALA D 188 -46.58 30.79 -11.74
N HIS D 189 -45.87 29.82 -12.33
CA HIS D 189 -46.42 28.92 -13.31
C HIS D 189 -46.50 27.50 -12.77
N THR D 190 -46.60 27.41 -11.46
CA THR D 190 -46.69 26.12 -10.82
C THR D 190 -47.84 26.15 -9.85
N VAL D 191 -48.64 25.10 -9.87
CA VAL D 191 -49.92 25.01 -9.18
C VAL D 191 -49.96 23.64 -8.43
N GLN D 192 -50.81 23.53 -7.43
CA GLN D 192 -50.78 22.39 -6.54
C GLN D 192 -52.19 22.00 -6.11
N LEU D 193 -52.42 20.68 -6.05
CA LEU D 193 -53.63 20.08 -5.51
C LEU D 193 -53.23 19.03 -4.47
N GLY D 194 -54.22 18.57 -3.72
CA GLY D 194 -54.04 17.45 -2.79
C GLY D 194 -54.03 16.13 -3.53
N TRP D 195 -53.15 15.25 -3.05
CA TRP D 195 -52.94 13.91 -3.61
C TRP D 195 -54.25 13.17 -3.47
N ASN D 196 -54.59 12.36 -4.48
CA ASN D 196 -55.80 11.49 -4.45
C ASN D 196 -57.11 12.27 -4.20
N ASP D 197 -57.24 13.44 -4.82
CA ASP D 197 -58.47 14.26 -4.80
C ASP D 197 -59.03 14.40 -6.21
N PRO D 198 -59.79 13.40 -6.69
CA PRO D 198 -60.30 13.44 -8.08
C PRO D 198 -61.24 14.61 -8.45
N ASP D 199 -62.11 15.02 -7.53
CA ASP D 199 -62.97 16.17 -7.74
C ASP D 199 -62.10 17.42 -8.08
N ALA D 200 -61.11 17.70 -7.24
CA ALA D 200 -60.27 18.87 -7.39
C ALA D 200 -59.52 18.83 -8.73
N LEU D 201 -59.01 17.65 -9.06
CA LEU D 201 -58.29 17.45 -10.28
C LEU D 201 -59.19 17.69 -11.50
N ARG D 202 -60.43 17.18 -11.42
CA ARG D 202 -61.40 17.35 -12.51
C ARG D 202 -61.73 18.84 -12.70
N GLU D 203 -61.95 19.53 -11.58
CA GLU D 203 -62.33 20.94 -11.64
C GLU D 203 -61.18 21.74 -12.25
N LEU D 204 -59.95 21.42 -11.83
CA LEU D 204 -58.78 22.07 -12.39
C LEU D 204 -58.76 21.94 -13.89
N PHE D 205 -58.82 20.70 -14.38
CA PHE D 205 -58.79 20.45 -15.85
C PHE D 205 -59.97 21.00 -16.62
N ALA D 206 -61.15 21.04 -15.99
CA ALA D 206 -62.34 21.68 -16.62
C ALA D 206 -62.09 23.17 -16.86
N ARG D 207 -61.39 23.80 -15.93
CA ARG D 207 -61.10 25.23 -16.03
C ARG D 207 -59.87 25.55 -16.88
N ASP D 208 -58.82 24.76 -16.73
CA ASP D 208 -57.47 25.11 -17.22
C ASP D 208 -56.73 24.00 -17.98
N GLY D 209 -57.43 22.91 -18.31
CA GLY D 209 -56.83 21.75 -19.00
C GLY D 209 -56.04 22.15 -20.21
N ASP D 210 -56.58 23.10 -20.97
CA ASP D 210 -55.94 23.61 -22.19
C ASP D 210 -54.68 24.49 -22.02
N ARG D 211 -54.41 24.98 -20.80
CA ARG D 211 -53.20 25.79 -20.48
C ARG D 211 -52.09 24.97 -19.83
N ILE D 212 -52.37 23.70 -19.53
CA ILE D 212 -51.40 22.91 -18.74
C ILE D 212 -50.37 22.23 -19.63
N ALA D 213 -49.10 22.59 -19.42
CA ALA D 213 -48.00 21.91 -20.09
C ALA D 213 -47.82 20.49 -19.57
N ALA D 214 -47.87 20.32 -18.26
CA ALA D 214 -47.57 19.03 -17.63
C ALA D 214 -48.19 18.86 -16.27
N VAL D 215 -48.51 17.61 -15.95
CA VAL D 215 -48.76 17.24 -14.58
C VAL D 215 -47.60 16.36 -14.14
N ILE D 216 -46.89 16.77 -13.10
CA ILE D 216 -45.82 15.92 -12.58
C ILE D 216 -46.34 15.30 -11.30
N VAL D 217 -45.95 14.05 -11.07
CA VAL D 217 -46.47 13.27 -9.95
C VAL D 217 -45.56 12.09 -9.55
N GLU D 218 -45.46 11.86 -8.25
CA GLU D 218 -44.92 10.61 -7.71
C GLU D 218 -46.03 9.55 -7.81
N PRO D 219 -45.91 8.57 -8.71
CA PRO D 219 -47.04 7.64 -8.89
C PRO D 219 -47.41 6.92 -7.59
N VAL D 220 -46.40 6.59 -6.80
CA VAL D 220 -46.61 6.32 -5.36
C VAL D 220 -45.94 7.48 -4.64
N LEU D 221 -46.67 8.15 -3.75
CA LEU D 221 -46.07 9.24 -2.92
C LEU D 221 -45.14 8.66 -1.84
N ALA D 222 -43.83 8.82 -2.00
CA ALA D 222 -42.85 8.19 -1.10
C ALA D 222 -42.21 9.15 -0.14
N ASN D 223 -42.11 10.41 -0.52
CA ASN D 223 -41.51 11.45 0.37
C ASN D 223 -42.42 12.12 1.41
N ALA D 224 -43.53 11.46 1.68
CA ALA D 224 -44.45 11.91 2.67
C ALA D 224 -45.37 10.75 3.03
N GLY D 225 -44.80 9.74 3.72
CA GLY D 225 -45.46 8.45 3.94
C GLY D 225 -45.32 7.74 2.62
N VAL D 226 -45.81 6.52 2.55
CA VAL D 226 -45.75 5.80 1.31
C VAL D 226 -47.20 5.65 0.90
N ILE D 227 -47.81 6.76 0.44
CA ILE D 227 -49.23 6.75 0.10
C ILE D 227 -49.40 6.36 -1.35
N PRO D 228 -49.84 5.10 -1.58
CA PRO D 228 -50.13 4.72 -2.96
C PRO D 228 -51.33 5.51 -3.55
N PRO D 229 -51.49 5.43 -4.87
CA PRO D 229 -52.59 6.18 -5.46
C PRO D 229 -53.89 5.42 -5.15
N ALA D 230 -54.96 6.18 -4.91
CA ALA D 230 -56.30 5.59 -4.75
C ALA D 230 -56.72 4.87 -6.03
N PRO D 231 -57.57 3.84 -5.87
CA PRO D 231 -58.11 3.12 -7.04
C PRO D 231 -58.62 4.08 -8.11
N GLY D 232 -58.12 3.93 -9.34
CA GLY D 232 -58.53 4.77 -10.46
C GLY D 232 -57.92 6.18 -10.61
N PHE D 233 -57.09 6.60 -9.65
CA PHE D 233 -56.56 7.97 -9.70
C PHE D 233 -55.56 8.19 -10.83
N LEU D 234 -54.59 7.28 -10.98
CA LEU D 234 -53.63 7.38 -12.09
C LEU D 234 -54.33 7.24 -13.44
N GLN D 235 -55.33 6.39 -13.51
CA GLN D 235 -56.08 6.19 -14.73
C GLN D 235 -56.78 7.52 -15.11
N LEU D 236 -57.38 8.15 -14.11
CA LEU D 236 -58.01 9.47 -14.27
C LEU D 236 -57.01 10.53 -14.75
N LEU D 237 -55.83 10.56 -14.14
CA LEU D 237 -54.78 11.51 -14.53
C LEU D 237 -54.39 11.34 -16.00
N ARG D 238 -54.16 10.09 -16.40
CA ARG D 238 -53.83 9.76 -17.78
C ARG D 238 -54.93 10.20 -18.77
N GLU D 239 -56.18 10.11 -18.35
CA GLU D 239 -57.30 10.47 -19.20
C GLU D 239 -57.39 11.99 -19.36
N LEU D 240 -57.31 12.71 -18.26
CA LEU D 240 -57.43 14.16 -18.30
C LEU D 240 -56.27 14.77 -19.05
N THR D 241 -55.05 14.36 -18.73
CA THR D 241 -53.89 14.87 -19.43
C THR D 241 -53.96 14.59 -20.93
N GLY D 242 -54.36 13.36 -21.30
CA GLY D 242 -54.41 12.97 -22.72
C GLY D 242 -55.47 13.75 -23.49
N ARG D 243 -56.62 13.91 -22.87
CA ARG D 243 -57.71 14.68 -23.41
C ARG D 243 -57.35 16.15 -23.63
N SER D 244 -56.57 16.71 -22.70
CA SER D 244 -56.25 18.15 -22.73
C SER D 244 -55.00 18.48 -23.52
N GLY D 245 -54.19 17.46 -23.85
CA GLY D 245 -52.90 17.70 -24.51
C GLY D 245 -51.79 18.12 -23.54
N ALA D 246 -51.98 17.85 -22.25
CA ALA D 246 -50.92 18.02 -21.24
C ALA D 246 -50.06 16.75 -21.15
N MET D 247 -48.75 16.90 -21.02
CA MET D 247 -47.87 15.76 -20.85
C MET D 247 -47.97 15.24 -19.41
N LEU D 248 -48.10 13.94 -19.26
CA LEU D 248 -48.09 13.32 -17.95
C LEU D 248 -46.65 12.89 -17.69
N VAL D 249 -46.10 13.42 -16.59
CA VAL D 249 -44.73 13.09 -16.16
C VAL D 249 -44.74 12.26 -14.85
N PHE D 250 -44.31 11.00 -14.91
CA PHE D 250 -44.14 10.22 -13.70
C PHE D 250 -42.74 10.46 -13.22
N ASP D 251 -42.63 10.99 -12.01
CA ASP D 251 -41.35 11.03 -11.30
C ASP D 251 -41.16 9.68 -10.63
N GLU D 252 -40.39 8.81 -11.29
CA GLU D 252 -40.12 7.47 -10.76
C GLU D 252 -38.70 7.39 -10.22
N VAL D 253 -38.17 8.52 -9.74
CA VAL D 253 -36.83 8.56 -9.14
C VAL D 253 -36.74 7.49 -8.08
N ILE D 254 -37.79 7.37 -7.27
CA ILE D 254 -37.81 6.40 -6.20
C ILE D 254 -38.47 5.10 -6.66
N THR D 255 -39.64 5.17 -7.29
CA THR D 255 -40.41 3.97 -7.63
C THR D 255 -39.80 3.10 -8.78
N GLY D 256 -39.02 3.72 -9.65
CA GLY D 256 -38.48 3.02 -10.79
C GLY D 256 -37.53 1.92 -10.37
N PHE D 257 -37.73 0.74 -10.95
CA PHE D 257 -36.95 -0.47 -10.62
C PHE D 257 -37.04 -0.87 -9.16
N ARG D 258 -38.08 -0.42 -8.47
CA ARG D 258 -38.19 -0.63 -7.03
C ARG D 258 -39.49 -1.31 -6.70
N VAL D 259 -40.60 -0.69 -7.07
CA VAL D 259 -41.95 -1.26 -6.82
C VAL D 259 -42.31 -2.39 -7.79
N ALA D 260 -41.54 -2.46 -8.88
CA ALA D 260 -41.64 -3.50 -9.92
C ALA D 260 -40.45 -3.29 -10.84
N ARG D 261 -40.18 -4.23 -11.72
CA ARG D 261 -39.06 -4.06 -12.66
C ARG D 261 -39.25 -2.79 -13.54
N GLY D 262 -40.47 -2.60 -14.06
CA GLY D 262 -40.82 -1.44 -14.89
C GLY D 262 -41.46 -0.32 -14.09
N GLY D 263 -41.18 -0.27 -12.80
CA GLY D 263 -41.68 0.79 -11.92
C GLY D 263 -43.20 0.79 -11.70
N ALA D 264 -43.72 1.91 -11.22
CA ALA D 264 -45.15 2.07 -10.94
C ALA D 264 -45.97 2.06 -12.24
N GLN D 265 -45.39 2.61 -13.31
CA GLN D 265 -45.88 2.42 -14.68
C GLN D 265 -46.46 1.02 -14.91
N GLU D 266 -45.61 0.01 -14.63
CA GLU D 266 -45.90 -1.40 -14.94
C GLU D 266 -46.83 -1.91 -13.87
N ARG D 267 -46.49 -1.65 -12.63
CA ARG D 267 -47.26 -2.15 -11.52
C ARG D 267 -48.74 -1.72 -11.62
N TYR D 268 -49.02 -0.47 -12.02
CA TYR D 268 -50.40 0.02 -12.03
C TYR D 268 -51.00 0.09 -13.43
N GLY D 269 -50.23 -0.32 -14.43
CA GLY D 269 -50.71 -0.36 -15.83
C GLY D 269 -51.10 0.98 -16.45
N VAL D 270 -50.36 2.02 -16.16
CA VAL D 270 -50.66 3.39 -16.68
C VAL D 270 -49.39 4.01 -17.18
N GLU D 271 -49.40 4.47 -18.42
CA GLU D 271 -48.20 4.88 -19.06
C GLU D 271 -48.22 6.37 -19.17
N PRO D 272 -47.18 7.05 -18.64
CA PRO D 272 -47.00 8.48 -18.81
C PRO D 272 -46.32 8.85 -20.09
N ASP D 273 -46.26 10.15 -20.39
CA ASP D 273 -45.59 10.68 -21.58
C ASP D 273 -44.10 10.80 -21.36
N LEU D 274 -43.70 11.26 -20.17
CA LEU D 274 -42.28 11.31 -19.78
C LEU D 274 -42.09 10.56 -18.46
N THR D 275 -40.91 9.99 -18.26
CA THR D 275 -40.59 9.27 -17.02
C THR D 275 -39.24 9.78 -16.54
N VAL D 276 -39.13 10.13 -15.26
CA VAL D 276 -37.85 10.49 -14.65
C VAL D 276 -37.33 9.31 -13.78
N LEU D 277 -36.05 9.01 -13.91
CA LEU D 277 -35.44 7.85 -13.26
C LEU D 277 -34.10 8.23 -12.62
N SER D 278 -33.73 7.51 -11.56
CA SER D 278 -32.47 7.69 -10.85
C SER D 278 -32.31 6.54 -9.83
N ARG D 279 -31.52 6.72 -8.78
CA ARG D 279 -31.52 5.85 -7.58
C ARG D 279 -31.15 4.41 -7.85
N VAL D 280 -32.14 3.52 -7.99
CA VAL D 280 -31.85 2.13 -8.23
C VAL D 280 -31.11 1.95 -9.57
N MET D 281 -31.46 2.79 -10.54
CA MET D 281 -30.89 2.73 -11.86
C MET D 281 -29.35 2.69 -11.80
N GLY D 282 -28.74 3.57 -11.02
CA GLY D 282 -27.31 3.67 -10.95
C GLY D 282 -26.67 3.05 -9.71
N GLY D 283 -27.45 2.36 -8.89
CA GLY D 283 -26.96 1.69 -7.67
C GLY D 283 -26.21 2.56 -6.67
N GLY D 284 -26.56 3.84 -6.61
CA GLY D 284 -25.85 4.78 -5.76
C GLY D 284 -24.84 5.70 -6.45
N PHE D 285 -24.51 5.44 -7.71
CA PHE D 285 -23.65 6.36 -8.46
C PHE D 285 -24.49 7.57 -8.83
N PRO D 286 -23.90 8.76 -8.80
CA PRO D 286 -24.79 9.92 -9.13
C PRO D 286 -25.17 9.96 -10.60
N VAL D 287 -26.40 9.54 -10.88
CA VAL D 287 -26.91 9.44 -12.25
C VAL D 287 -28.45 9.46 -12.22
N ALA D 288 -29.03 10.02 -13.26
CA ALA D 288 -30.47 10.05 -13.43
C ALA D 288 -30.74 10.07 -14.95
N ALA D 289 -32.00 9.94 -15.32
CA ALA D 289 -32.41 10.03 -16.73
C ALA D 289 -33.86 10.46 -16.82
N PHE D 290 -34.22 11.04 -17.96
CA PHE D 290 -35.62 11.20 -18.23
C PHE D 290 -35.83 10.75 -19.66
N GLY D 291 -37.01 10.22 -19.95
CA GLY D 291 -37.30 9.74 -21.30
C GLY D 291 -38.75 9.47 -21.52
N GLY D 292 -39.07 9.10 -22.75
CA GLY D 292 -40.41 8.67 -23.11
C GLY D 292 -40.36 8.02 -24.48
N ARG D 293 -41.52 7.89 -25.12
CA ARG D 293 -41.58 7.35 -26.46
C ARG D 293 -41.05 8.38 -27.42
N ARG D 294 -40.83 7.98 -28.67
CA ARG D 294 -40.18 8.86 -29.64
C ARG D 294 -40.94 10.16 -29.87
N HIS D 295 -42.26 10.09 -29.88
CA HIS D 295 -43.06 11.28 -30.09
C HIS D 295 -42.80 12.31 -28.98
N ALA D 296 -42.90 11.89 -27.71
CA ALA D 296 -42.71 12.80 -26.58
C ALA D 296 -41.30 13.35 -26.55
N MET D 297 -40.33 12.59 -27.03
CA MET D 297 -38.90 13.00 -27.03
C MET D 297 -38.42 13.71 -28.31
N ARG D 298 -39.35 14.06 -29.19
CA ARG D 298 -39.01 14.54 -30.54
C ARG D 298 -38.15 15.83 -30.56
N MET D 299 -38.37 16.75 -29.62
CA MET D 299 -37.61 18.01 -29.63
C MET D 299 -36.18 17.82 -29.14
N LEU D 300 -35.92 16.72 -28.46
CA LEU D 300 -34.56 16.37 -28.08
C LEU D 300 -33.87 15.52 -29.12
N ALA D 301 -34.63 14.77 -29.92
CA ALA D 301 -34.06 14.00 -31.03
C ALA D 301 -33.55 14.97 -32.09
N SER D 302 -34.24 16.10 -32.25
CA SER D 302 -33.84 17.15 -33.19
C SER D 302 -32.83 18.15 -32.59
N ASN D 303 -32.51 17.99 -31.29
CA ASN D 303 -31.65 18.91 -30.54
C ASN D 303 -32.11 20.38 -30.56
N GLU D 304 -33.42 20.56 -30.64
CA GLU D 304 -34.04 21.87 -30.62
C GLU D 304 -34.28 22.25 -29.15
N ALA D 305 -34.75 21.29 -28.36
CA ALA D 305 -34.92 21.51 -26.93
C ALA D 305 -33.59 21.31 -26.19
N HIS D 306 -33.58 21.65 -24.91
CA HIS D 306 -32.34 21.76 -24.17
C HIS D 306 -32.19 20.75 -23.05
N HIS D 307 -30.97 20.23 -22.96
CA HIS D 307 -30.49 19.61 -21.74
C HIS D 307 -28.97 19.73 -21.78
N ALA D 308 -28.33 19.75 -20.62
CA ALA D 308 -26.89 19.96 -20.60
C ALA D 308 -26.28 19.35 -19.36
N GLY D 309 -24.98 19.61 -19.17
CA GLY D 309 -24.25 19.14 -18.02
C GLY D 309 -23.06 18.35 -18.50
N VAL D 310 -21.87 18.87 -18.24
CA VAL D 310 -20.65 18.28 -18.75
C VAL D 310 -20.49 16.79 -18.31
N TYR D 311 -20.98 16.44 -17.12
CA TYR D 311 -20.90 15.06 -16.59
C TYR D 311 -22.09 14.21 -16.98
N ALA D 312 -23.09 14.79 -17.64
CA ALA D 312 -24.26 14.03 -17.99
C ALA D 312 -23.90 12.85 -18.88
N GLY D 313 -24.33 11.67 -18.48
CA GLY D 313 -24.06 10.45 -19.28
C GLY D 313 -22.60 10.05 -19.34
N ASN D 314 -21.80 10.41 -18.32
CA ASN D 314 -20.38 10.05 -18.34
C ASN D 314 -20.24 8.50 -18.30
N HIS D 315 -19.05 8.00 -18.65
CA HIS D 315 -18.88 6.60 -18.91
C HIS D 315 -18.98 5.78 -17.63
N ALA D 316 -18.44 6.29 -16.53
CA ALA D 316 -18.63 5.61 -15.24
C ALA D 316 -20.13 5.47 -14.88
N ALA D 317 -20.87 6.57 -14.97
CA ALA D 317 -22.30 6.57 -14.63
C ALA D 317 -23.07 5.58 -15.48
N LEU D 318 -22.80 5.58 -16.76
CA LEU D 318 -23.49 4.62 -17.64
C LEU D 318 -23.02 3.16 -17.47
N ARG D 319 -21.76 2.96 -17.11
CA ARG D 319 -21.31 1.60 -16.70
C ARG D 319 -22.10 1.10 -15.47
N ALA D 320 -22.31 1.99 -14.50
CA ALA D 320 -23.14 1.66 -13.37
C ALA D 320 -24.59 1.30 -13.79
N VAL D 321 -25.17 2.04 -14.74
CA VAL D 321 -26.53 1.76 -15.19
C VAL D 321 -26.56 0.39 -15.85
N VAL D 322 -25.57 0.14 -16.71
CA VAL D 322 -25.47 -1.15 -17.42
C VAL D 322 -25.30 -2.33 -16.45
N ALA D 323 -24.40 -2.18 -15.47
CA ALA D 323 -24.18 -3.25 -14.52
C ALA D 323 -25.41 -3.48 -13.63
N MET D 324 -26.03 -2.39 -13.20
CA MET D 324 -27.17 -2.50 -12.27
C MET D 324 -28.43 -3.03 -12.95
N LEU D 325 -28.79 -2.43 -14.07
CA LEU D 325 -29.96 -2.90 -14.82
C LEU D 325 -29.71 -4.28 -15.46
N GLY D 326 -28.47 -4.56 -15.86
CA GLY D 326 -28.10 -5.91 -16.30
C GLY D 326 -28.33 -6.93 -15.22
N LYS D 327 -27.87 -6.62 -14.00
CA LYS D 327 -28.08 -7.52 -12.88
C LYS D 327 -29.57 -7.76 -12.62
N ILE D 328 -30.35 -6.68 -12.59
CA ILE D 328 -31.80 -6.76 -12.27
C ILE D 328 -32.51 -7.62 -13.34
N ARG D 329 -32.15 -7.37 -14.58
CA ARG D 329 -32.70 -8.10 -15.71
C ARG D 329 -32.44 -9.62 -15.59
N SER D 330 -31.26 -9.98 -15.09
CA SER D 330 -30.87 -11.38 -14.98
C SER D 330 -31.58 -12.12 -13.85
N LEU D 331 -32.38 -11.41 -13.06
CA LEU D 331 -33.04 -11.95 -11.85
C LEU D 331 -34.54 -11.79 -11.99
N PRO D 332 -35.17 -12.70 -12.75
CA PRO D 332 -36.56 -12.47 -13.11
C PRO D 332 -37.55 -12.58 -11.96
N ASP D 333 -37.16 -13.23 -10.86
CA ASP D 333 -38.05 -13.34 -9.68
C ASP D 333 -37.65 -12.38 -8.54
N LEU D 334 -36.84 -11.38 -8.85
CA LEU D 334 -36.30 -10.48 -7.82
C LEU D 334 -37.42 -9.77 -7.08
N TYR D 335 -38.37 -9.23 -7.83
CA TYR D 335 -39.44 -8.43 -7.26
C TYR D 335 -40.44 -9.26 -6.46
N GLU D 336 -40.53 -10.55 -6.77
CA GLU D 336 -41.33 -11.50 -5.96
C GLU D 336 -40.59 -11.80 -4.56
N ARG D 337 -39.26 -11.93 -4.55
CA ARG D 337 -38.48 -12.12 -3.33
C ARG D 337 -38.39 -10.80 -2.49
N LEU D 338 -38.28 -9.64 -3.14
CA LEU D 338 -38.34 -8.34 -2.46
C LEU D 338 -39.68 -8.14 -1.78
N GLU D 339 -40.75 -8.57 -2.44
CA GLU D 339 -42.11 -8.51 -1.85
C GLU D 339 -42.19 -9.35 -0.55
N ASP D 340 -41.58 -10.55 -0.54
CA ASP D 340 -41.55 -11.39 0.68
C ASP D 340 -40.78 -10.68 1.78
N THR D 341 -39.67 -10.06 1.41
CA THR D 341 -38.85 -9.34 2.37
C THR D 341 -39.68 -8.25 3.04
N GLY D 342 -40.40 -7.49 2.23
CA GLY D 342 -41.23 -6.40 2.74
C GLY D 342 -42.39 -6.88 3.57
N GLN D 343 -43.00 -7.98 3.14
CA GLN D 343 -44.10 -8.54 3.89
C GLN D 343 -43.59 -8.98 5.27
N TYR D 344 -42.46 -9.67 5.29
CA TYR D 344 -41.93 -10.18 6.55
C TYR D 344 -41.58 -9.01 7.49
N MET D 345 -41.04 -7.91 6.94
CA MET D 345 -40.75 -6.74 7.77
C MET D 345 -42.06 -6.15 8.25
N GLU D 346 -43.01 -5.95 7.33
CA GLU D 346 -44.32 -5.45 7.71
C GLU D 346 -44.94 -6.29 8.85
N ASP D 347 -45.02 -7.61 8.67
CA ASP D 347 -45.64 -8.49 9.69
C ASP D 347 -44.85 -8.48 11.03
N ILE D 362 -48.60 1.95 9.11
CA ILE D 362 -47.63 1.33 8.21
C ILE D 362 -48.22 1.24 6.80
N ASN D 363 -47.61 1.89 5.83
CA ASN D 363 -47.96 1.68 4.41
C ASN D 363 -46.77 0.99 3.70
N ARG D 364 -47.05 0.08 2.77
CA ARG D 364 -45.98 -0.58 2.06
C ARG D 364 -46.30 -0.77 0.60
N VAL D 365 -45.32 -0.51 -0.25
CA VAL D 365 -45.40 -0.92 -1.63
C VAL D 365 -44.03 -1.58 -1.93
N GLY D 366 -44.00 -2.93 -1.89
CA GLY D 366 -42.79 -3.70 -2.06
C GLY D 366 -41.86 -3.45 -0.90
N THR D 367 -40.65 -3.00 -1.21
CA THR D 367 -39.60 -2.71 -0.20
C THR D 367 -39.62 -1.24 0.23
N LEU D 368 -40.60 -0.49 -0.26
CA LEU D 368 -40.79 0.92 0.07
C LEU D 368 -41.80 0.82 1.19
N MET D 369 -41.49 1.46 2.31
CA MET D 369 -42.25 1.22 3.53
C MET D 369 -42.22 2.41 4.48
N SER D 370 -43.40 2.77 4.99
CA SER D 370 -43.55 3.87 5.95
C SER D 370 -44.04 3.30 7.28
N VAL D 371 -43.44 3.75 8.39
CA VAL D 371 -43.77 3.30 9.73
C VAL D 371 -43.87 4.54 10.64
N ALA D 372 -45.09 4.86 11.08
CA ALA D 372 -45.34 6.06 11.85
C ALA D 372 -46.13 5.73 13.12
N LEU D 373 -45.64 6.22 14.24
CA LEU D 373 -46.21 6.05 15.55
C LEU D 373 -47.35 7.04 15.67
N LEU D 374 -48.52 6.55 16.06
CA LEU D 374 -49.73 7.40 16.07
C LEU D 374 -50.03 8.02 17.45
N LYS D 375 -50.76 9.14 17.46
CA LYS D 375 -51.23 9.75 18.70
C LYS D 375 -52.17 8.79 19.46
N GLY D 376 -52.09 8.80 20.80
CA GLY D 376 -52.72 7.76 21.63
C GLY D 376 -54.23 7.64 21.63
N GLU D 383 -57.41 4.96 6.87
CA GLU D 383 -56.45 5.02 5.77
C GLU D 383 -56.35 6.41 5.11
N PRO D 384 -55.44 7.25 5.62
CA PRO D 384 -55.28 8.57 5.00
C PRO D 384 -54.89 8.46 3.53
N ARG D 385 -55.45 9.36 2.70
CA ARG D 385 -55.22 9.33 1.27
C ARG D 385 -54.21 10.39 0.84
N ASP D 386 -53.80 11.25 1.76
CA ASP D 386 -52.88 12.30 1.42
C ASP D 386 -52.05 12.70 2.61
N LEU D 387 -51.09 13.60 2.36
CA LEU D 387 -50.19 14.14 3.37
C LEU D 387 -50.84 14.77 4.61
N ARG D 388 -51.84 15.63 4.42
CA ARG D 388 -52.54 16.23 5.57
C ARG D 388 -53.25 15.20 6.46
N GLN D 389 -54.00 14.29 5.82
CA GLN D 389 -54.71 13.26 6.56
C GLN D 389 -53.74 12.39 7.37
N LEU D 390 -52.60 12.02 6.78
CA LEU D 390 -51.63 11.15 7.49
C LEU D 390 -50.91 11.89 8.62
N ALA D 391 -50.48 13.14 8.35
CA ALA D 391 -49.73 13.97 9.31
C ALA D 391 -50.59 14.38 10.49
N VAL D 394 -50.34 11.22 13.28
CA VAL D 394 -48.95 10.95 13.69
C VAL D 394 -48.46 11.75 14.90
N ASP D 395 -47.75 11.05 15.78
CA ASP D 395 -47.14 11.66 16.98
C ASP D 395 -45.66 11.91 16.68
N PHE D 396 -45.34 13.07 16.11
CA PHE D 396 -43.98 13.36 15.65
C PHE D 396 -42.90 13.40 16.76
N PRO D 397 -43.17 14.07 17.89
CA PRO D 397 -42.17 14.06 18.97
C PRO D 397 -41.85 12.65 19.49
N ARG D 398 -42.87 11.79 19.62
CA ARG D 398 -42.63 10.41 20.07
C ARG D 398 -41.88 9.61 19.02
N HIS D 399 -42.22 9.79 17.74
CA HIS D 399 -41.46 9.09 16.68
C HIS D 399 -39.95 9.50 16.70
N ARG D 400 -39.67 10.80 16.76
CA ARG D 400 -38.28 11.29 16.91
C ARG D 400 -37.59 10.65 18.10
N ARG D 401 -38.32 10.52 19.21
CA ARG D 401 -37.76 9.95 20.43
C ARG D 401 -37.48 8.48 20.19
N LEU D 402 -38.43 7.80 19.56
CA LEU D 402 -38.26 6.39 19.19
C LEU D 402 -37.03 6.14 18.31
N GLN D 403 -36.73 7.03 17.35
CA GLN D 403 -35.61 6.75 16.50
C GLN D 403 -34.28 6.93 17.19
N THR D 404 -34.17 7.89 18.13
CA THR D 404 -32.95 8.02 18.97
C THR D 404 -32.70 6.70 19.75
N LEU D 405 -33.77 6.13 20.30
CA LEU D 405 -33.67 4.93 21.09
C LEU D 405 -33.29 3.74 20.22
N ALA D 406 -33.92 3.67 19.04
CA ALA D 406 -33.59 2.61 18.06
C ALA D 406 -32.14 2.69 17.60
N GLN D 407 -31.69 3.91 17.34
CA GLN D 407 -30.33 4.13 16.85
C GLN D 407 -29.35 3.63 17.85
N LYS D 408 -29.61 3.92 19.14
CA LYS D 408 -28.78 3.38 20.23
C LYS D 408 -28.80 1.88 20.31
N GLU D 409 -29.96 1.27 20.02
CA GLU D 409 -30.04 -0.19 19.91
C GLU D 409 -29.39 -0.69 18.62
N TYR D 412 -30.96 2.17 12.52
CA TYR D 412 -31.18 3.52 12.01
C TYR D 412 -32.29 3.61 11.01
N PHE D 413 -33.24 4.49 11.32
CA PHE D 413 -34.18 5.02 10.32
C PHE D 413 -34.30 6.53 10.52
N HIS D 414 -34.86 7.25 9.54
CA HIS D 414 -34.98 8.73 9.59
C HIS D 414 -35.96 9.15 10.71
N PRO D 415 -35.62 10.19 11.51
CA PRO D 415 -36.46 10.61 12.65
C PRO D 415 -37.83 11.13 12.30
N ASN D 416 -38.02 11.60 11.08
CA ASN D 416 -39.31 12.05 10.63
C ASN D 416 -40.15 10.86 10.20
N ALA D 417 -41.32 10.70 10.80
CA ALA D 417 -42.15 9.53 10.56
C ALA D 417 -42.57 9.38 9.10
N LEU D 418 -42.67 10.51 8.39
CA LEU D 418 -43.10 10.52 7.00
C LEU D 418 -42.00 10.09 6.02
N GLU D 419 -40.76 9.95 6.48
CA GLU D 419 -39.68 9.53 5.60
C GLU D 419 -39.64 8.02 5.54
N PRO D 420 -39.73 7.46 4.33
CA PRO D 420 -39.79 6.01 4.23
C PRO D 420 -38.52 5.21 4.62
N TRP D 421 -38.72 3.92 4.93
CA TRP D 421 -37.67 2.89 4.95
C TRP D 421 -37.48 2.34 3.55
N PHE D 422 -36.23 2.03 3.19
CA PHE D 422 -35.88 1.43 1.89
C PHE D 422 -35.20 0.06 2.05
N LEU D 423 -35.99 -1.00 2.12
CA LEU D 423 -35.42 -2.35 2.33
C LEU D 423 -34.66 -2.84 1.10
N SER D 424 -33.85 -3.85 1.31
CA SER D 424 -32.95 -4.38 0.29
C SER D 424 -32.84 -5.90 0.46
N THR D 425 -32.21 -6.57 -0.48
CA THR D 425 -32.07 -8.04 -0.41
C THR D 425 -31.14 -8.41 0.73
N ALA D 426 -30.37 -7.44 1.24
CA ALA D 426 -29.51 -7.68 2.40
C ALA D 426 -30.28 -7.70 3.70
N HIS D 427 -31.53 -7.26 3.66
CA HIS D 427 -32.38 -7.34 4.84
C HIS D 427 -33.05 -8.73 4.92
N VAL D 431 -31.76 -10.61 9.82
CA VAL D 431 -31.67 -9.14 10.06
C VAL D 431 -32.97 -8.54 10.61
N ILE D 432 -34.07 -8.88 9.96
CA ILE D 432 -35.38 -8.38 10.33
C ILE D 432 -35.78 -8.86 11.71
N ASP D 433 -35.43 -10.10 12.08
CA ASP D 433 -35.61 -10.56 13.46
C ASP D 433 -34.79 -9.71 14.45
N LYS D 434 -33.54 -9.38 14.14
CA LYS D 434 -32.77 -8.41 14.97
C LYS D 434 -33.44 -7.02 15.05
N VAL D 435 -33.98 -6.56 13.94
CA VAL D 435 -34.67 -5.29 13.94
C VAL D 435 -35.86 -5.31 14.90
N ALA D 436 -36.63 -6.40 14.85
CA ALA D 436 -37.73 -6.59 15.77
C ALA D 436 -37.32 -6.43 17.28
N GLY D 437 -36.30 -7.17 17.68
CA GLY D 437 -35.82 -7.11 19.04
C GLY D 437 -35.66 -5.69 19.53
N THR E 13 5.91 -14.54 21.60
CA THR E 13 6.10 -14.40 23.07
C THR E 13 7.03 -13.23 23.49
N ASN E 14 6.78 -12.64 24.66
CA ASN E 14 7.61 -11.54 25.18
C ASN E 14 9.09 -11.92 25.18
N ALA E 15 9.40 -13.08 25.76
CA ALA E 15 10.78 -13.55 25.90
C ALA E 15 11.46 -13.74 24.55
N GLU E 16 10.74 -14.37 23.61
CA GLU E 16 11.26 -14.61 22.25
C GLU E 16 11.44 -13.31 21.47
N SER E 17 10.49 -12.40 21.65
CA SER E 17 10.54 -11.13 20.97
C SER E 17 11.72 -10.28 21.52
N LEU E 18 11.96 -10.33 22.83
CA LEU E 18 13.16 -9.69 23.43
C LEU E 18 14.47 -10.26 22.93
N ASP E 19 14.52 -11.59 22.71
CA ASP E 19 15.73 -12.23 22.17
C ASP E 19 15.99 -11.78 20.76
N GLY E 20 14.94 -11.59 19.97
CA GLY E 20 15.06 -10.98 18.64
C GLY E 20 15.61 -9.57 18.71
N ILE E 21 15.12 -8.80 19.68
CA ILE E 21 15.59 -7.42 19.84
C ILE E 21 17.09 -7.39 20.15
N LYS E 22 17.52 -8.30 21.03
CA LYS E 22 18.92 -8.40 21.45
C LYS E 22 19.89 -8.77 20.36
N SER E 23 19.43 -9.42 19.30
CA SER E 23 20.36 -9.75 18.22
C SER E 23 20.76 -8.50 17.42
N VAL E 24 19.97 -7.41 17.51
CA VAL E 24 20.35 -6.14 16.83
C VAL E 24 20.52 -4.89 17.75
N ILE E 25 20.02 -4.94 18.99
CA ILE E 25 20.26 -3.90 19.98
C ILE E 25 21.15 -4.52 21.06
N ALA E 26 22.41 -4.09 21.13
CA ALA E 26 23.36 -4.69 22.08
C ALA E 26 22.88 -4.46 23.50
N GLY E 27 22.57 -5.55 24.20
CA GLY E 27 22.05 -5.52 25.56
C GLY E 27 20.54 -5.56 25.69
N GLY E 28 19.84 -5.43 24.56
CA GLY E 28 18.38 -5.49 24.55
C GLY E 28 17.73 -4.14 24.68
N VAL E 29 18.38 -3.17 25.30
CA VAL E 29 17.83 -1.81 25.35
C VAL E 29 18.97 -0.81 25.23
N SER E 30 18.67 0.36 24.66
CA SER E 30 19.70 1.39 24.42
C SER E 30 20.31 1.95 25.72
N SER E 31 19.51 2.00 26.78
CA SER E 31 19.98 2.50 28.06
C SER E 31 20.33 1.36 29.04
N SER E 32 21.57 1.36 29.53
CA SER E 32 22.06 0.31 30.40
C SER E 32 21.17 0.05 31.63
N MET E 33 20.56 1.08 32.19
CA MET E 33 19.65 0.91 33.35
C MET E 33 18.34 0.25 32.92
N ARG E 34 17.73 0.78 31.87
CA ARG E 34 16.44 0.28 31.42
C ARG E 34 16.49 -1.11 30.79
N ALA E 35 17.70 -1.63 30.55
CA ALA E 35 17.85 -3.01 30.06
C ALA E 35 17.79 -4.03 31.21
N ALA E 36 17.92 -3.55 32.45
CA ALA E 36 17.71 -4.40 33.65
C ALA E 36 16.33 -4.21 34.29
N ALA E 37 15.44 -3.49 33.60
CA ALA E 37 14.16 -3.05 34.18
C ALA E 37 13.00 -3.99 33.85
N VAL E 38 13.32 -5.08 33.16
CA VAL E 38 12.30 -5.97 32.68
C VAL E 38 12.83 -7.43 32.81
N PRO E 39 13.18 -7.85 34.04
CA PRO E 39 13.73 -9.19 34.24
C PRO E 39 12.74 -10.30 33.92
N LEU E 40 11.44 -10.00 34.05
CA LEU E 40 10.41 -10.81 33.42
C LEU E 40 10.08 -10.09 32.11
N PRO E 41 10.50 -10.67 30.97
CA PRO E 41 10.39 -9.96 29.72
C PRO E 41 9.01 -9.38 29.42
N LEU E 42 9.03 -8.16 28.87
CA LEU E 42 7.83 -7.45 28.45
C LEU E 42 8.25 -6.62 27.26
N VAL E 43 7.68 -6.90 26.10
CA VAL E 43 7.93 -6.09 24.92
C VAL E 43 6.63 -5.39 24.54
N VAL E 44 6.71 -4.07 24.37
CA VAL E 44 5.50 -3.27 24.08
C VAL E 44 5.13 -3.36 22.60
N ARG E 45 3.84 -3.46 22.37
CA ARG E 45 3.25 -3.41 21.03
C ARG E 45 2.59 -2.05 20.83
N SER E 46 1.90 -1.59 21.86
CA SER E 46 1.23 -0.30 21.81
C SER E 46 0.99 0.21 23.22
N ALA E 47 0.60 1.47 23.33
CA ALA E 47 0.30 2.05 24.62
C ALA E 47 -0.66 3.22 24.49
N GLY E 48 -1.50 3.40 25.52
CA GLY E 48 -2.46 4.51 25.58
C GLY E 48 -3.04 4.64 26.97
N GLY E 49 -3.22 5.87 27.45
CA GLY E 49 -3.70 6.09 28.80
C GLY E 49 -2.59 5.65 29.75
N CYS E 50 -2.92 4.76 30.67
CA CYS E 50 -1.93 4.17 31.56
C CYS E 50 -1.83 2.69 31.26
N LEU E 51 -2.20 2.30 30.04
CA LEU E 51 -2.20 0.91 29.66
C LEU E 51 -1.15 0.58 28.60
N LEU E 52 -0.37 -0.48 28.83
CA LEU E 52 0.51 -1.06 27.82
C LEU E 52 -0.17 -2.26 27.18
N ARG E 53 0.10 -2.50 25.92
CA ARG E 53 -0.24 -3.77 25.29
C ARG E 53 1.03 -4.48 24.87
N ASP E 54 1.23 -5.65 25.46
CA ASP E 54 2.15 -6.71 25.04
C ASP E 54 2.15 -7.13 23.59
N VAL E 55 3.22 -7.81 23.19
CA VAL E 55 3.22 -8.60 21.96
C VAL E 55 2.39 -9.89 22.06
N GLU E 56 2.04 -10.33 23.27
CA GLU E 56 1.09 -11.41 23.51
C GLU E 56 -0.32 -10.87 23.75
N ASP E 57 -0.56 -9.61 23.37
CA ASP E 57 -1.82 -8.90 23.59
C ASP E 57 -2.32 -8.82 25.08
N GLY E 58 -1.46 -9.08 26.06
CA GLY E 58 -1.79 -8.79 27.46
C GLY E 58 -1.92 -7.29 27.71
N GLU E 59 -2.85 -6.90 28.59
CA GLU E 59 -2.95 -5.51 29.05
C GLU E 59 -2.25 -5.32 30.38
N ILE E 60 -1.42 -4.29 30.49
CA ILE E 60 -0.68 -4.00 31.71
C ILE E 60 -0.87 -2.54 32.13
N ILE E 61 -1.30 -2.34 33.37
CA ILE E 61 -1.38 -1.01 33.95
C ILE E 61 0.03 -0.59 34.31
N ASP E 62 0.47 0.53 33.76
CA ASP E 62 1.81 1.03 33.93
C ASP E 62 1.86 2.07 35.03
N LEU E 63 2.62 1.80 36.09
CA LEU E 63 2.84 2.79 37.14
C LEU E 63 4.12 3.58 36.92
N ASN E 64 4.95 3.11 35.99
CA ASN E 64 6.24 3.71 35.68
C ASN E 64 6.12 4.82 34.64
N MET E 65 5.29 4.59 33.63
CA MET E 65 4.92 5.62 32.66
C MET E 65 6.08 6.27 31.89
N GLY E 66 7.07 5.46 31.54
CA GLY E 66 8.19 5.96 30.76
C GLY E 66 9.03 7.00 31.45
N TYR E 67 9.07 6.93 32.77
CA TYR E 67 10.04 7.68 33.57
C TYR E 67 9.82 9.21 33.69
N GLY E 68 8.56 9.66 33.68
CA GLY E 68 8.22 11.05 34.07
C GLY E 68 7.53 12.04 33.12
N PRO E 69 7.61 11.83 31.78
CA PRO E 69 7.01 12.84 30.87
C PRO E 69 5.50 12.90 30.79
N HIS E 70 4.81 11.82 31.13
CA HIS E 70 3.38 11.64 30.80
C HIS E 70 2.45 11.97 31.94
N LEU E 71 2.22 13.25 32.11
CA LEU E 71 1.36 13.78 33.16
C LEU E 71 -0.10 13.41 32.90
N PHE E 72 -0.44 13.31 31.61
CA PHE E 72 -1.80 13.01 31.19
C PHE E 72 -1.91 11.62 30.57
N GLY E 73 -0.89 10.79 30.71
CA GLY E 73 -0.93 9.45 30.16
C GLY E 73 -0.37 9.35 28.76
N TYR E 74 -0.31 8.13 28.25
CA TYR E 74 0.24 7.83 26.93
C TYR E 74 -0.74 8.25 25.84
N ALA E 75 -0.22 8.54 24.65
CA ALA E 75 -1.05 8.88 23.48
C ALA E 75 -2.04 10.02 23.76
N ASP E 76 -1.51 11.11 24.32
CA ASP E 76 -2.29 12.32 24.61
C ASP E 76 -2.54 13.03 23.28
N ARG E 77 -3.78 12.97 22.79
CA ARG E 77 -4.11 13.48 21.44
C ARG E 77 -3.92 15.01 21.26
N GLU E 78 -4.25 15.78 22.29
CA GLU E 78 -4.03 17.23 22.28
C GLU E 78 -2.58 17.60 22.00
N VAL E 79 -1.66 16.71 22.30
CA VAL E 79 -0.24 16.93 22.05
C VAL E 79 0.27 16.18 20.82
N LEU E 80 -0.14 14.92 20.62
CA LEU E 80 0.09 14.23 19.33
C LEU E 80 -0.23 15.13 18.17
N ASP E 81 -1.46 15.64 18.16
CA ASP E 81 -2.00 16.37 17.00
C ASP E 81 -1.17 17.59 16.66
N ALA E 82 -0.75 18.32 17.69
CA ALA E 82 0.08 19.51 17.44
C ALA E 82 1.42 19.10 16.82
N VAL E 83 2.03 18.05 17.36
CA VAL E 83 3.34 17.61 16.86
C VAL E 83 3.23 17.10 15.41
N ALA E 84 2.20 16.30 15.14
CA ALA E 84 1.96 15.78 13.79
C ALA E 84 1.71 16.91 12.79
N ASP E 85 0.99 17.94 13.21
CA ASP E 85 0.82 19.14 12.38
C ASP E 85 2.15 19.79 12.04
N GLN E 86 3.07 19.82 12.99
CA GLN E 86 4.40 20.40 12.77
C GLN E 86 5.22 19.61 11.77
N PHE E 87 5.06 18.29 11.78
CA PHE E 87 5.70 17.41 10.78
C PHE E 87 5.23 17.75 9.37
N ALA E 88 3.99 18.20 9.23
CA ALA E 88 3.47 18.58 7.92
C ALA E 88 3.95 19.97 7.50
N LYS E 89 4.44 20.76 8.45
CA LYS E 89 4.83 22.17 8.18
C LYS E 89 6.33 22.46 8.26
N GLY E 90 7.17 21.42 8.41
CA GLY E 90 8.61 21.59 8.61
C GLY E 90 8.95 21.40 10.08
N HIS E 91 9.63 20.32 10.40
CA HIS E 91 9.92 19.98 11.79
C HIS E 91 11.33 20.31 12.21
N MET E 92 12.22 20.60 11.27
CA MET E 92 13.64 20.72 11.55
C MET E 92 14.35 21.43 10.40
N THR E 93 14.59 22.72 10.56
CA THR E 93 15.33 23.52 9.58
C THR E 93 16.63 24.05 10.11
N GLY E 94 16.79 24.07 11.44
CA GLY E 94 17.99 24.63 12.05
C GLY E 94 18.01 26.15 12.18
N LEU E 95 16.96 26.81 11.69
CA LEU E 95 16.87 28.26 11.70
C LEU E 95 15.94 28.71 12.82
N PRO E 96 16.03 29.97 13.24
CA PRO E 96 15.01 30.51 14.17
C PRO E 96 13.59 30.40 13.56
N HIS E 97 12.58 30.24 14.41
CA HIS E 97 11.22 29.88 13.97
C HIS E 97 10.26 30.64 14.85
N GLU E 98 9.05 30.91 14.36
CA GLU E 98 8.00 31.59 15.18
C GLU E 98 7.69 30.93 16.52
N LEU E 99 7.79 29.60 16.59
CA LEU E 99 7.53 28.85 17.81
C LEU E 99 8.51 29.20 18.93
N ASP E 100 9.76 29.51 18.57
CA ASP E 100 10.81 29.66 19.56
C ASP E 100 10.38 30.62 20.67
N ALA E 101 9.80 31.75 20.28
CA ALA E 101 9.36 32.76 21.24
C ALA E 101 8.19 32.25 22.11
N ARG E 102 7.32 31.44 21.51
CA ARG E 102 6.15 30.93 22.23
C ARG E 102 6.59 29.89 23.26
N ALA E 103 7.49 28.99 22.88
CA ALA E 103 8.03 28.01 23.83
C ALA E 103 8.75 28.73 24.95
N GLY E 104 9.64 29.66 24.61
CA GLY E 104 10.38 30.39 25.63
C GLY E 104 9.45 31.12 26.60
N ALA E 105 8.46 31.81 26.05
CA ALA E 105 7.53 32.63 26.87
C ALA E 105 6.70 31.76 27.81
N LEU E 106 6.21 30.64 27.30
CA LEU E 106 5.50 29.68 28.17
C LEU E 106 6.33 29.18 29.35
N ILE E 107 7.59 28.82 29.09
CA ILE E 107 8.45 28.41 30.19
C ILE E 107 8.60 29.57 31.19
N ALA E 108 8.92 30.77 30.69
CA ALA E 108 9.16 31.93 31.56
C ALA E 108 7.94 32.27 32.40
N GLU E 109 6.76 32.14 31.82
CA GLU E 109 5.52 32.41 32.53
C GLU E 109 5.32 31.43 33.66
N LEU E 110 5.51 30.15 33.36
CA LEU E 110 5.23 29.08 34.32
C LEU E 110 6.37 28.86 35.37
N VAL E 111 7.61 29.24 35.06
CA VAL E 111 8.71 28.98 35.98
C VAL E 111 9.30 30.28 36.50
N PRO E 112 9.20 30.49 37.84
CA PRO E 112 9.65 31.72 38.51
C PRO E 112 11.06 32.16 38.13
N GLY E 113 12.01 31.26 38.35
CA GLY E 113 13.44 31.56 38.19
C GLY E 113 13.97 31.55 36.77
N VAL E 114 13.09 31.44 35.78
CA VAL E 114 13.49 31.39 34.37
C VAL E 114 12.89 32.52 33.55
N GLU E 115 13.78 33.32 32.95
CA GLU E 115 13.38 34.34 31.98
C GLU E 115 13.87 34.02 30.56
N GLN E 116 14.99 33.33 30.44
CA GLN E 116 15.54 32.92 29.16
C GLN E 116 16.01 31.48 29.25
N VAL E 117 15.97 30.79 28.13
CA VAL E 117 16.40 29.41 28.09
C VAL E 117 17.27 29.14 26.87
N ARG E 118 17.93 27.98 26.88
CA ARG E 118 18.32 27.32 25.66
C ARG E 118 17.81 25.89 25.72
N PHE E 119 17.53 25.33 24.56
CA PHE E 119 17.00 23.98 24.47
C PHE E 119 18.07 22.98 24.10
N ALA E 120 17.79 21.72 24.44
CA ALA E 120 18.66 20.59 24.16
C ALA E 120 17.76 19.42 23.83
N ASN E 121 18.37 18.30 23.47
CA ASN E 121 17.62 17.07 23.24
C ASN E 121 17.33 16.23 24.50
N SER E 122 18.07 16.45 25.59
CA SER E 122 18.01 15.53 26.74
C SER E 122 18.45 16.23 28.02
N GLY E 123 18.03 15.71 29.16
CA GLY E 123 18.51 16.23 30.43
C GLY E 123 20.02 16.15 30.59
N THR E 124 20.62 15.09 30.07
CA THR E 124 22.06 14.91 30.11
C THR E 124 22.76 16.11 29.40
N GLU E 125 22.29 16.45 28.20
CA GLU E 125 22.85 17.58 27.43
C GLU E 125 22.60 18.91 28.13
N ALA E 126 21.38 19.12 28.57
CA ALA E 126 21.05 20.34 29.24
C ALA E 126 21.91 20.57 30.49
N VAL E 127 22.09 19.53 31.31
CA VAL E 127 22.95 19.57 32.52
C VAL E 127 24.39 19.90 32.14
N ALA E 128 24.94 19.21 31.14
CA ALA E 128 26.36 19.45 30.79
C ALA E 128 26.61 20.90 30.39
N SER E 129 25.75 21.47 29.54
CA SER E 129 25.90 22.88 29.16
C SER E 129 25.62 23.84 30.31
N ALA E 130 24.68 23.50 31.19
CA ALA E 130 24.38 24.31 32.38
C ALA E 130 25.59 24.41 33.34
N LEU E 131 26.26 23.26 33.54
CA LEU E 131 27.46 23.24 34.39
C LEU E 131 28.58 24.03 33.74
N ARG E 132 28.71 23.90 32.42
CA ARG E 132 29.71 24.69 31.70
C ARG E 132 29.41 26.18 31.84
N LEU E 133 28.14 26.56 31.74
CA LEU E 133 27.77 27.95 31.93
C LEU E 133 28.20 28.45 33.30
N ALA E 134 27.97 27.66 34.35
CA ALA E 134 28.35 28.05 35.70
C ALA E 134 29.88 28.17 35.87
N ARG E 135 30.62 27.24 35.28
CA ARG E 135 32.08 27.32 35.32
C ARG E 135 32.57 28.57 34.57
N ALA E 136 32.02 28.82 33.39
CA ALA E 136 32.43 29.94 32.56
C ALA E 136 32.09 31.29 33.20
N THR E 137 30.92 31.34 33.86
CA THR E 137 30.42 32.57 34.45
C THR E 137 31.20 32.96 35.72
N THR E 138 31.42 31.99 36.60
CA THR E 138 32.11 32.23 37.86
C THR E 138 33.63 32.25 37.70
N GLY E 139 34.14 31.73 36.60
CA GLY E 139 35.58 31.48 36.46
C GLY E 139 36.12 30.43 37.43
N ARG E 140 35.23 29.56 37.93
CA ARG E 140 35.63 28.49 38.85
C ARG E 140 35.40 27.17 38.15
N THR E 141 35.82 26.07 38.77
CA THR E 141 35.65 24.75 38.15
C THR E 141 34.90 23.73 39.02
N LEU E 142 34.97 23.86 40.33
CA LEU E 142 34.47 22.86 41.28
C LEU E 142 32.94 22.81 41.31
N VAL E 143 32.37 21.60 41.14
CA VAL E 143 30.91 21.41 41.21
C VAL E 143 30.61 20.44 42.35
N VAL E 144 29.55 20.75 43.10
CA VAL E 144 29.08 19.94 44.19
C VAL E 144 27.84 19.18 43.77
N THR E 145 27.83 17.88 44.09
CA THR E 145 26.65 16.99 43.90
C THR E 145 26.24 16.32 45.22
N PHE E 146 25.07 15.68 45.23
CA PHE E 146 24.63 14.93 46.40
C PHE E 146 24.46 13.45 46.03
N GLU E 147 24.74 12.58 46.98
CA GLU E 147 24.71 11.15 46.74
C GLU E 147 23.33 10.69 46.39
N GLY E 148 23.27 9.97 45.28
CA GLY E 148 22.02 9.38 44.78
C GLY E 148 21.34 10.30 43.78
N HIS E 149 21.75 11.57 43.74
CA HIS E 149 21.17 12.53 42.83
C HIS E 149 21.77 12.32 41.44
N TYR E 150 20.91 12.19 40.45
CA TYR E 150 21.37 11.85 39.12
C TYR E 150 21.14 13.01 38.18
N HIS E 151 22.19 13.38 37.44
CA HIS E 151 22.15 14.51 36.53
C HIS E 151 22.51 14.15 35.09
N GLY E 152 22.25 12.91 34.73
CA GLY E 152 22.61 12.42 33.42
C GLY E 152 24.01 11.84 33.41
N TRP E 153 24.47 11.47 32.22
CA TRP E 153 25.71 10.69 32.09
C TRP E 153 26.89 11.42 31.50
N SER E 154 26.85 12.76 31.51
CA SER E 154 27.97 13.55 30.98
C SER E 154 29.20 13.35 31.85
N GLU E 155 30.36 13.61 31.25
CA GLU E 155 31.63 13.15 31.76
C GLU E 155 31.93 13.68 33.17
N THR E 156 31.53 14.91 33.48
CA THR E 156 31.89 15.55 34.77
C THR E 156 30.91 15.26 35.91
N VAL E 157 29.79 14.60 35.62
CA VAL E 157 28.84 14.28 36.67
C VAL E 157 28.49 12.81 36.87
N LEU E 158 28.87 11.92 35.95
CA LEU E 158 28.44 10.52 36.06
C LEU E 158 29.15 9.79 37.19
N ARG E 159 28.44 9.68 38.32
CA ARG E 159 28.85 8.89 39.46
C ARG E 159 28.14 7.50 39.49
N ALA E 160 28.70 6.56 40.25
CA ALA E 160 28.15 5.18 40.39
C ALA E 160 26.69 5.15 40.80
N THR E 170 32.84 2.37 51.89
CA THR E 170 32.34 3.49 51.06
C THR E 170 31.53 4.52 51.88
N ARG E 171 31.89 5.79 51.70
CA ARG E 171 31.27 7.00 52.31
C ARG E 171 30.54 7.86 51.27
N PRO E 172 29.57 8.69 51.68
CA PRO E 172 28.83 9.53 50.73
C PRO E 172 29.73 10.60 50.06
N THR E 173 30.85 10.87 50.69
CA THR E 173 31.83 11.81 50.24
C THR E 173 32.74 11.21 49.13
N ASP E 174 32.70 9.89 48.95
CA ASP E 174 33.51 9.24 47.92
C ASP E 174 32.87 9.51 46.56
N VAL E 175 33.70 9.91 45.60
CA VAL E 175 33.26 10.22 44.25
C VAL E 175 33.75 9.08 43.37
N VAL E 176 32.83 8.21 42.95
CA VAL E 176 33.14 6.99 42.21
C VAL E 176 32.60 7.10 40.79
N PRO E 177 33.48 7.05 39.77
CA PRO E 177 33.02 7.08 38.37
C PRO E 177 31.92 6.05 38.08
N GLY E 178 30.93 6.44 37.27
CA GLY E 178 29.72 5.62 37.02
C GLY E 178 29.72 4.81 35.77
N ALA E 179 30.76 4.94 34.96
CA ALA E 179 30.84 4.19 33.69
C ALA E 179 32.27 3.81 33.43
N LEU E 180 32.47 2.66 32.81
CA LEU E 180 33.77 2.30 32.27
C LEU E 180 34.05 3.23 31.11
N GLY E 181 35.33 3.47 30.85
CA GLY E 181 35.73 4.21 29.67
C GLY E 181 35.66 5.72 29.78
N MET E 182 35.51 6.22 31.01
CA MET E 182 35.64 7.67 31.30
C MET E 182 37.11 8.05 31.46
N ILE E 183 37.47 9.27 31.08
CA ILE E 183 38.85 9.71 31.35
C ILE E 183 39.10 9.77 32.86
N PRO E 184 40.35 9.46 33.28
CA PRO E 184 40.59 9.32 34.70
C PRO E 184 40.30 10.62 35.48
N GLU E 185 40.40 11.77 34.82
CA GLU E 185 40.22 13.07 35.47
C GLU E 185 38.76 13.51 35.44
N ALA E 186 37.87 12.66 34.96
CA ALA E 186 36.53 13.09 34.68
C ALA E 186 35.91 13.79 35.87
N LEU E 187 36.09 13.22 37.05
CA LEU E 187 35.41 13.67 38.25
C LEU E 187 36.34 14.42 39.22
N ALA E 188 37.51 14.82 38.72
CA ALA E 188 38.50 15.56 39.51
C ALA E 188 37.95 16.84 40.11
N HIS E 189 36.99 17.48 39.42
CA HIS E 189 36.42 18.74 39.82
C HIS E 189 34.97 18.59 40.25
N THR E 190 34.62 17.38 40.67
CA THR E 190 33.30 17.10 41.15
C THR E 190 33.40 16.44 42.53
N VAL E 191 32.54 16.89 43.44
CA VAL E 191 32.60 16.55 44.85
C VAL E 191 31.17 16.13 45.27
N GLN E 192 31.05 15.41 46.37
CA GLN E 192 29.76 14.86 46.78
C GLN E 192 29.60 14.89 48.30
N LEU E 193 28.37 15.19 48.72
CA LEU E 193 27.93 15.11 50.11
C LEU E 193 26.64 14.28 50.18
N GLY E 194 26.27 13.88 51.40
CA GLY E 194 24.99 13.24 51.62
C GLY E 194 23.84 14.25 51.55
N TRP E 195 22.71 13.80 51.00
CA TRP E 195 21.51 14.57 50.89
C TRP E 195 21.04 14.90 52.28
N ASN E 196 20.52 16.13 52.45
CA ASN E 196 19.93 16.58 53.72
C ASN E 196 20.88 16.49 54.92
N ASP E 197 22.13 16.81 54.70
CA ASP E 197 23.14 16.86 55.79
C ASP E 197 23.68 18.28 55.94
N PRO E 198 22.99 19.14 56.71
CA PRO E 198 23.36 20.59 56.75
C PRO E 198 24.72 20.86 57.35
N ASP E 199 25.11 20.08 58.34
CA ASP E 199 26.44 20.24 58.94
C ASP E 199 27.52 20.08 57.86
N ALA E 200 27.44 18.98 57.10
CA ALA E 200 28.43 18.66 56.08
C ALA E 200 28.49 19.73 55.01
N LEU E 201 27.32 20.21 54.63
CA LEU E 201 27.20 21.29 53.65
C LEU E 201 27.83 22.58 54.14
N ARG E 202 27.55 22.93 55.39
CA ARG E 202 28.13 24.15 56.01
C ARG E 202 29.65 24.06 56.06
N GLU E 203 30.16 22.88 56.45
CA GLU E 203 31.59 22.70 56.59
C GLU E 203 32.23 22.86 55.20
N LEU E 204 31.61 22.22 54.20
CA LEU E 204 32.14 22.31 52.84
C LEU E 204 32.29 23.77 52.43
N PHE E 205 31.21 24.53 52.54
CA PHE E 205 31.23 25.96 52.17
C PHE E 205 32.18 26.82 53.00
N ALA E 206 32.32 26.52 54.29
CA ALA E 206 33.29 27.24 55.14
C ALA E 206 34.71 27.04 54.63
N ARG E 207 35.01 25.84 54.12
CA ARG E 207 36.35 25.54 53.61
C ARG E 207 36.57 25.98 52.17
N ASP E 208 35.56 25.79 51.32
CA ASP E 208 35.73 25.86 49.87
C ASP E 208 34.66 26.69 49.11
N GLY E 209 33.84 27.43 49.85
CA GLY E 209 32.73 28.18 49.27
C GLY E 209 33.19 29.04 48.12
N ASP E 210 34.36 29.64 48.27
CA ASP E 210 34.94 30.54 47.28
C ASP E 210 35.51 29.89 46.00
N ARG E 211 35.69 28.55 46.01
CA ARG E 211 36.15 27.78 44.81
C ARG E 211 35.01 27.08 44.10
N ILE E 212 33.80 27.14 44.63
CA ILE E 212 32.67 26.39 44.03
C ILE E 212 31.97 27.16 42.89
N ALA E 213 32.00 26.58 41.69
CA ALA E 213 31.26 27.13 40.56
C ALA E 213 29.76 26.93 40.72
N ALA E 214 29.36 25.73 41.14
CA ALA E 214 27.95 25.37 41.23
C ALA E 214 27.67 24.26 42.22
N VAL E 215 26.47 24.31 42.81
CA VAL E 215 25.90 23.17 43.45
C VAL E 215 24.72 22.70 42.59
N ILE E 216 24.77 21.45 42.14
CA ILE E 216 23.67 20.90 41.39
C ILE E 216 22.93 19.92 42.28
N VAL E 217 21.60 19.90 42.16
CA VAL E 217 20.76 19.19 43.11
C VAL E 217 19.37 18.88 42.52
N GLU E 218 18.86 17.69 42.83
CA GLU E 218 17.45 17.35 42.65
C GLU E 218 16.69 17.89 43.82
N PRO E 219 15.87 18.93 43.62
CA PRO E 219 15.28 19.61 44.79
C PRO E 219 14.43 18.65 45.56
N VAL E 220 13.75 17.75 44.88
CA VAL E 220 13.25 16.52 45.49
C VAL E 220 14.07 15.40 44.89
N LEU E 221 14.68 14.56 45.72
CA LEU E 221 15.44 13.42 45.20
C LEU E 221 14.46 12.38 44.69
N ALA E 222 14.39 12.19 43.38
CA ALA E 222 13.45 11.21 42.77
C ALA E 222 14.09 9.91 42.24
N ASN E 223 15.36 9.95 41.84
CA ASN E 223 16.07 8.75 41.36
C ASN E 223 16.67 7.82 42.45
N ALA E 224 16.20 7.95 43.69
CA ALA E 224 16.67 7.10 44.80
C ALA E 224 15.69 7.21 45.96
N GLY E 225 14.49 6.69 45.74
CA GLY E 225 13.32 6.94 46.58
C GLY E 225 12.85 8.30 46.20
N VAL E 226 11.82 8.78 46.84
CA VAL E 226 11.36 10.12 46.58
C VAL E 226 11.58 10.90 47.84
N ILE E 227 12.85 11.21 48.13
CA ILE E 227 13.20 11.85 49.40
C ILE E 227 13.14 13.35 49.28
N PRO E 228 12.11 13.97 49.87
CA PRO E 228 12.01 15.42 49.76
C PRO E 228 13.12 16.08 50.58
N PRO E 229 13.38 17.37 50.34
CA PRO E 229 14.36 18.05 51.17
C PRO E 229 13.84 18.26 52.60
N ALA E 230 14.73 18.11 53.58
CA ALA E 230 14.39 18.38 54.97
C ALA E 230 14.01 19.83 55.13
N PRO E 231 13.18 20.14 56.13
CA PRO E 231 12.78 21.52 56.42
C PRO E 231 14.01 22.43 56.51
N GLY E 232 14.00 23.51 55.70
CA GLY E 232 15.11 24.46 55.66
C GLY E 232 16.35 24.13 54.84
N PHE E 233 16.41 22.94 54.21
CA PHE E 233 17.64 22.53 53.51
C PHE E 233 17.87 23.29 52.20
N LEU E 234 16.84 23.42 51.38
CA LEU E 234 16.94 24.21 50.17
C LEU E 234 17.20 25.69 50.49
N GLN E 235 16.58 26.19 51.56
CA GLN E 235 16.80 27.58 51.97
C GLN E 235 18.30 27.77 52.30
N LEU E 236 18.84 26.80 53.04
CA LEU E 236 20.25 26.80 53.44
C LEU E 236 21.17 26.79 52.23
N LEU E 237 20.83 25.97 51.24
CA LEU E 237 21.62 25.87 50.00
C LEU E 237 21.65 27.18 49.25
N ARG E 238 20.48 27.79 49.09
CA ARG E 238 20.34 29.10 48.48
C ARG E 238 21.18 30.19 49.22
N GLU E 239 21.21 30.13 50.56
CA GLU E 239 21.92 31.12 51.41
C GLU E 239 23.44 30.94 51.20
N LEU E 240 23.94 29.70 51.26
CA LEU E 240 25.38 29.41 51.15
C LEU E 240 25.89 29.72 49.76
N THR E 241 25.20 29.23 48.73
CA THR E 241 25.58 29.51 47.35
C THR E 241 25.59 31.01 47.07
N GLY E 242 24.55 31.72 47.53
CA GLY E 242 24.46 33.16 47.28
C GLY E 242 25.60 33.94 47.96
N ARG E 243 25.87 33.59 49.23
CA ARG E 243 26.93 34.22 50.05
C ARG E 243 28.34 33.97 49.43
N SER E 244 28.54 32.80 48.83
CA SER E 244 29.84 32.43 48.28
C SER E 244 30.07 32.82 46.82
N GLY E 245 29.01 33.18 46.11
CA GLY E 245 29.10 33.42 44.66
C GLY E 245 29.11 32.17 43.82
N ALA E 246 28.62 31.06 44.37
CA ALA E 246 28.36 29.84 43.59
C ALA E 246 26.96 29.86 42.97
N MET E 247 26.80 29.37 41.75
CA MET E 247 25.48 29.26 41.16
C MET E 247 24.74 28.05 41.74
N LEU E 248 23.48 28.24 42.11
CA LEU E 248 22.63 27.14 42.52
C LEU E 248 21.92 26.65 41.26
N VAL E 249 22.12 25.35 40.95
CA VAL E 249 21.43 24.69 39.82
C VAL E 249 20.40 23.65 40.32
N PHE E 250 19.12 23.91 40.09
CA PHE E 250 18.07 22.90 40.38
C PHE E 250 17.90 22.06 39.13
N ASP E 251 18.17 20.76 39.25
CA ASP E 251 17.83 19.80 38.20
C ASP E 251 16.37 19.44 38.40
N GLU E 252 15.49 20.09 37.63
CA GLU E 252 14.05 19.83 37.71
C GLU E 252 13.56 19.00 36.52
N VAL E 253 14.44 18.16 35.98
CA VAL E 253 14.12 17.29 34.87
C VAL E 253 12.88 16.48 35.22
N ILE E 254 12.84 15.99 36.45
CA ILE E 254 11.70 15.24 36.91
C ILE E 254 10.66 16.12 37.60
N THR E 255 11.10 16.98 38.54
CA THR E 255 10.15 17.76 39.35
C THR E 255 9.43 18.88 38.61
N GLY E 256 10.02 19.39 37.53
CA GLY E 256 9.43 20.52 36.79
C GLY E 256 8.10 20.17 36.18
N PHE E 257 7.10 21.04 36.39
CA PHE E 257 5.72 20.83 35.94
C PHE E 257 5.12 19.56 36.47
N ARG E 258 5.64 19.05 37.59
CA ARG E 258 5.18 17.77 38.13
C ARG E 258 4.72 17.91 39.56
N VAL E 259 5.62 18.37 40.44
CA VAL E 259 5.28 18.56 41.84
C VAL E 259 4.44 19.83 42.05
N ALA E 260 4.42 20.70 41.05
CA ALA E 260 3.64 21.94 41.03
C ALA E 260 3.79 22.50 39.63
N ARG E 261 3.00 23.51 39.30
CA ARG E 261 3.08 24.09 37.95
C ARG E 261 4.47 24.68 37.68
N GLY E 262 5.00 25.39 38.67
CA GLY E 262 6.36 25.94 38.60
C GLY E 262 7.43 25.09 39.28
N GLY E 263 7.18 23.80 39.36
CA GLY E 263 8.16 22.85 39.91
C GLY E 263 8.41 22.99 41.40
N ALA E 264 9.53 22.41 41.85
CA ALA E 264 9.92 22.44 43.24
C ALA E 264 10.32 23.85 43.68
N GLN E 265 10.90 24.60 42.76
CA GLN E 265 11.07 26.04 42.90
C GLN E 265 9.90 26.73 43.59
N GLU E 266 8.71 26.53 43.01
CA GLU E 266 7.48 27.18 43.43
C GLU E 266 6.98 26.51 44.68
N ARG E 267 6.95 25.18 44.66
CA ARG E 267 6.39 24.43 45.76
C ARG E 267 7.09 24.77 47.05
N TYR E 268 8.42 24.93 47.02
CA TYR E 268 9.20 25.12 48.24
C TYR E 268 9.66 26.56 48.40
N GLY E 269 9.30 27.42 47.46
CA GLY E 269 9.63 28.85 47.56
C GLY E 269 11.10 29.18 47.64
N VAL E 270 11.92 28.47 46.87
CA VAL E 270 13.35 28.78 46.78
C VAL E 270 13.75 28.84 45.32
N GLU E 271 14.39 29.93 44.92
CA GLU E 271 14.70 30.16 43.52
C GLU E 271 16.20 29.96 43.25
N PRO E 272 16.54 29.06 42.32
CA PRO E 272 17.91 28.80 41.95
C PRO E 272 18.38 29.81 40.92
N ASP E 273 19.67 29.76 40.60
CA ASP E 273 20.27 30.58 39.54
C ASP E 273 20.02 30.00 38.16
N LEU E 274 20.14 28.68 38.03
CA LEU E 274 19.83 27.98 36.80
C LEU E 274 18.87 26.86 37.08
N THR E 275 18.02 26.54 36.10
CA THR E 275 17.05 25.45 36.24
C THR E 275 17.19 24.58 35.04
N VAL E 276 17.22 23.26 35.22
CA VAL E 276 17.17 22.33 34.08
C VAL E 276 15.78 21.68 34.00
N LEU E 277 15.24 21.59 32.77
CA LEU E 277 13.90 21.07 32.54
C LEU E 277 13.90 20.04 31.41
N SER E 278 12.95 19.10 31.46
CA SER E 278 12.71 18.12 30.41
C SER E 278 11.41 17.38 30.72
N ARG E 279 11.22 16.18 30.21
CA ARG E 279 10.15 15.25 30.64
C ARG E 279 8.76 15.78 30.43
N VAL E 280 8.12 16.34 31.47
CA VAL E 280 6.74 16.81 31.36
C VAL E 280 6.67 17.93 30.31
N MET E 281 7.72 18.71 30.24
CA MET E 281 7.79 19.86 29.37
C MET E 281 7.45 19.50 27.95
N GLY E 282 8.02 18.41 27.45
CA GLY E 282 7.76 17.99 26.06
C GLY E 282 6.81 16.81 25.89
N GLY E 283 6.16 16.38 26.97
CA GLY E 283 5.20 15.28 26.94
C GLY E 283 5.68 13.95 26.35
N GLY E 284 6.96 13.68 26.50
CA GLY E 284 7.55 12.47 25.90
C GLY E 284 8.33 12.68 24.63
N PHE E 285 8.30 13.87 24.04
CA PHE E 285 9.16 14.14 22.88
C PHE E 285 10.56 14.39 23.43
N PRO E 286 11.60 13.91 22.72
CA PRO E 286 12.92 14.20 23.25
C PRO E 286 13.24 15.70 23.17
N VAL E 287 13.15 16.37 24.31
CA VAL E 287 13.45 17.78 24.45
C VAL E 287 13.79 18.11 25.89
N ALA E 288 14.67 19.09 26.09
CA ALA E 288 15.05 19.57 27.41
C ALA E 288 15.39 21.04 27.27
N ALA E 289 15.58 21.73 28.40
CA ALA E 289 16.03 23.11 28.39
C ALA E 289 16.77 23.42 29.68
N PHE E 290 17.58 24.46 29.66
CA PHE E 290 18.09 25.02 30.91
C PHE E 290 18.01 26.53 30.78
N GLY E 291 17.78 27.20 31.90
CA GLY E 291 17.60 28.61 31.87
C GLY E 291 17.67 29.23 33.24
N GLY E 292 17.63 30.56 33.26
CA GLY E 292 17.56 31.31 34.50
C GLY E 292 17.16 32.74 34.19
N ARG E 293 17.39 33.63 35.14
CA ARG E 293 17.15 35.06 34.91
C ARG E 293 18.21 35.60 34.01
N ARG E 294 18.00 36.82 33.49
CA ARG E 294 18.89 37.37 32.48
C ARG E 294 20.34 37.46 32.97
N HIS E 295 20.54 37.78 34.23
CA HIS E 295 21.89 37.90 34.74
C HIS E 295 22.61 36.54 34.64
N ALA E 296 22.00 35.48 35.16
CA ALA E 296 22.62 34.15 35.14
C ALA E 296 22.84 33.63 33.72
N MET E 297 22.01 34.07 32.78
CA MET E 297 22.13 33.63 31.38
C MET E 297 22.96 34.57 30.48
N ARG E 298 23.65 35.53 31.08
CA ARG E 298 24.32 36.62 30.32
C ARG E 298 25.38 36.15 29.31
N MET E 299 26.12 35.09 29.62
CA MET E 299 27.19 34.62 28.69
C MET E 299 26.63 33.86 27.51
N LEU E 300 25.38 33.43 27.60
CA LEU E 300 24.70 32.85 26.45
C LEU E 300 23.96 33.92 25.61
N ALA E 301 23.52 35.01 26.27
CA ALA E 301 22.87 36.12 25.54
C ALA E 301 23.89 36.80 24.63
N SER E 302 25.15 36.82 25.07
CA SER E 302 26.25 37.37 24.28
C SER E 302 26.89 36.32 23.33
N ASN E 303 26.42 35.07 23.39
CA ASN E 303 26.99 33.95 22.60
C ASN E 303 28.50 33.74 22.82
N GLU E 304 28.96 34.07 24.02
CA GLU E 304 30.33 33.87 24.42
C GLU E 304 30.47 32.43 25.00
N ALA E 305 29.50 32.02 25.82
CA ALA E 305 29.46 30.65 26.33
C ALA E 305 28.85 29.72 25.29
N HIS E 306 28.95 28.42 25.56
CA HIS E 306 28.66 27.43 24.55
C HIS E 306 27.45 26.58 24.85
N HIS E 307 26.68 26.32 23.81
CA HIS E 307 25.78 25.18 23.77
C HIS E 307 25.59 24.84 22.30
N ALA E 308 25.25 23.58 21.99
CA ALA E 308 25.15 23.19 20.61
C ALA E 308 24.21 22.02 20.44
N GLY E 309 24.15 21.50 19.22
CA GLY E 309 23.34 20.35 18.89
C GLY E 309 22.42 20.71 17.75
N VAL E 310 22.61 20.05 16.62
CA VAL E 310 21.88 20.38 15.41
C VAL E 310 20.35 20.29 15.62
N TYR E 311 19.89 19.36 16.45
CA TYR E 311 18.46 19.16 16.73
C TYR E 311 17.94 20.02 17.88
N ALA E 312 18.81 20.75 18.56
CA ALA E 312 18.38 21.50 19.73
C ALA E 312 17.35 22.52 19.32
N GLY E 313 16.24 22.52 20.02
CA GLY E 313 15.19 23.50 19.73
C GLY E 313 14.54 23.32 18.36
N ASN E 314 14.49 22.09 17.83
CA ASN E 314 13.84 21.86 16.54
C ASN E 314 12.32 22.13 16.65
N HIS E 315 11.66 22.28 15.52
CA HIS E 315 10.31 22.83 15.50
C HIS E 315 9.30 21.86 16.08
N ALA E 316 9.48 20.57 15.80
CA ALA E 316 8.62 19.55 16.40
C ALA E 316 8.74 19.58 17.91
N ALA E 317 9.96 19.56 18.42
CA ALA E 317 10.19 19.59 19.87
C ALA E 317 9.54 20.81 20.52
N LEU E 318 9.71 21.99 19.93
CA LEU E 318 9.13 23.20 20.50
C LEU E 318 7.61 23.29 20.30
N ARG E 319 7.09 22.68 19.24
CA ARG E 319 5.65 22.51 19.14
C ARG E 319 5.13 21.67 20.32
N ALA E 320 5.85 20.61 20.66
CA ALA E 320 5.44 19.78 21.78
C ALA E 320 5.45 20.58 23.06
N VAL E 321 6.46 21.46 23.24
CA VAL E 321 6.54 22.24 24.48
C VAL E 321 5.35 23.17 24.55
N VAL E 322 5.07 23.83 23.42
CA VAL E 322 3.95 24.77 23.33
C VAL E 322 2.61 24.08 23.61
N ALA E 323 2.38 22.93 22.98
CA ALA E 323 1.13 22.21 23.21
C ALA E 323 1.01 21.73 24.64
N MET E 324 2.10 21.23 25.19
CA MET E 324 2.05 20.63 26.53
C MET E 324 1.94 21.69 27.60
N LEU E 325 2.79 22.70 27.55
CA LEU E 325 2.75 23.77 28.56
C LEU E 325 1.50 24.66 28.37
N GLY E 326 1.04 24.81 27.13
CA GLY E 326 -0.26 25.44 26.87
C GLY E 326 -1.41 24.70 27.55
N LYS E 327 -1.44 23.37 27.39
CA LYS E 327 -2.48 22.53 28.01
C LYS E 327 -2.45 22.64 29.52
N ILE E 328 -1.26 22.54 30.11
CA ILE E 328 -1.10 22.63 31.58
C ILE E 328 -1.58 23.98 32.09
N ARG E 329 -1.21 25.02 31.37
CA ARG E 329 -1.58 26.38 31.73
C ARG E 329 -3.10 26.55 31.74
N SER E 330 -3.79 25.89 30.82
CA SER E 330 -5.23 26.03 30.67
C SER E 330 -6.00 25.27 31.75
N LEU E 331 -5.30 24.54 32.62
CA LEU E 331 -5.92 23.71 33.64
C LEU E 331 -5.46 24.17 35.01
N PRO E 332 -6.09 25.22 35.55
CA PRO E 332 -5.57 25.83 36.76
C PRO E 332 -5.73 25.01 38.03
N ASP E 333 -6.61 24.00 38.02
CA ASP E 333 -6.73 23.09 39.18
C ASP E 333 -6.09 21.69 38.96
N LEU E 334 -5.21 21.58 37.98
CA LEU E 334 -4.59 20.31 37.62
C LEU E 334 -3.84 19.71 38.79
N TYR E 335 -3.00 20.53 39.41
CA TYR E 335 -2.08 20.05 40.43
C TYR E 335 -2.85 19.66 41.70
N GLU E 336 -4.02 20.24 41.89
CA GLU E 336 -4.89 19.82 42.99
C GLU E 336 -5.50 18.44 42.73
N ARG E 337 -5.91 18.19 41.50
CA ARG E 337 -6.46 16.89 41.14
C ARG E 337 -5.37 15.80 41.12
N LEU E 338 -4.17 16.15 40.65
CA LEU E 338 -3.03 15.23 40.68
C LEU E 338 -2.71 14.85 42.11
N GLU E 339 -2.83 15.82 43.02
CA GLU E 339 -2.60 15.56 44.43
C GLU E 339 -3.61 14.53 44.97
N ASP E 340 -4.89 14.67 44.59
CA ASP E 340 -5.95 13.70 45.02
C ASP E 340 -5.67 12.34 44.46
N THR E 341 -5.25 12.27 43.21
CA THR E 341 -4.84 11.02 42.58
C THR E 341 -3.73 10.32 43.40
N GLY E 342 -2.71 11.08 43.76
CA GLY E 342 -1.58 10.55 44.50
C GLY E 342 -2.00 10.12 45.90
N GLN E 343 -2.84 10.92 46.54
CA GLN E 343 -3.29 10.61 47.89
C GLN E 343 -4.08 9.30 47.87
N TYR E 344 -4.96 9.17 46.89
CA TYR E 344 -5.76 7.96 46.77
C TYR E 344 -4.89 6.71 46.49
N MET E 345 -3.86 6.86 45.66
CA MET E 345 -2.92 5.74 45.44
C MET E 345 -2.15 5.44 46.72
N GLU E 346 -1.60 6.48 47.34
CA GLU E 346 -0.94 6.31 48.61
C GLU E 346 -1.82 5.57 49.65
N ASP E 347 -3.04 6.05 49.89
CA ASP E 347 -3.90 5.46 50.93
C ASP E 347 -4.20 4.00 50.60
N THR E 348 -4.53 3.74 49.33
CA THR E 348 -4.88 2.39 48.86
C THR E 348 -3.75 1.40 49.07
N VAL E 349 -2.54 1.80 48.67
CA VAL E 349 -1.36 0.93 48.77
C VAL E 349 -0.99 0.68 50.22
N ARG E 350 -1.09 1.70 51.06
CA ARG E 350 -0.89 1.53 52.52
C ARG E 350 -1.84 0.49 53.12
N GLU E 351 -3.12 0.55 52.76
CA GLU E 351 -4.10 -0.39 53.27
C GLU E 351 -3.74 -1.81 52.82
N VAL E 352 -3.45 -1.97 51.52
CA VAL E 352 -3.15 -3.30 51.00
C VAL E 352 -1.95 -3.95 51.70
N PHE E 353 -0.91 -3.16 51.99
CA PHE E 353 0.27 -3.68 52.71
C PHE E 353 -0.02 -3.90 54.20
N ALA E 354 -0.81 -3.02 54.80
CA ALA E 354 -1.18 -3.13 56.22
C ALA E 354 -2.00 -4.39 56.45
N THR E 355 -3.03 -4.57 55.63
CA THR E 355 -3.88 -5.76 55.71
C THR E 355 -3.07 -7.07 55.58
N GLU E 356 -2.05 -7.07 54.73
CA GLU E 356 -1.15 -8.20 54.56
C GLU E 356 -0.03 -8.25 55.61
N LYS E 357 0.07 -7.23 56.44
CA LYS E 357 1.10 -7.14 57.47
C LYS E 357 2.51 -7.18 56.89
N ARG E 358 2.69 -6.50 55.76
CA ARG E 358 3.98 -6.32 55.13
C ARG E 358 4.43 -4.91 55.39
N PRO E 359 5.56 -4.74 56.11
CA PRO E 359 5.99 -3.36 56.29
C PRO E 359 6.45 -2.74 54.98
N VAL E 360 6.16 -1.47 54.80
CA VAL E 360 6.43 -0.79 53.57
C VAL E 360 6.83 0.66 53.88
N HIS E 361 7.75 1.21 53.10
CA HIS E 361 7.98 2.66 53.15
C HIS E 361 7.44 3.28 51.88
N ILE E 362 6.66 4.34 52.04
CA ILE E 362 6.08 5.08 50.92
C ILE E 362 6.39 6.58 51.10
N ASN E 363 7.08 7.20 50.15
CA ASN E 363 7.23 8.67 50.13
C ASN E 363 6.47 9.21 48.93
N ARG E 364 5.83 10.38 49.09
CA ARG E 364 5.09 10.96 47.98
C ARG E 364 5.22 12.46 47.92
N VAL E 365 5.41 12.98 46.72
CA VAL E 365 5.30 14.41 46.47
C VAL E 365 4.47 14.54 45.20
N GLY E 366 3.19 14.80 45.40
CA GLY E 366 2.22 14.85 44.32
C GLY E 366 2.06 13.47 43.69
N THR E 367 2.30 13.38 42.38
CA THR E 367 2.19 12.16 41.63
C THR E 367 3.54 11.43 41.51
N LEU E 368 4.55 11.95 42.21
CA LEU E 368 5.86 11.32 42.27
C LEU E 368 5.78 10.50 43.54
N MET E 369 6.11 9.22 43.45
CA MET E 369 5.83 8.29 44.53
C MET E 369 6.79 7.10 44.58
N SER E 370 7.30 6.81 45.78
CA SER E 370 8.17 5.69 46.01
C SER E 370 7.51 4.68 46.92
N VAL E 371 7.63 3.39 46.59
CA VAL E 371 7.01 2.28 47.34
C VAL E 371 8.00 1.14 47.48
N ALA E 372 8.44 0.92 48.71
CA ALA E 372 9.51 0.00 49.00
C ALA E 372 9.11 -0.94 50.12
N LEU E 373 9.28 -2.22 49.86
CA LEU E 373 9.02 -3.27 50.81
C LEU E 373 10.20 -3.32 51.79
N LEU E 374 9.92 -3.28 53.09
CA LEU E 374 10.96 -3.26 54.11
C LEU E 374 11.36 -4.64 54.67
N LYS E 375 12.58 -4.74 55.20
CA LYS E 375 13.05 -5.94 55.91
C LYS E 375 12.21 -6.16 57.18
N GLY E 376 12.02 -7.41 57.55
CA GLY E 376 11.27 -7.72 58.75
C GLY E 376 11.96 -7.05 59.95
N SER E 377 13.29 -6.93 59.87
CA SER E 377 14.12 -6.33 60.90
C SER E 377 14.27 -4.83 60.77
N ALA E 378 13.51 -4.22 59.85
CA ALA E 378 13.60 -2.77 59.63
C ALA E 378 12.68 -2.07 60.61
N GLU E 379 12.98 -0.79 60.89
CA GLU E 379 12.13 0.05 61.75
C GLU E 379 10.93 0.67 60.99
N PRO E 380 9.71 0.12 61.16
CA PRO E 380 8.57 0.69 60.39
C PRO E 380 8.39 2.20 60.52
N SER E 381 8.76 2.79 61.65
CA SER E 381 8.55 4.24 61.85
C SER E 381 9.66 5.19 61.28
N ALA E 382 10.69 4.62 60.64
CA ALA E 382 11.83 5.41 60.15
C ALA E 382 11.45 6.45 59.09
N GLU E 383 12.04 7.64 59.14
CA GLU E 383 11.98 8.60 58.02
C GLU E 383 13.39 8.90 57.53
N PRO E 384 13.92 8.01 56.69
CA PRO E 384 15.28 8.21 56.21
C PRO E 384 15.37 9.54 55.47
N ARG E 385 16.49 10.24 55.67
CA ARG E 385 16.69 11.54 55.06
C ARG E 385 17.59 11.47 53.82
N ASP E 386 18.16 10.30 53.54
CA ASP E 386 19.06 10.15 52.41
C ASP E 386 19.08 8.72 51.91
N LEU E 387 19.75 8.52 50.79
CA LEU E 387 19.84 7.25 50.10
C LEU E 387 20.35 6.07 50.97
N ARG E 388 21.43 6.27 51.71
CA ARG E 388 21.93 5.21 52.60
C ARG E 388 20.90 4.79 53.66
N GLN E 389 20.31 5.77 54.34
CA GLN E 389 19.33 5.49 55.39
C GLN E 389 18.13 4.71 54.84
N LEU E 390 17.68 5.06 53.63
CA LEU E 390 16.53 4.41 53.02
C LEU E 390 16.89 3.01 52.53
N ALA E 391 18.01 2.90 51.81
CA ALA E 391 18.41 1.63 51.25
C ALA E 391 18.56 0.57 52.32
N ALA E 392 18.98 0.99 53.51
CA ALA E 392 19.23 0.05 54.60
C ALA E 392 17.95 -0.60 55.13
N LEU E 393 16.81 0.08 55.01
CA LEU E 393 15.51 -0.45 55.49
C LEU E 393 14.86 -1.42 54.51
N VAL E 394 15.38 -1.45 53.29
CA VAL E 394 14.66 -2.04 52.16
C VAL E 394 15.07 -3.48 51.89
N ASP E 395 14.08 -4.32 51.58
CA ASP E 395 14.32 -5.71 51.24
C ASP E 395 14.31 -5.84 49.71
N PHE E 396 15.47 -5.65 49.08
CA PHE E 396 15.55 -5.61 47.61
C PHE E 396 15.15 -6.90 46.91
N PRO E 397 15.63 -8.06 47.39
CA PRO E 397 15.22 -9.29 46.71
C PRO E 397 13.72 -9.52 46.76
N ARG E 398 13.08 -9.22 47.89
CA ARG E 398 11.62 -9.36 47.97
C ARG E 398 10.90 -8.38 47.10
N HIS E 399 11.39 -7.14 47.03
CA HIS E 399 10.75 -6.17 46.14
C HIS E 399 10.82 -6.62 44.66
N ARG E 400 12.00 -7.07 44.21
CA ARG E 400 12.18 -7.62 42.86
C ARG E 400 11.16 -8.74 42.64
N ARG E 401 11.01 -9.59 43.64
CA ARG E 401 10.12 -10.73 43.51
C ARG E 401 8.68 -10.21 43.40
N LEU E 402 8.33 -9.24 44.24
CA LEU E 402 7.02 -8.62 44.20
C LEU E 402 6.69 -8.00 42.84
N GLN E 403 7.69 -7.41 42.16
CA GLN E 403 7.36 -6.78 40.87
C GLN E 403 7.15 -7.77 39.71
N THR E 404 7.86 -8.90 39.71
CA THR E 404 7.56 -10.02 38.79
C THR E 404 6.12 -10.47 38.98
N LEU E 405 5.71 -10.63 40.24
CA LEU E 405 4.36 -11.13 40.55
C LEU E 405 3.31 -10.11 40.12
N ALA E 406 3.59 -8.85 40.40
CA ALA E 406 2.68 -7.76 40.01
C ALA E 406 2.55 -7.70 38.52
N GLN E 407 3.69 -7.83 37.83
CA GLN E 407 3.70 -7.73 36.38
C GLN E 407 2.81 -8.82 35.78
N LYS E 408 2.90 -10.04 36.33
CA LYS E 408 2.01 -11.13 35.93
C LYS E 408 0.55 -10.83 36.21
N GLU E 409 0.26 -10.15 37.32
CA GLU E 409 -1.12 -9.69 37.61
C GLU E 409 -1.56 -8.52 36.72
N GLY E 410 -0.68 -8.01 35.86
CA GLY E 410 -1.02 -6.88 34.99
C GLY E 410 -0.72 -5.47 35.51
N VAL E 411 0.28 -5.33 36.38
CA VAL E 411 0.71 -4.01 36.88
C VAL E 411 2.23 -3.95 36.79
N TYR E 412 2.74 -2.95 36.06
CA TYR E 412 4.17 -2.78 35.93
C TYR E 412 4.70 -1.60 36.74
N PHE E 413 5.65 -1.88 37.62
CA PHE E 413 6.52 -0.85 38.16
C PHE E 413 7.94 -1.39 38.11
N HIS E 414 8.94 -0.50 38.30
CA HIS E 414 10.35 -0.87 38.15
C HIS E 414 10.75 -1.79 39.30
N PRO E 415 11.53 -2.86 39.03
CA PRO E 415 11.88 -3.84 40.09
C PRO E 415 12.70 -3.32 41.24
N ASN E 416 13.43 -2.23 41.01
CA ASN E 416 14.24 -1.63 42.05
C ASN E 416 13.34 -0.77 42.90
N ALA E 417 13.32 -1.04 44.19
CA ALA E 417 12.42 -0.33 45.10
C ALA E 417 12.67 1.20 45.15
N LEU E 418 13.91 1.62 44.86
CA LEU E 418 14.25 3.03 44.88
C LEU E 418 13.79 3.80 43.62
N GLU E 419 13.32 3.11 42.59
CA GLU E 419 12.87 3.79 41.38
C GLU E 419 11.40 4.19 41.50
N PRO E 420 11.10 5.47 41.29
CA PRO E 420 9.76 5.92 41.63
C PRO E 420 8.67 5.47 40.66
N TRP E 421 7.43 5.55 41.11
CA TRP E 421 6.21 5.52 40.29
C TRP E 421 5.89 6.95 39.82
N PHE E 422 5.39 7.07 38.60
CA PHE E 422 5.01 8.36 38.01
C PHE E 422 3.53 8.36 37.62
N LEU E 423 2.65 8.71 38.55
CA LEU E 423 1.21 8.70 38.28
C LEU E 423 0.78 9.84 37.32
N SER E 424 -0.40 9.69 36.77
CA SER E 424 -0.89 10.54 35.70
C SER E 424 -2.39 10.71 35.87
N THR E 425 -3.00 11.62 35.11
CA THR E 425 -4.44 11.82 35.20
C THR E 425 -5.21 10.61 34.66
N ALA E 426 -4.54 9.73 33.91
CA ALA E 426 -5.16 8.51 33.45
C ALA E 426 -5.25 7.45 34.54
N HIS E 427 -4.56 7.65 35.66
CA HIS E 427 -4.69 6.74 36.80
C HIS E 427 -5.89 7.16 37.66
N THR E 428 -7.08 6.84 37.14
CA THR E 428 -8.36 7.19 37.75
C THR E 428 -8.59 6.32 38.97
N ARG E 429 -9.67 6.57 39.71
CA ARG E 429 -9.99 5.75 40.87
C ARG E 429 -10.13 4.27 40.49
N ASP E 430 -10.77 3.98 39.36
CA ASP E 430 -11.06 2.60 39.01
C ASP E 430 -9.75 1.86 38.70
N VAL E 431 -8.84 2.55 38.01
CA VAL E 431 -7.49 2.03 37.74
C VAL E 431 -6.77 1.69 39.04
N ILE E 432 -6.77 2.63 39.97
CA ILE E 432 -6.08 2.47 41.27
C ILE E 432 -6.72 1.34 42.09
N ASP E 433 -8.05 1.19 42.01
CA ASP E 433 -8.73 0.04 42.62
C ASP E 433 -8.27 -1.29 41.98
N LYS E 434 -8.15 -1.35 40.67
CA LYS E 434 -7.51 -2.53 40.04
C LYS E 434 -6.07 -2.73 40.49
N VAL E 435 -5.32 -1.66 40.64
CA VAL E 435 -3.93 -1.79 41.08
C VAL E 435 -3.89 -2.44 42.47
N ALA E 436 -4.78 -1.97 43.36
CA ALA E 436 -4.89 -2.53 44.70
C ALA E 436 -5.08 -4.05 44.68
N GLY E 437 -6.07 -4.51 43.93
CA GLY E 437 -6.33 -5.92 43.77
C GLY E 437 -5.08 -6.66 43.30
N ALA E 438 -4.42 -6.11 42.28
CA ALA E 438 -3.23 -6.75 41.69
C ALA E 438 -2.08 -6.83 42.70
N LEU E 439 -1.91 -5.79 43.52
CA LEU E 439 -0.86 -5.78 44.55
C LEU E 439 -1.17 -6.75 45.71
N GLN E 440 -2.44 -6.79 46.11
CA GLN E 440 -2.94 -7.75 47.10
C GLN E 440 -2.62 -9.20 46.68
N ARG E 441 -3.04 -9.56 45.47
CA ARG E 441 -2.81 -10.88 44.94
C ARG E 441 -1.31 -11.21 44.86
N SER E 442 -0.48 -10.23 44.49
CA SER E 442 0.96 -10.45 44.38
C SER E 442 1.60 -10.68 45.74
N LEU E 443 1.14 -9.95 46.76
CA LEU E 443 1.73 -10.09 48.09
C LEU E 443 1.44 -11.46 48.66
N VAL E 444 0.26 -11.97 48.38
CA VAL E 444 -0.14 -13.28 48.91
C VAL E 444 0.79 -14.38 48.35
N GLY E 445 1.31 -14.18 47.13
CA GLY E 445 2.25 -15.11 46.51
C GLY E 445 3.70 -14.96 46.96
N LEU E 446 3.96 -13.98 47.83
CA LEU E 446 5.32 -13.61 48.22
C LEU E 446 5.86 -14.51 49.31
N THR F 13 8.18 41.65 10.78
CA THR F 13 9.49 41.51 10.04
C THR F 13 10.42 40.45 10.64
N ASN F 14 11.30 39.91 9.79
CA ASN F 14 12.30 38.94 10.23
C ASN F 14 13.12 39.46 11.40
N ALA F 15 13.64 40.66 11.25
CA ALA F 15 14.51 41.28 12.26
C ALA F 15 13.78 41.48 13.58
N GLU F 16 12.56 42.00 13.52
CA GLU F 16 11.74 42.22 14.73
C GLU F 16 11.35 40.91 15.40
N SER F 17 11.04 39.91 14.58
CA SER F 17 10.62 38.61 15.08
C SER F 17 11.81 37.89 15.74
N LEU F 18 13.00 38.01 15.17
CA LEU F 18 14.21 37.53 15.82
C LEU F 18 14.50 38.21 17.17
N ASP F 19 14.25 39.52 17.27
CA ASP F 19 14.46 40.24 18.52
C ASP F 19 13.52 39.73 19.59
N GLY F 20 12.30 39.42 19.20
CA GLY F 20 11.33 38.78 20.11
C GLY F 20 11.82 37.44 20.59
N ILE F 21 12.42 36.68 19.69
CA ILE F 21 12.93 35.36 20.04
C ILE F 21 14.05 35.52 21.07
N LYS F 22 14.94 36.50 20.86
CA LYS F 22 16.09 36.76 21.73
C LYS F 22 15.76 37.21 23.13
N SER F 23 14.56 37.74 23.35
CA SER F 23 14.17 38.09 24.72
C SER F 23 13.88 36.84 25.58
N VAL F 24 13.62 35.69 24.96
CA VAL F 24 13.39 34.43 25.72
C VAL F 24 14.36 33.27 25.40
N ILE F 25 15.06 33.32 24.27
CA ILE F 25 16.10 32.34 23.92
C ILE F 25 17.43 33.06 23.98
N ALA F 26 18.27 32.75 24.97
CA ALA F 26 19.51 33.49 25.17
C ALA F 26 20.40 33.31 23.95
N GLY F 27 20.67 34.41 23.25
CA GLY F 27 21.47 34.41 22.03
C GLY F 27 20.70 34.28 20.73
N GLY F 28 19.39 34.05 20.83
CA GLY F 28 18.56 33.94 19.65
C GLY F 28 18.41 32.55 19.09
N VAL F 29 19.38 31.68 19.30
CA VAL F 29 19.23 30.25 18.89
C VAL F 29 19.90 29.37 19.92
N SER F 30 19.38 28.16 20.10
CA SER F 30 19.86 27.24 21.14
C SER F 30 21.30 26.80 20.92
N SER F 31 21.71 26.72 19.65
CA SER F 31 23.06 26.30 19.32
C SER F 31 23.95 27.50 18.98
N SER F 32 25.09 27.61 19.68
CA SER F 32 25.99 28.75 19.51
C SER F 32 26.45 28.97 18.06
N MET F 33 26.63 27.91 17.28
CA MET F 33 27.01 28.06 15.87
C MET F 33 25.84 28.60 15.06
N ARG F 34 24.68 27.96 15.20
CA ARG F 34 23.52 28.30 14.37
C ARG F 34 22.92 29.67 14.71
N ALA F 35 23.38 30.29 15.80
CA ALA F 35 22.97 31.65 16.12
C ALA F 35 23.77 32.69 15.33
N ALA F 36 24.90 32.28 14.75
CA ALA F 36 25.68 33.15 13.86
C ALA F 36 25.42 32.86 12.37
N ALA F 37 24.40 32.04 12.08
CA ALA F 37 24.17 31.52 10.74
C ALA F 37 23.15 32.33 9.94
N VAL F 38 22.68 33.41 10.54
CA VAL F 38 21.61 34.17 9.93
C VAL F 38 21.88 35.67 10.23
N PRO F 39 23.06 36.17 9.80
CA PRO F 39 23.42 37.56 10.07
C PRO F 39 22.48 38.57 9.38
N LEU F 40 21.84 38.17 8.28
CA LEU F 40 20.67 38.86 7.76
C LEU F 40 19.46 38.07 8.27
N PRO F 41 18.69 38.64 9.22
CA PRO F 41 17.71 37.84 9.92
C PRO F 41 16.71 37.13 9.00
N LEU F 42 16.40 35.90 9.39
CA LEU F 42 15.43 35.06 8.70
C LEU F 42 14.80 34.20 9.78
N VAL F 43 13.51 34.37 9.99
CA VAL F 43 12.77 33.52 10.92
C VAL F 43 11.76 32.68 10.12
N VAL F 44 11.78 31.38 10.34
CA VAL F 44 10.93 30.47 9.58
C VAL F 44 9.52 30.47 10.13
N ARG F 45 8.56 30.42 9.21
CA ARG F 45 7.15 30.23 9.50
C ARG F 45 6.71 28.80 9.14
N SER F 46 7.22 28.31 8.02
CA SER F 46 6.92 26.97 7.56
C SER F 46 7.96 26.52 6.55
N ALA F 47 7.92 25.25 6.21
CA ALA F 47 8.84 24.71 5.24
C ALA F 47 8.27 23.46 4.60
N GLY F 48 8.62 23.26 3.33
CA GLY F 48 8.25 22.05 2.56
C GLY F 48 9.06 21.90 1.29
N GLY F 49 9.48 20.68 0.97
CA GLY F 49 10.35 20.47 -0.20
C GLY F 49 11.71 21.06 0.10
N CYS F 50 12.19 21.96 -0.75
CA CYS F 50 13.41 22.70 -0.50
C CYS F 50 13.11 24.17 -0.29
N LEU F 51 11.87 24.48 0.12
CA LEU F 51 11.45 25.86 0.26
C LEU F 51 11.17 26.22 1.71
N LEU F 52 11.72 27.35 2.15
CA LEU F 52 11.32 27.96 3.42
C LEU F 52 10.29 29.05 3.18
N ARG F 53 9.37 29.23 4.13
CA ARG F 53 8.57 30.44 4.17
C ARG F 53 8.91 31.26 5.41
N ASP F 54 9.39 32.48 5.15
CA ASP F 54 9.46 33.61 6.11
C ASP F 54 8.24 33.97 6.94
N VAL F 55 8.48 34.74 7.99
CA VAL F 55 7.40 35.45 8.70
C VAL F 55 6.87 36.65 7.92
N GLU F 56 7.60 37.10 6.91
CA GLU F 56 7.12 38.10 5.94
C GLU F 56 6.51 37.44 4.70
N ASP F 57 6.21 36.13 4.78
CA ASP F 57 5.76 35.31 3.65
C ASP F 57 6.69 35.28 2.39
N GLY F 58 7.95 35.67 2.50
CA GLY F 58 8.92 35.42 1.42
C GLY F 58 9.20 33.92 1.25
N GLU F 59 9.47 33.50 0.01
CA GLU F 59 9.91 32.13 -0.29
C GLU F 59 11.41 32.07 -0.52
N ILE F 60 12.09 31.11 0.15
CA ILE F 60 13.53 30.96 0.03
C ILE F 60 13.87 29.51 -0.30
N ILE F 61 14.63 29.32 -1.38
CA ILE F 61 15.18 28.03 -1.70
C ILE F 61 16.34 27.77 -0.74
N ASP F 62 16.24 26.68 0.00
CA ASP F 62 17.22 26.31 1.03
C ASP F 62 18.26 25.33 0.47
N LEU F 63 19.52 25.72 0.44
CA LEU F 63 20.60 24.82 0.06
C LEU F 63 21.28 24.18 1.27
N ASN F 64 20.95 24.69 2.46
CA ASN F 64 21.46 24.18 3.73
C ASN F 64 20.62 23.02 4.28
N MET F 65 19.29 23.11 4.16
CA MET F 65 18.38 21.98 4.49
C MET F 65 18.51 21.41 5.92
N GLY F 66 18.74 22.28 6.90
CA GLY F 66 18.79 21.86 8.30
C GLY F 66 19.94 20.93 8.65
N TYR F 67 21.02 21.05 7.89
CA TYR F 67 22.30 20.46 8.21
C TYR F 67 22.40 18.91 8.02
N GLY F 68 21.68 18.35 7.05
CA GLY F 68 21.92 16.95 6.62
C GLY F 68 20.84 15.86 6.66
N PRO F 69 19.81 16.00 7.51
CA PRO F 69 18.80 14.93 7.60
C PRO F 69 17.88 14.70 6.41
N HIS F 70 17.67 15.74 5.60
CA HIS F 70 16.54 15.76 4.67
C HIS F 70 16.93 15.38 3.25
N LEU F 71 17.03 14.08 3.04
CA LEU F 71 17.46 13.54 1.76
C LEU F 71 16.36 13.73 0.70
N PHE F 72 15.13 13.72 1.15
CA PHE F 72 13.95 13.89 0.30
C PHE F 72 13.27 15.26 0.49
N GLY F 73 13.91 16.20 1.18
CA GLY F 73 13.31 17.52 1.40
C GLY F 73 12.47 17.58 2.66
N TYR F 74 12.00 18.78 2.95
CA TYR F 74 11.24 19.06 4.14
C TYR F 74 9.82 18.52 4.03
N ALA F 75 9.18 18.25 5.16
CA ALA F 75 7.80 17.76 5.20
C ALA F 75 7.57 16.53 4.33
N ASP F 76 8.42 15.52 4.50
CA ASP F 76 8.31 14.26 3.77
C ASP F 76 7.17 13.45 4.36
N ARG F 77 6.05 13.36 3.64
CA ARG F 77 4.81 12.79 4.19
C ARG F 77 4.90 11.29 4.52
N GLU F 78 5.60 10.54 3.68
CA GLU F 78 5.83 9.10 3.93
C GLU F 78 6.47 8.85 5.28
N VAL F 79 7.18 9.85 5.81
CA VAL F 79 7.82 9.75 7.12
C VAL F 79 7.05 10.50 8.23
N LEU F 80 6.54 11.70 7.95
CA LEU F 80 5.55 12.34 8.86
C LEU F 80 4.49 11.35 9.31
N ASP F 81 3.83 10.71 8.35
CA ASP F 81 2.65 9.90 8.62
C ASP F 81 2.96 8.74 9.53
N ALA F 82 4.10 8.10 9.33
CA ALA F 82 4.49 7.01 10.20
C ALA F 82 4.74 7.50 11.62
N VAL F 83 5.41 8.64 11.74
CA VAL F 83 5.72 9.17 13.08
C VAL F 83 4.43 9.60 13.80
N ALA F 84 3.53 10.26 13.08
CA ALA F 84 2.25 10.68 13.65
C ALA F 84 1.41 9.48 14.09
N ASP F 85 1.42 8.43 13.32
CA ASP F 85 0.76 7.19 13.71
C ASP F 85 1.32 6.67 15.05
N GLN F 86 2.64 6.78 15.24
CA GLN F 86 3.27 6.30 16.46
C GLN F 86 2.86 7.11 17.68
N PHE F 87 2.66 8.41 17.48
CA PHE F 87 2.15 9.29 18.54
C PHE F 87 0.77 8.84 19.02
N ALA F 88 -0.03 8.27 18.12
CA ALA F 88 -1.34 7.79 18.48
C ALA F 88 -1.28 6.42 19.18
N LYS F 89 -0.16 5.71 19.04
CA LYS F 89 -0.02 4.34 19.57
C LYS F 89 0.97 4.18 20.75
N GLY F 90 1.48 5.29 21.28
CA GLY F 90 2.49 5.26 22.36
C GLY F 90 3.85 5.58 21.79
N HIS F 91 4.39 6.76 22.11
CA HIS F 91 5.65 7.19 21.51
C HIS F 91 6.86 7.01 22.43
N MET F 92 6.63 6.77 23.72
CA MET F 92 7.69 6.79 24.69
C MET F 92 7.26 6.08 25.96
N THR F 93 7.64 4.82 26.10
CA THR F 93 7.35 4.04 27.31
C THR F 93 8.60 3.65 28.08
N GLY F 94 9.76 3.73 27.42
CA GLY F 94 11.01 3.32 28.06
C GLY F 94 11.24 1.81 28.07
N LEU F 95 10.30 1.04 27.53
CA LEU F 95 10.36 -0.42 27.53
C LEU F 95 10.77 -0.89 26.17
N PRO F 96 11.26 -2.12 26.08
CA PRO F 96 11.51 -2.68 24.73
C PRO F 96 10.20 -2.73 23.92
N HIS F 97 10.29 -2.63 22.61
CA HIS F 97 9.11 -2.43 21.76
C HIS F 97 9.32 -3.24 20.51
N GLU F 98 8.24 -3.65 19.81
CA GLU F 98 8.37 -4.37 18.53
C GLU F 98 9.22 -3.67 17.45
N LEU F 99 9.21 -2.34 17.44
CA LEU F 99 9.97 -1.56 16.49
C LEU F 99 11.48 -1.75 16.64
N ASP F 100 11.95 -1.92 17.87
CA ASP F 100 13.39 -1.94 18.16
C ASP F 100 14.12 -2.90 17.22
N ALA F 101 13.57 -4.08 17.01
CA ALA F 101 14.19 -5.09 16.15
C ALA F 101 14.18 -4.67 14.67
N ARG F 102 13.12 -3.97 14.26
CA ARG F 102 12.98 -3.54 12.88
C ARG F 102 13.96 -2.42 12.59
N ALA F 103 14.08 -1.47 13.50
CA ALA F 103 15.08 -0.40 13.34
C ALA F 103 16.47 -0.98 13.29
N GLY F 104 16.79 -1.83 14.25
CA GLY F 104 18.12 -2.44 14.30
C GLY F 104 18.42 -3.19 13.02
N ALA F 105 17.47 -4.02 12.58
CA ALA F 105 17.66 -4.89 11.40
C ALA F 105 17.87 -4.06 10.12
N LEU F 106 17.07 -3.01 9.95
CA LEU F 106 17.26 -2.09 8.83
C LEU F 106 18.63 -1.45 8.80
N ILE F 107 19.11 -0.99 9.94
CA ILE F 107 20.50 -0.46 10.01
C ILE F 107 21.51 -1.56 9.64
N ALA F 108 21.38 -2.73 10.23
CA ALA F 108 22.31 -3.85 9.95
C ALA F 108 22.33 -4.29 8.49
N GLU F 109 21.16 -4.30 7.86
CA GLU F 109 21.04 -4.64 6.44
C GLU F 109 21.74 -3.64 5.56
N LEU F 110 21.50 -2.37 5.84
CA LEU F 110 22.02 -1.29 5.00
C LEU F 110 23.50 -0.91 5.29
N VAL F 111 23.98 -1.16 6.50
CA VAL F 111 25.37 -0.74 6.83
C VAL F 111 26.29 -1.94 7.08
N PRO F 112 27.33 -2.09 6.23
CA PRO F 112 28.21 -3.28 6.21
C PRO F 112 28.78 -3.60 7.59
N GLY F 113 29.42 -2.61 8.17
CA GLY F 113 30.13 -2.78 9.45
C GLY F 113 29.27 -2.76 10.71
N VAL F 114 27.95 -2.79 10.59
CA VAL F 114 27.04 -2.77 11.76
C VAL F 114 26.13 -3.97 11.82
N GLU F 115 26.24 -4.72 12.92
CA GLU F 115 25.34 -5.83 13.22
C GLU F 115 24.44 -5.57 14.41
N GLN F 116 24.93 -4.76 15.36
CA GLN F 116 24.17 -4.34 16.54
C GLN F 116 24.40 -2.86 16.79
N VAL F 117 23.40 -2.20 17.35
CA VAL F 117 23.48 -0.78 17.66
C VAL F 117 22.91 -0.47 19.02
N ARG F 118 23.20 0.75 19.48
CA ARG F 118 22.42 1.39 20.53
C ARG F 118 22.06 2.76 20.03
N PHE F 119 20.89 3.22 20.45
CA PHE F 119 20.35 4.51 20.00
C PHE F 119 20.63 5.59 21.05
N ALA F 120 20.70 6.83 20.55
CA ALA F 120 20.85 8.02 21.34
C ALA F 120 19.97 9.10 20.72
N ASN F 121 19.94 10.25 21.40
CA ASN F 121 19.15 11.41 20.89
C ASN F 121 19.91 12.28 19.90
N SER F 122 21.23 12.16 19.87
CA SER F 122 22.05 13.09 19.08
C SER F 122 23.38 12.48 18.70
N GLY F 123 24.04 13.06 17.69
CA GLY F 123 25.39 12.65 17.34
C GLY F 123 26.40 12.86 18.49
N THR F 124 26.21 13.92 19.23
CA THR F 124 27.06 14.24 20.37
C THR F 124 27.01 13.13 21.42
N GLU F 125 25.79 12.71 21.76
CA GLU F 125 25.58 11.57 22.71
C GLU F 125 26.13 10.26 22.15
N ALA F 126 25.84 9.99 20.88
CA ALA F 126 26.30 8.73 20.26
C ALA F 126 27.82 8.64 20.20
N VAL F 127 28.48 9.73 19.81
CA VAL F 127 29.96 9.83 19.85
C VAL F 127 30.52 9.62 21.26
N ALA F 128 29.97 10.32 22.26
CA ALA F 128 30.53 10.21 23.62
C ALA F 128 30.50 8.76 24.10
N SER F 129 29.36 8.08 23.93
CA SER F 129 29.28 6.67 24.36
C SER F 129 30.15 5.72 23.52
N ALA F 130 30.30 6.01 22.23
CA ALA F 130 31.15 5.20 21.34
C ALA F 130 32.61 5.27 21.76
N LEU F 131 33.06 6.48 22.11
CA LEU F 131 34.42 6.67 22.59
C LEU F 131 34.62 5.99 23.92
N ARG F 132 33.62 6.06 24.79
CA ARG F 132 33.71 5.34 26.05
C ARG F 132 33.80 3.84 25.81
N LEU F 133 33.00 3.34 24.87
CA LEU F 133 33.03 1.93 24.54
C LEU F 133 34.44 1.52 24.12
N ALA F 134 35.09 2.35 23.28
CA ALA F 134 36.44 2.04 22.79
C ALA F 134 37.48 2.06 23.93
N ARG F 135 37.35 3.04 24.82
CA ARG F 135 38.24 3.10 25.99
C ARG F 135 38.02 1.87 26.91
N ALA F 136 36.76 1.52 27.16
CA ALA F 136 36.43 0.38 27.99
C ALA F 136 36.88 -0.93 27.40
N THR F 137 36.77 -1.07 26.09
CA THR F 137 37.03 -2.32 25.39
C THR F 137 38.51 -2.59 25.26
N THR F 138 39.25 -1.57 24.90
CA THR F 138 40.69 -1.70 24.75
C THR F 138 41.45 -1.59 26.07
N GLY F 139 40.80 -1.09 27.12
CA GLY F 139 41.52 -0.72 28.34
C GLY F 139 42.54 0.39 28.14
N ARG F 140 42.36 1.20 27.10
CA ARG F 140 43.25 2.34 26.81
C ARG F 140 42.43 3.63 26.96
N THR F 141 43.08 4.78 26.84
CA THR F 141 42.39 6.06 27.03
C THR F 141 42.57 7.07 25.91
N LEU F 142 43.69 7.00 25.21
CA LEU F 142 44.06 7.96 24.17
C LEU F 142 43.16 7.87 22.90
N VAL F 143 42.61 9.02 22.48
CA VAL F 143 41.80 9.09 21.28
C VAL F 143 42.45 10.07 20.31
N VAL F 144 42.47 9.68 19.03
CA VAL F 144 43.01 10.48 17.95
C VAL F 144 41.88 11.13 17.15
N THR F 145 42.02 12.40 16.86
CA THR F 145 41.13 13.15 16.01
C THR F 145 41.90 13.82 14.87
N PHE F 146 41.16 14.37 13.90
CA PHE F 146 41.77 15.13 12.82
C PHE F 146 41.25 16.57 12.82
N GLU F 147 42.13 17.51 12.47
CA GLU F 147 41.81 18.92 12.52
C GLU F 147 40.70 19.27 11.57
N GLY F 148 39.69 19.95 12.14
CA GLY F 148 38.49 20.35 11.42
C GLY F 148 37.38 19.35 11.52
N HIS F 149 37.69 18.13 11.93
CA HIS F 149 36.69 17.08 12.01
C HIS F 149 35.87 17.29 13.28
N TYR F 150 34.56 17.30 13.16
CA TYR F 150 33.69 17.64 14.30
C TYR F 150 32.91 16.40 14.73
N HIS F 151 32.97 16.12 16.02
CA HIS F 151 32.31 14.94 16.59
C HIS F 151 31.31 15.27 17.73
N GLY F 152 30.73 16.46 17.66
CA GLY F 152 29.81 16.92 18.68
C GLY F 152 30.57 17.64 19.77
N TRP F 153 29.85 17.98 20.83
CA TRP F 153 30.38 18.90 21.84
C TRP F 153 30.65 18.24 23.20
N SER F 154 30.76 16.92 23.25
CA SER F 154 31.05 16.24 24.52
C SER F 154 32.44 16.63 24.99
N GLU F 155 32.65 16.43 26.28
CA GLU F 155 33.80 16.96 27.00
C GLU F 155 35.17 16.53 26.47
N THR F 156 35.31 15.28 26.03
CA THR F 156 36.62 14.78 25.58
C THR F 156 36.94 15.06 24.09
N VAL F 157 35.97 15.57 23.31
CA VAL F 157 36.23 15.82 21.88
C VAL F 157 36.05 17.25 21.39
N LEU F 158 35.42 18.11 22.18
CA LEU F 158 35.15 19.46 21.70
C LEU F 158 36.41 20.31 21.57
N ARG F 159 36.92 20.39 20.34
CA ARG F 159 38.03 21.26 19.98
C ARG F 159 37.52 22.58 19.36
N ALA F 160 38.38 23.60 19.31
CA ALA F 160 38.03 24.88 18.68
C ALA F 160 37.52 24.72 17.25
N GLY F 161 36.43 25.41 16.92
CA GLY F 161 35.76 25.20 15.64
C GLY F 161 35.97 26.24 14.57
N ARG F 171 49.49 25.14 15.10
CA ARG F 171 49.70 23.90 14.37
C ARG F 171 48.52 22.91 14.45
N PRO F 172 48.41 21.99 13.46
CA PRO F 172 47.28 21.04 13.47
C PRO F 172 47.37 20.05 14.63
N THR F 173 48.56 19.91 15.20
CA THR F 173 48.74 19.05 16.36
C THR F 173 48.31 19.72 17.67
N ASP F 174 48.06 21.03 17.66
CA ASP F 174 47.61 21.72 18.87
C ASP F 174 46.16 21.35 19.15
N VAL F 175 45.88 20.98 20.39
CA VAL F 175 44.55 20.57 20.82
C VAL F 175 44.03 21.71 21.67
N VAL F 176 43.09 22.49 21.12
CA VAL F 176 42.57 23.70 21.76
C VAL F 176 41.08 23.52 22.14
N PRO F 177 40.74 23.69 23.43
CA PRO F 177 39.34 23.49 23.88
C PRO F 177 38.37 24.37 23.10
N GLY F 178 37.20 23.83 22.80
CA GLY F 178 36.22 24.50 21.94
C GLY F 178 35.08 25.23 22.64
N ALA F 179 35.02 25.15 23.97
CA ALA F 179 34.02 25.84 24.75
C ALA F 179 34.61 26.35 26.07
N LEU F 180 34.14 27.50 26.52
CA LEU F 180 34.43 27.96 27.86
C LEU F 180 33.69 27.05 28.84
N GLY F 181 34.24 26.92 30.03
CA GLY F 181 33.61 26.16 31.09
C GLY F 181 33.80 24.65 31.03
N MET F 182 34.74 24.19 30.22
CA MET F 182 35.19 22.79 30.21
C MET F 182 36.20 22.58 31.31
N ILE F 183 36.23 21.40 31.92
CA ILE F 183 37.31 21.13 32.88
C ILE F 183 38.66 21.22 32.16
N PRO F 184 39.69 21.68 32.87
CA PRO F 184 40.98 21.90 32.21
C PRO F 184 41.60 20.64 31.59
N GLU F 185 41.27 19.46 32.14
CA GLU F 185 41.83 18.18 31.68
C GLU F 185 40.99 17.57 30.56
N ALA F 186 39.98 18.29 30.09
CA ALA F 186 38.99 17.70 29.21
C ALA F 186 39.65 16.97 28.04
N LEU F 187 40.72 17.56 27.50
CA LEU F 187 41.30 17.10 26.28
C LEU F 187 42.68 16.49 26.49
N ALA F 188 42.98 16.18 27.74
CA ALA F 188 44.25 15.57 28.08
C ALA F 188 44.56 14.27 27.33
N HIS F 189 43.51 13.54 26.99
CA HIS F 189 43.63 12.22 26.37
C HIS F 189 43.10 12.25 24.95
N THR F 190 43.14 13.43 24.37
CA THR F 190 42.74 13.60 23.00
C THR F 190 43.85 14.31 22.25
N VAL F 191 44.15 13.79 21.07
CA VAL F 191 45.30 14.17 20.26
C VAL F 191 44.79 14.45 18.82
N GLN F 192 45.55 15.23 18.04
CA GLN F 192 45.08 15.68 16.74
C GLN F 192 46.21 15.70 15.73
N LEU F 193 45.88 15.30 14.51
CA LEU F 193 46.73 15.41 13.33
C LEU F 193 45.96 16.14 12.23
N GLY F 194 46.69 16.52 11.19
CA GLY F 194 46.08 17.05 9.99
C GLY F 194 45.44 15.94 9.16
N TRP F 195 44.30 16.27 8.54
CA TRP F 195 43.56 15.39 7.64
C TRP F 195 44.45 15.07 6.44
N ASN F 196 44.40 13.82 5.99
CA ASN F 196 45.13 13.37 4.79
C ASN F 196 46.65 13.58 4.85
N ASP F 197 47.22 13.34 6.02
CA ASP F 197 48.68 13.43 6.21
C ASP F 197 49.22 12.06 6.62
N PRO F 198 49.48 11.16 5.64
CA PRO F 198 49.88 9.77 5.97
C PRO F 198 51.22 9.64 6.75
N ASP F 199 52.19 10.49 6.43
CA ASP F 199 53.46 10.49 7.16
C ASP F 199 53.24 10.71 8.64
N ALA F 200 52.50 11.77 8.97
CA ALA F 200 52.18 12.10 10.36
C ALA F 200 51.44 10.95 11.08
N LEU F 201 50.48 10.36 10.37
CA LEU F 201 49.68 9.28 10.92
C LEU F 201 50.53 8.03 11.18
N ARG F 202 51.42 7.73 10.24
CA ARG F 202 52.35 6.61 10.40
C ARG F 202 53.27 6.81 11.59
N GLU F 203 53.78 8.03 11.73
CA GLU F 203 54.73 8.31 12.78
C GLU F 203 54.02 8.17 14.12
N LEU F 204 52.81 8.73 14.20
CA LEU F 204 52.00 8.62 15.42
C LEU F 204 51.91 7.18 15.83
N PHE F 205 51.44 6.34 14.93
CA PHE F 205 51.22 4.89 15.24
C PHE F 205 52.48 4.10 15.52
N ALA F 206 53.58 4.44 14.85
CA ALA F 206 54.87 3.83 15.16
C ALA F 206 55.26 4.10 16.62
N ARG F 207 54.98 5.32 17.10
CA ARG F 207 55.33 5.71 18.46
C ARG F 207 54.34 5.24 19.51
N ASP F 208 53.05 5.32 19.22
CA ASP F 208 51.98 5.24 20.23
C ASP F 208 50.81 4.37 19.85
N GLY F 209 50.95 3.60 18.78
CA GLY F 209 49.87 2.80 18.29
C GLY F 209 49.27 1.97 19.39
N ASP F 210 50.12 1.42 20.24
CA ASP F 210 49.67 0.51 21.30
C ASP F 210 48.89 1.17 22.46
N ARG F 211 48.91 2.50 22.55
CA ARG F 211 48.22 3.25 23.62
C ARG F 211 46.91 3.83 23.12
N ILE F 212 46.62 3.69 21.84
CA ILE F 212 45.47 4.35 21.25
C ILE F 212 44.21 3.51 21.39
N ALA F 213 43.21 4.05 22.10
CA ALA F 213 41.91 3.40 22.22
C ALA F 213 41.11 3.49 20.93
N ALA F 214 41.13 4.66 20.29
CA ALA F 214 40.37 4.88 19.07
C ALA F 214 40.90 6.00 18.19
N VAL F 215 40.70 5.84 16.89
CA VAL F 215 40.83 6.95 15.97
C VAL F 215 39.41 7.27 15.52
N ILE F 216 38.95 8.48 15.78
CA ILE F 216 37.66 8.91 15.28
C ILE F 216 37.89 9.85 14.10
N VAL F 217 37.04 9.72 13.09
CA VAL F 217 37.23 10.42 11.82
C VAL F 217 35.92 10.57 11.04
N GLU F 218 35.76 11.73 10.39
CA GLU F 218 34.74 11.95 9.34
C GLU F 218 35.30 11.37 8.04
N PRO F 219 34.76 10.23 7.56
CA PRO F 219 35.44 9.57 6.46
C PRO F 219 35.50 10.49 5.25
N VAL F 220 34.47 11.29 5.08
CA VAL F 220 34.57 12.50 4.27
C VAL F 220 34.45 13.65 5.23
N LEU F 221 35.40 14.56 5.19
CA LEU F 221 35.34 15.74 6.04
C LEU F 221 34.28 16.66 5.48
N ALA F 222 33.16 16.78 6.18
CA ALA F 222 32.05 17.65 5.73
C ALA F 222 31.91 18.99 6.50
N ASN F 223 32.33 19.06 7.77
CA ASN F 223 32.20 20.28 8.58
C ASN F 223 33.37 21.28 8.39
N ALA F 224 34.11 21.13 7.31
CA ALA F 224 35.19 22.06 6.99
C ALA F 224 35.55 21.87 5.53
N GLY F 225 34.62 22.30 4.67
CA GLY F 225 34.69 22.03 3.24
C GLY F 225 34.24 20.61 3.14
N VAL F 226 34.19 20.07 1.94
CA VAL F 226 33.82 18.69 1.78
C VAL F 226 35.06 18.03 1.23
N ILE F 227 36.08 17.86 2.08
CA ILE F 227 37.35 17.29 1.66
C ILE F 227 37.31 15.75 1.77
N PRO F 228 37.24 15.07 0.62
CA PRO F 228 37.22 13.62 0.68
C PRO F 228 38.58 13.11 1.14
N PRO F 229 38.63 11.85 1.56
CA PRO F 229 39.93 11.30 1.89
C PRO F 229 40.83 11.10 0.62
N ALA F 230 42.12 11.36 0.75
CA ALA F 230 43.07 11.14 -0.32
C ALA F 230 43.12 9.66 -0.65
N PRO F 231 43.46 9.33 -1.91
CA PRO F 231 43.59 7.94 -2.33
C PRO F 231 44.44 7.14 -1.35
N GLY F 232 43.89 6.05 -0.83
CA GLY F 232 44.58 5.18 0.13
C GLY F 232 44.61 5.59 1.61
N PHE F 233 44.06 6.75 1.95
CA PHE F 233 44.15 7.23 3.34
C PHE F 233 43.29 6.42 4.32
N LEU F 234 42.03 6.18 3.97
CA LEU F 234 41.18 5.33 4.83
C LEU F 234 41.72 3.92 4.92
N GLN F 235 42.28 3.42 3.83
CA GLN F 235 42.84 2.08 3.82
C GLN F 235 43.98 2.02 4.83
N LEU F 236 44.81 3.05 4.78
CA LEU F 236 45.93 3.18 5.68
C LEU F 236 45.48 3.25 7.14
N LEU F 237 44.41 4.00 7.41
CA LEU F 237 43.86 4.12 8.77
C LEU F 237 43.42 2.78 9.30
N ARG F 238 42.67 2.04 8.47
CA ARG F 238 42.19 0.72 8.79
C ARG F 238 43.34 -0.24 9.10
N GLU F 239 44.44 -0.11 8.36
CA GLU F 239 45.56 -1.01 8.55
C GLU F 239 46.27 -0.70 9.87
N LEU F 240 46.53 0.57 10.11
CA LEU F 240 47.27 0.96 11.31
C LEU F 240 46.47 0.65 12.56
N THR F 241 45.20 1.05 12.57
CA THR F 241 44.34 0.77 13.72
C THR F 241 44.27 -0.73 13.97
N GLY F 242 44.13 -1.53 12.90
CA GLY F 242 43.97 -2.99 13.05
C GLY F 242 45.22 -3.63 13.61
N ARG F 243 46.34 -3.22 13.08
CA ARG F 243 47.64 -3.69 13.51
C ARG F 243 47.92 -3.35 14.99
N SER F 244 47.47 -2.18 15.43
CA SER F 244 47.72 -1.71 16.77
C SER F 244 46.66 -2.08 17.82
N GLY F 245 45.51 -2.59 17.39
CA GLY F 245 44.41 -2.94 18.28
C GLY F 245 43.61 -1.73 18.72
N ALA F 246 43.71 -0.64 17.95
CA ALA F 246 42.88 0.56 18.16
C ALA F 246 41.61 0.43 17.39
N MET F 247 40.50 0.87 17.98
CA MET F 247 39.20 0.81 17.28
C MET F 247 39.11 1.96 16.30
N LEU F 248 38.70 1.66 15.07
CA LEU F 248 38.48 2.70 14.06
C LEU F 248 37.01 3.07 14.14
N VAL F 249 36.76 4.36 14.41
CA VAL F 249 35.40 4.87 14.55
C VAL F 249 35.11 5.83 13.39
N PHE F 250 34.21 5.45 12.51
CA PHE F 250 33.75 6.38 11.43
C PHE F 250 32.56 7.13 11.96
N ASP F 251 32.71 8.46 12.03
CA ASP F 251 31.60 9.33 12.37
C ASP F 251 30.86 9.59 11.08
N GLU F 252 29.80 8.84 10.85
CA GLU F 252 29.02 8.95 9.64
C GLU F 252 27.72 9.67 9.91
N VAL F 253 27.72 10.55 10.91
CA VAL F 253 26.55 11.32 11.25
C VAL F 253 26.06 12.04 9.99
N ILE F 254 26.98 12.58 9.21
CA ILE F 254 26.64 13.25 7.96
C ILE F 254 26.68 12.29 6.78
N THR F 255 27.75 11.52 6.63
CA THR F 255 27.91 10.68 5.43
C THR F 255 26.99 9.45 5.32
N GLY F 256 26.51 8.95 6.45
CA GLY F 256 25.69 7.75 6.46
C GLY F 256 24.38 7.95 5.74
N PHE F 257 24.04 6.99 4.89
CA PHE F 257 22.86 7.05 4.03
C PHE F 257 22.81 8.29 3.15
N ARG F 258 23.97 8.92 2.90
CA ARG F 258 24.03 10.18 2.14
C ARG F 258 24.93 10.04 0.93
N VAL F 259 26.20 9.71 1.16
CA VAL F 259 27.16 9.53 0.06
C VAL F 259 26.95 8.21 -0.70
N ALA F 260 26.23 7.29 -0.07
CA ALA F 260 25.87 5.98 -0.61
C ALA F 260 24.86 5.38 0.37
N ARG F 261 24.22 4.28 -0.01
CA ARG F 261 23.24 3.66 0.86
C ARG F 261 23.89 3.20 2.19
N GLY F 262 25.08 2.59 2.07
CA GLY F 262 25.84 2.16 3.21
C GLY F 262 26.91 3.15 3.62
N GLY F 263 26.71 4.41 3.33
CA GLY F 263 27.63 5.46 3.73
C GLY F 263 29.02 5.40 3.07
N ALA F 264 29.99 6.11 3.67
CA ALA F 264 31.35 6.18 3.16
C ALA F 264 32.07 4.84 3.29
N GLN F 265 31.73 4.11 4.35
CA GLN F 265 32.05 2.69 4.48
C GLN F 265 31.98 1.91 3.16
N GLU F 266 30.80 1.96 2.54
CA GLU F 266 30.47 1.22 1.32
C GLU F 266 31.12 1.90 0.13
N ARG F 267 30.97 3.21 0.05
CA ARG F 267 31.49 3.94 -1.07
C ARG F 267 32.97 3.73 -1.25
N TYR F 268 33.74 3.70 -0.16
CA TYR F 268 35.20 3.63 -0.27
C TYR F 268 35.73 2.25 0.06
N GLY F 269 34.85 1.31 0.38
CA GLY F 269 35.26 -0.07 0.65
C GLY F 269 36.19 -0.25 1.84
N VAL F 270 35.94 0.48 2.93
CA VAL F 270 36.71 0.32 4.16
C VAL F 270 35.75 0.22 5.31
N GLU F 271 35.91 -0.81 6.13
CA GLU F 271 35.02 -1.05 7.23
C GLU F 271 35.66 -0.70 8.58
N PRO F 272 34.99 0.16 9.37
CA PRO F 272 35.47 0.52 10.70
C PRO F 272 34.98 -0.45 11.74
N ASP F 273 35.51 -0.31 12.96
CA ASP F 273 35.06 -1.10 14.10
C ASP F 273 33.75 -0.60 14.68
N LEU F 274 33.60 0.72 14.77
CA LEU F 274 32.35 1.33 15.23
C LEU F 274 31.91 2.35 14.20
N THR F 275 30.60 2.56 14.09
CA THR F 275 30.06 3.57 13.18
C THR F 275 29.10 4.41 13.99
N VAL F 276 29.17 5.74 13.86
CA VAL F 276 28.14 6.62 14.43
C VAL F 276 27.21 7.13 13.32
N LEU F 277 25.90 7.10 13.58
CA LEU F 277 24.89 7.48 12.61
C LEU F 277 23.87 8.44 13.22
N SER F 278 23.28 9.26 12.38
CA SER F 278 22.19 10.19 12.77
C SER F 278 21.62 10.82 11.48
N ARG F 279 21.01 11.98 11.57
CA ARG F 279 20.65 12.82 10.39
C ARG F 279 19.70 12.17 9.40
N VAL F 280 20.23 11.57 8.32
CA VAL F 280 19.38 10.96 7.31
C VAL F 280 18.61 9.81 7.92
N MET F 281 19.25 9.10 8.85
CA MET F 281 18.66 7.93 9.49
C MET F 281 17.27 8.20 10.04
N GLY F 282 17.09 9.32 10.74
CA GLY F 282 15.77 9.65 11.30
C GLY F 282 14.95 10.72 10.55
N GLY F 283 15.41 11.15 9.38
CA GLY F 283 14.75 12.18 8.57
C GLY F 283 14.45 13.50 9.23
N GLY F 284 15.31 13.92 10.16
CA GLY F 284 15.08 15.11 10.94
C GLY F 284 14.50 14.93 12.35
N PHE F 285 14.05 13.72 12.71
CA PHE F 285 13.63 13.44 14.09
C PHE F 285 14.90 13.35 14.93
N PRO F 286 14.89 13.90 16.16
CA PRO F 286 16.13 13.77 16.96
C PRO F 286 16.43 12.31 17.34
N VAL F 287 17.38 11.72 16.62
CA VAL F 287 17.78 10.33 16.84
C VAL F 287 19.17 10.08 16.25
N ALA F 288 19.93 9.20 16.90
CA ALA F 288 21.24 8.82 16.47
C ALA F 288 21.47 7.40 16.92
N ALA F 289 22.56 6.80 16.45
CA ALA F 289 22.95 5.48 16.87
C ALA F 289 24.44 5.30 16.73
N PHE F 290 24.99 4.35 17.48
CA PHE F 290 26.34 3.88 17.16
C PHE F 290 26.31 2.36 17.23
N GLY F 291 27.14 1.73 16.43
CA GLY F 291 27.14 0.28 16.39
C GLY F 291 28.37 -0.27 15.69
N GLY F 292 28.47 -1.58 15.69
CA GLY F 292 29.50 -2.28 14.95
C GLY F 292 29.16 -3.76 14.87
N ARG F 293 30.16 -4.58 14.53
CA ARG F 293 29.95 -6.02 14.54
C ARG F 293 29.87 -6.50 15.98
N ARG F 294 29.47 -7.74 16.15
CA ARG F 294 29.25 -8.25 17.49
C ARG F 294 30.47 -8.13 18.37
N HIS F 295 31.64 -8.37 17.80
CA HIS F 295 32.85 -8.37 18.59
C HIS F 295 33.03 -6.98 19.19
N ALA F 296 33.01 -5.98 18.35
CA ALA F 296 33.20 -4.59 18.80
C ALA F 296 32.15 -4.12 19.80
N MET F 297 30.95 -4.67 19.71
CA MET F 297 29.84 -4.30 20.58
C MET F 297 29.68 -5.20 21.80
N ARG F 298 30.65 -6.07 22.06
CA ARG F 298 30.51 -7.15 23.09
C ARG F 298 30.29 -6.62 24.53
N MET F 299 30.89 -5.50 24.89
CA MET F 299 30.70 -4.97 26.26
C MET F 299 29.35 -4.32 26.47
N LEU F 300 28.67 -3.98 25.39
CA LEU F 300 27.28 -3.52 25.48
C LEU F 300 26.28 -4.67 25.42
N ALA F 301 26.65 -5.77 24.75
CA ALA F 301 25.78 -6.98 24.70
C ALA F 301 25.69 -7.59 26.10
N SER F 302 26.77 -7.46 26.87
CA SER F 302 26.83 -7.95 28.25
C SER F 302 26.36 -6.89 29.27
N ASN F 303 26.03 -5.70 28.80
CA ASN F 303 25.63 -4.56 29.66
C ASN F 303 26.66 -4.18 30.73
N GLU F 304 27.93 -4.41 30.41
CA GLU F 304 29.04 -4.09 31.29
C GLU F 304 29.46 -2.67 30.98
N ALA F 305 29.52 -2.31 29.69
CA ALA F 305 29.77 -0.90 29.30
C ALA F 305 28.49 -0.07 29.38
N HIS F 306 28.64 1.24 29.22
CA HIS F 306 27.55 2.17 29.54
C HIS F 306 27.02 2.93 28.33
N HIS F 307 25.71 3.09 28.32
CA HIS F 307 25.06 4.13 27.56
C HIS F 307 23.73 4.38 28.24
N ALA F 308 23.16 5.58 28.07
CA ALA F 308 21.94 5.90 28.79
C ALA F 308 21.18 7.00 28.09
N GLY F 309 20.12 7.44 28.74
CA GLY F 309 19.26 8.48 28.23
C GLY F 309 17.83 7.97 28.16
N VAL F 310 16.94 8.54 28.94
CA VAL F 310 15.58 8.07 29.06
C VAL F 310 14.86 8.05 27.70
N TYR F 311 15.16 9.00 26.82
CA TYR F 311 14.55 9.08 25.50
C TYR F 311 15.26 8.22 24.45
N ALA F 312 16.40 7.62 24.79
CA ALA F 312 17.16 6.86 23.81
C ALA F 312 16.33 5.71 23.27
N GLY F 313 16.23 5.63 21.96
CA GLY F 313 15.47 4.57 21.30
C GLY F 313 13.98 4.63 21.57
N ASN F 314 13.42 5.82 21.78
CA ASN F 314 11.97 5.93 21.98
C ASN F 314 11.20 5.52 20.71
N HIS F 315 9.93 5.24 20.87
CA HIS F 315 9.18 4.56 19.80
C HIS F 315 8.96 5.48 18.59
N ALA F 316 8.71 6.76 18.84
CA ALA F 316 8.60 7.72 17.75
C ALA F 316 9.89 7.78 16.97
N ALA F 317 11.01 7.93 17.66
CA ALA F 317 12.32 8.00 16.99
C ALA F 317 12.55 6.78 16.12
N LEU F 318 12.28 5.59 16.66
CA LEU F 318 12.54 4.35 15.91
C LEU F 318 11.54 4.15 14.79
N ARG F 319 10.32 4.66 14.96
CA ARG F 319 9.35 4.66 13.86
C ARG F 319 9.91 5.51 12.71
N ALA F 320 10.51 6.64 13.05
CA ALA F 320 11.13 7.48 12.03
C ALA F 320 12.29 6.76 11.31
N VAL F 321 13.10 6.00 12.05
CA VAL F 321 14.19 5.25 11.46
C VAL F 321 13.62 4.20 10.51
N VAL F 322 12.61 3.49 10.96
CA VAL F 322 11.98 2.42 10.16
C VAL F 322 11.37 2.98 8.87
N ALA F 323 10.66 4.09 8.99
CA ALA F 323 10.01 4.70 7.81
C ALA F 323 11.06 5.25 6.84
N MET F 324 12.08 5.90 7.39
CA MET F 324 13.08 6.52 6.54
C MET F 324 13.97 5.48 5.85
N LEU F 325 14.50 4.55 6.62
CA LEU F 325 15.40 3.56 6.05
C LEU F 325 14.62 2.58 5.18
N GLY F 326 13.36 2.32 5.54
CA GLY F 326 12.46 1.55 4.71
C GLY F 326 12.29 2.21 3.35
N LYS F 327 12.00 3.50 3.37
CA LYS F 327 11.84 4.25 2.14
C LYS F 327 13.10 4.19 1.26
N ILE F 328 14.26 4.46 1.86
CA ILE F 328 15.54 4.44 1.14
C ILE F 328 15.81 3.05 0.51
N ARG F 329 15.56 2.02 1.30
CA ARG F 329 15.74 0.66 0.86
C ARG F 329 14.89 0.31 -0.36
N SER F 330 13.68 0.87 -0.40
CA SER F 330 12.73 0.60 -1.50
C SER F 330 13.10 1.32 -2.80
N LEU F 331 14.14 2.16 -2.78
CA LEU F 331 14.53 3.01 -3.90
C LEU F 331 15.96 2.66 -4.30
N PRO F 332 16.13 1.57 -5.05
CA PRO F 332 17.47 1.08 -5.32
C PRO F 332 18.33 1.97 -6.23
N ASP F 333 17.71 2.88 -7.00
CA ASP F 333 18.48 3.82 -7.84
C ASP F 333 18.54 5.23 -7.26
N LEU F 334 18.23 5.39 -5.99
CA LEU F 334 18.19 6.69 -5.36
C LEU F 334 19.53 7.39 -5.47
N TYR F 335 20.58 6.68 -5.10
CA TYR F 335 21.91 7.29 -4.98
C TYR F 335 22.48 7.65 -6.34
N GLU F 336 22.01 6.97 -7.38
CA GLU F 336 22.34 7.34 -8.77
C GLU F 336 21.65 8.66 -9.21
N ARG F 337 20.39 8.82 -8.83
CA ARG F 337 19.67 10.06 -9.10
C ARG F 337 20.17 11.23 -8.26
N LEU F 338 20.52 10.97 -6.99
CA LEU F 338 21.14 11.99 -6.13
C LEU F 338 22.48 12.45 -6.71
N GLU F 339 23.23 11.53 -7.28
CA GLU F 339 24.49 11.87 -7.98
C GLU F 339 24.26 12.80 -9.18
N ASP F 340 23.21 12.55 -9.96
CA ASP F 340 22.85 13.43 -11.09
C ASP F 340 22.48 14.82 -10.60
N THR F 341 21.69 14.87 -9.54
CA THR F 341 21.31 16.14 -8.92
C THR F 341 22.53 16.94 -8.53
N GLY F 342 23.47 16.30 -7.87
CA GLY F 342 24.71 16.98 -7.44
C GLY F 342 25.59 17.41 -8.60
N GLN F 343 25.69 16.55 -9.61
CA GLN F 343 26.50 16.88 -10.80
C GLN F 343 25.91 18.10 -11.49
N TYR F 344 24.58 18.12 -11.63
CA TYR F 344 23.94 19.25 -12.27
C TYR F 344 24.15 20.54 -11.47
N MET F 345 24.09 20.47 -10.14
CA MET F 345 24.29 21.66 -9.32
C MET F 345 25.73 22.09 -9.49
N GLU F 346 26.64 21.13 -9.38
CA GLU F 346 28.06 21.43 -9.54
C GLU F 346 28.34 22.11 -10.88
N ASP F 347 27.89 21.53 -11.98
CA ASP F 347 28.16 22.09 -13.32
C ASP F 347 27.58 23.52 -13.44
N THR F 348 26.34 23.68 -12.98
CA THR F 348 25.64 24.97 -13.05
C THR F 348 26.37 26.06 -12.28
N VAL F 349 26.77 25.75 -11.05
CA VAL F 349 27.43 26.73 -10.22
C VAL F 349 28.80 27.08 -10.78
N ARG F 350 29.54 26.09 -11.29
CA ARG F 350 30.83 26.36 -11.97
C ARG F 350 30.68 27.35 -13.16
N GLU F 351 29.68 27.13 -14.00
CA GLU F 351 29.42 28.04 -15.12
C GLU F 351 29.11 29.45 -14.62
N VAL F 352 28.24 29.58 -13.63
CA VAL F 352 27.85 30.90 -13.13
C VAL F 352 29.06 31.69 -12.60
N PHE F 353 29.95 31.02 -11.88
CA PHE F 353 31.18 31.67 -11.37
C PHE F 353 32.22 31.94 -12.47
N ALA F 354 32.34 31.01 -13.42
CA ALA F 354 33.25 31.18 -14.57
C ALA F 354 32.83 32.38 -15.44
N THR F 355 31.56 32.42 -15.83
CA THR F 355 31.00 33.54 -16.59
C THR F 355 31.24 34.90 -15.90
N GLU F 356 31.14 34.94 -14.58
CA GLU F 356 31.40 36.15 -13.80
C GLU F 356 32.88 36.36 -13.51
N LYS F 357 33.71 35.40 -13.89
CA LYS F 357 35.16 35.47 -13.64
C LYS F 357 35.50 35.61 -12.15
N ARG F 358 34.75 34.90 -11.30
CA ARG F 358 35.03 34.80 -9.87
C ARG F 358 35.64 33.45 -9.62
N PRO F 359 36.89 33.42 -9.16
CA PRO F 359 37.41 32.10 -8.81
C PRO F 359 36.65 31.48 -7.63
N VAL F 360 36.45 30.17 -7.70
CA VAL F 360 35.67 29.44 -6.73
C VAL F 360 36.29 28.06 -6.52
N HIS F 361 36.24 27.55 -5.30
CA HIS F 361 36.54 26.15 -5.06
C HIS F 361 35.25 25.41 -4.72
N ILE F 362 35.04 24.28 -5.38
CA ILE F 362 33.86 23.44 -5.18
C ILE F 362 34.31 21.99 -5.00
N ASN F 363 33.98 21.38 -3.87
CA ASN F 363 34.17 19.93 -3.69
C ASN F 363 32.81 19.25 -3.56
N ARG F 364 32.66 18.05 -4.11
CA ARG F 364 31.40 17.36 -4.03
C ARG F 364 31.55 15.87 -3.82
N VAL F 365 30.71 15.32 -2.96
CA VAL F 365 30.58 13.89 -2.84
C VAL F 365 29.08 13.65 -2.75
N GLY F 366 28.51 13.27 -3.90
CA GLY F 366 27.08 13.06 -4.04
C GLY F 366 26.39 14.37 -3.87
N THR F 367 25.47 14.42 -2.91
CA THR F 367 24.68 15.61 -2.63
C THR F 367 25.28 16.44 -1.52
N LEU F 368 26.47 16.06 -1.08
CA LEU F 368 27.23 16.82 -0.10
C LEU F 368 28.15 17.68 -0.94
N MET F 369 28.16 18.98 -0.67
CA MET F 369 28.79 19.92 -1.55
C MET F 369 29.29 21.17 -0.84
N SER F 370 30.52 21.56 -1.15
CA SER F 370 31.11 22.79 -0.64
C SER F 370 31.35 23.78 -1.78
N VAL F 371 31.04 25.06 -1.55
CA VAL F 371 31.20 26.13 -2.52
C VAL F 371 31.81 27.33 -1.82
N ALA F 372 33.05 27.65 -2.16
CA ALA F 372 33.80 28.73 -1.52
C ALA F 372 34.40 29.68 -2.56
N LEU F 373 34.20 30.97 -2.31
CA LEU F 373 34.70 32.05 -3.14
C LEU F 373 36.17 32.26 -2.76
N LEU F 374 37.06 32.28 -3.75
CA LEU F 374 38.50 32.37 -3.50
C LEU F 374 39.08 33.80 -3.57
N LYS F 375 40.20 34.03 -2.90
CA LYS F 375 40.92 35.32 -2.97
C LYS F 375 41.42 35.56 -4.38
N GLU F 383 44.23 21.81 -5.28
CA GLU F 383 43.37 20.89 -4.54
C GLU F 383 43.85 20.71 -3.09
N PRO F 384 43.37 21.57 -2.19
CA PRO F 384 43.73 21.42 -0.79
C PRO F 384 43.30 20.06 -0.23
N ARG F 385 44.16 19.47 0.60
CA ARG F 385 43.91 18.15 1.16
C ARG F 385 43.45 18.23 2.61
N ASP F 386 43.46 19.44 3.19
CA ASP F 386 43.03 19.61 4.58
C ASP F 386 42.50 21.01 4.83
N LEU F 387 41.98 21.22 6.03
CA LEU F 387 41.36 22.48 6.45
C LEU F 387 42.25 23.72 6.29
N ARG F 388 43.50 23.64 6.69
CA ARG F 388 44.43 24.78 6.54
C ARG F 388 44.67 25.18 5.09
N GLN F 389 44.98 24.19 4.25
CA GLN F 389 45.21 24.44 2.85
C GLN F 389 43.98 25.08 2.20
N LEU F 390 42.78 24.62 2.54
CA LEU F 390 41.53 25.16 1.93
C LEU F 390 41.19 26.54 2.46
N ALA F 391 41.24 26.70 3.77
CA ALA F 391 40.93 28.00 4.39
C ALA F 391 41.80 29.11 3.83
N ALA F 392 43.04 28.78 3.47
CA ALA F 392 44.00 29.80 3.01
C ALA F 392 43.64 30.35 1.64
N LEU F 393 42.96 29.57 0.80
CA LEU F 393 42.54 30.03 -0.52
C LEU F 393 41.28 30.91 -0.49
N VAL F 394 40.57 30.91 0.63
CA VAL F 394 39.18 31.38 0.68
C VAL F 394 39.07 32.83 1.12
N ASP F 395 38.16 33.55 0.48
CA ASP F 395 37.89 34.94 0.83
C ASP F 395 36.63 34.99 1.69
N PHE F 396 36.81 34.87 3.00
CA PHE F 396 35.67 34.76 3.93
C PHE F 396 34.75 35.99 3.98
N PRO F 397 35.30 37.20 4.07
CA PRO F 397 34.41 38.37 4.06
C PRO F 397 33.56 38.48 2.79
N ARG F 398 34.13 38.18 1.63
CA ARG F 398 33.35 38.21 0.39
C ARG F 398 32.31 37.12 0.37
N HIS F 399 32.65 35.91 0.84
CA HIS F 399 31.64 34.85 0.87
C HIS F 399 30.46 35.23 1.76
N ARG F 400 30.74 35.74 2.96
CA ARG F 400 29.67 36.26 3.85
C ARG F 400 28.79 37.28 3.13
N ARG F 401 29.44 38.16 2.38
CA ARG F 401 28.73 39.21 1.67
C ARG F 401 27.85 38.56 0.59
N LEU F 402 28.41 37.61 -0.14
CA LEU F 402 27.67 36.85 -1.14
C LEU F 402 26.43 36.15 -0.57
N GLN F 403 26.50 35.59 0.63
CA GLN F 403 25.34 34.87 1.13
C GLN F 403 24.20 35.81 1.59
N THR F 404 24.51 37.00 2.13
CA THR F 404 23.50 38.04 2.36
C THR F 404 22.76 38.40 1.06
N LEU F 405 23.53 38.56 -0.02
CA LEU F 405 22.96 38.92 -1.32
C LEU F 405 22.11 37.80 -1.88
N ALA F 406 22.62 36.57 -1.75
CA ALA F 406 21.88 35.38 -2.21
C ALA F 406 20.60 35.22 -1.44
N GLN F 407 20.68 35.43 -0.14
CA GLN F 407 19.49 35.30 0.72
C GLN F 407 18.40 36.27 0.29
N LYS F 408 18.78 37.50 0.00
CA LYS F 408 17.85 38.49 -0.55
C LYS F 408 17.29 38.09 -1.91
N GLU F 409 18.10 37.43 -2.75
CA GLU F 409 17.59 36.86 -3.99
C GLU F 409 16.74 35.58 -3.79
N GLY F 410 16.58 35.12 -2.55
CA GLY F 410 15.74 33.96 -2.27
C GLY F 410 16.45 32.60 -2.29
N VAL F 411 17.74 32.59 -1.96
CA VAL F 411 18.51 31.35 -1.83
C VAL F 411 19.29 31.44 -0.52
N TYR F 412 19.11 30.46 0.36
CA TYR F 412 19.83 30.41 1.62
C TYR F 412 20.90 29.32 1.64
N PHE F 413 22.14 29.74 1.92
CA PHE F 413 23.18 28.81 2.33
C PHE F 413 23.90 29.46 3.52
N HIS F 414 24.69 28.68 4.26
CA HIS F 414 25.38 29.19 5.45
C HIS F 414 26.45 30.20 5.02
N PRO F 415 26.58 31.32 5.75
CA PRO F 415 27.59 32.34 5.42
C PRO F 415 29.06 31.96 5.46
N ASN F 416 29.41 30.96 6.23
CA ASN F 416 30.77 30.47 6.30
C ASN F 416 31.03 29.54 5.12
N ALA F 417 32.05 29.85 4.34
CA ALA F 417 32.30 29.13 3.10
C ALA F 417 32.58 27.66 3.34
N LEU F 418 33.12 27.32 4.52
CA LEU F 418 33.47 25.95 4.83
C LEU F 418 32.27 25.09 5.26
N GLU F 419 31.11 25.68 5.44
CA GLU F 419 29.90 24.92 5.79
C GLU F 419 29.21 24.39 4.53
N PRO F 420 29.02 23.09 4.43
CA PRO F 420 28.52 22.52 3.19
C PRO F 420 27.04 22.81 2.87
N TRP F 421 26.71 22.63 1.59
CA TRP F 421 25.34 22.51 1.09
C TRP F 421 24.90 21.05 1.17
N PHE F 422 23.63 20.84 1.51
CA PHE F 422 23.04 19.49 1.61
C PHE F 422 21.86 19.31 0.63
N LEU F 423 22.15 18.90 -0.61
CA LEU F 423 21.09 18.79 -1.62
C LEU F 423 20.16 17.61 -1.34
N SER F 424 18.99 17.63 -1.97
CA SER F 424 17.93 16.67 -1.71
C SER F 424 17.21 16.37 -3.04
N THR F 425 16.32 15.37 -3.03
CA THR F 425 15.58 15.02 -4.24
C THR F 425 14.59 16.13 -4.61
N ALA F 426 14.30 17.04 -3.69
CA ALA F 426 13.47 18.19 -3.98
C ALA F 426 14.21 19.27 -4.76
N HIS F 427 15.53 19.17 -4.85
CA HIS F 427 16.32 20.11 -5.66
C HIS F 427 16.36 19.58 -7.09
N THR F 428 15.24 19.75 -7.78
CA THR F 428 15.06 19.33 -9.17
C THR F 428 15.88 20.22 -10.12
N ARG F 429 15.88 19.90 -11.40
CA ARG F 429 16.53 20.77 -12.41
C ARG F 429 16.01 22.20 -12.40
N ASP F 430 14.70 22.37 -12.29
CA ASP F 430 14.16 23.71 -12.34
C ASP F 430 14.62 24.54 -11.14
N VAL F 431 14.62 23.93 -9.96
CA VAL F 431 15.09 24.59 -8.73
C VAL F 431 16.52 25.06 -8.90
N ILE F 432 17.35 24.16 -9.40
CA ILE F 432 18.78 24.44 -9.59
C ILE F 432 18.98 25.54 -10.63
N ASP F 433 18.15 25.54 -11.69
CA ASP F 433 18.15 26.66 -12.65
C ASP F 433 17.79 27.99 -11.96
N LYS F 434 16.78 28.00 -11.09
CA LYS F 434 16.51 29.22 -10.28
C LYS F 434 17.68 29.60 -9.37
N VAL F 435 18.35 28.61 -8.79
CA VAL F 435 19.50 28.90 -7.93
C VAL F 435 20.57 29.62 -8.73
N ALA F 436 20.83 29.10 -9.93
CA ALA F 436 21.81 29.68 -10.84
C ALA F 436 21.55 31.17 -11.04
N GLY F 437 20.33 31.49 -11.42
CA GLY F 437 19.93 32.89 -11.61
C GLY F 437 20.19 33.71 -10.36
N ALA F 438 19.79 33.17 -9.20
CA ALA F 438 19.94 33.89 -7.95
C ALA F 438 21.41 34.12 -7.60
N LEU F 439 22.27 33.13 -7.87
CA LEU F 439 23.72 33.28 -7.62
C LEU F 439 24.40 34.25 -8.58
N GLN F 440 23.98 34.20 -9.85
CA GLN F 440 24.41 35.17 -10.87
C GLN F 440 24.11 36.60 -10.43
N ARG F 441 22.86 36.84 -10.08
CA ARG F 441 22.44 38.17 -9.65
C ARG F 441 23.22 38.65 -8.42
N SER F 442 23.47 37.73 -7.49
CA SER F 442 24.18 38.07 -6.25
C SER F 442 25.65 38.40 -6.50
N LEU F 443 26.27 37.68 -7.43
CA LEU F 443 27.67 37.96 -7.77
C LEU F 443 27.82 39.33 -8.43
N VAL F 444 26.85 39.70 -9.24
CA VAL F 444 26.91 41.00 -9.91
C VAL F 444 26.86 42.15 -8.88
N GLY F 445 26.16 41.93 -7.75
CA GLY F 445 26.13 42.90 -6.65
C GLY F 445 27.32 42.88 -5.70
N LEU F 446 28.28 41.99 -5.96
CA LEU F 446 29.43 41.84 -5.09
C LEU F 446 30.45 42.96 -5.32
#